data_8XP8
# 
_entry.id   8XP8 
# 
_audit_conform.dict_name       mmcif_pdbx.dic 
_audit_conform.dict_version    5.395 
_audit_conform.dict_location   http://mmcif.pdb.org/dictionaries/ascii/mmcif_pdbx.dic 
# 
loop_
_database_2.database_id 
_database_2.database_code 
_database_2.pdbx_database_accession 
_database_2.pdbx_DOI 
PDB   8XP8         pdb_00008xp8 10.2210/pdb8xp8/pdb 
WWPDB D_1300043911 ?            ?                   
# 
loop_
_pdbx_audit_revision_history.ordinal 
_pdbx_audit_revision_history.data_content_type 
_pdbx_audit_revision_history.major_revision 
_pdbx_audit_revision_history.minor_revision 
_pdbx_audit_revision_history.revision_date 
1 'Structure model' 1 0 2024-05-29 
2 'Structure model' 1 1 2024-08-14 
3 'Structure model' 1 2 2024-08-28 
# 
_pdbx_audit_revision_details.ordinal             1 
_pdbx_audit_revision_details.revision_ordinal    1 
_pdbx_audit_revision_details.data_content_type   'Structure model' 
_pdbx_audit_revision_details.provider            repository 
_pdbx_audit_revision_details.type                'Initial release' 
_pdbx_audit_revision_details.description         ? 
_pdbx_audit_revision_details.details             ? 
# 
loop_
_pdbx_audit_revision_group.ordinal 
_pdbx_audit_revision_group.revision_ordinal 
_pdbx_audit_revision_group.data_content_type 
_pdbx_audit_revision_group.group 
1 2 'Structure model' 'Database references' 
2 3 'Structure model' 'Database references' 
# 
loop_
_pdbx_audit_revision_category.ordinal 
_pdbx_audit_revision_category.revision_ordinal 
_pdbx_audit_revision_category.data_content_type 
_pdbx_audit_revision_category.category 
1 2 'Structure model' citation        
2 2 'Structure model' citation_author 
3 3 'Structure model' citation        
4 3 'Structure model' citation_author 
# 
loop_
_pdbx_audit_revision_item.ordinal 
_pdbx_audit_revision_item.revision_ordinal 
_pdbx_audit_revision_item.data_content_type 
_pdbx_audit_revision_item.item 
1  2 'Structure model' '_citation.country'                 
2  2 'Structure model' '_citation.journal_abbrev'          
3  2 'Structure model' '_citation.journal_id_ASTM'         
4  2 'Structure model' '_citation.journal_id_CSD'          
5  2 'Structure model' '_citation.journal_id_ISSN'         
6  2 'Structure model' '_citation.pdbx_database_id_DOI'    
7  2 'Structure model' '_citation.pdbx_database_id_PubMed' 
8  2 'Structure model' '_citation.title'                   
9  2 'Structure model' '_citation.year'                    
10 3 'Structure model' '_citation.journal_volume'          
11 3 'Structure model' '_citation.page_first'              
12 3 'Structure model' '_citation.page_last'               
13 3 'Structure model' '_citation_author.identifier_ORCID' 
# 
_pdbx_database_status.status_code                     REL 
_pdbx_database_status.status_code_sf                  REL 
_pdbx_database_status.status_code_mr                  ? 
_pdbx_database_status.entry_id                        8XP8 
_pdbx_database_status.recvd_initial_deposition_date   2024-01-03 
_pdbx_database_status.SG_entry                        N 
_pdbx_database_status.deposit_site                    PDBJ 
_pdbx_database_status.process_site                    PDBJ 
_pdbx_database_status.status_code_cs                  ? 
_pdbx_database_status.status_code_nmr_data            ? 
_pdbx_database_status.methods_development_category    ? 
_pdbx_database_status.pdb_format_compatible           Y 
# 
_pdbx_contact_author.id                 2 
_pdbx_contact_author.email              mhho@dragon.nchu.edu.tw 
_pdbx_contact_author.name_first         Ming-Hon 
_pdbx_contact_author.name_last          Hou 
_pdbx_contact_author.name_mi            ? 
_pdbx_contact_author.role               'principal investigator/group leader' 
_pdbx_contact_author.identifier_ORCID   0000-0003-4170-1527 
# 
loop_
_audit_author.name 
_audit_author.pdbx_ordinal 
_audit_author.identifier_ORCID 
'Hou, M.H.'  1 0000-0003-4170-1527 
'Lin, S.M.'  2 0000-0001-7813-9000 
'Neidle, H.' 3 0000-0003-0622-6548 
# 
_citation.abstract                  ? 
_citation.abstract_id_CAS           ? 
_citation.book_id_ISBN              ? 
_citation.book_publisher            ? 
_citation.book_publisher_city       ? 
_citation.book_title                ? 
_citation.coordinate_linkage        ? 
_citation.country                   UK 
_citation.database_id_Medline       ? 
_citation.details                   ? 
_citation.id                        primary 
_citation.journal_abbrev            'Nucleic Acids Res.' 
_citation.journal_id_ASTM           NARHAD 
_citation.journal_id_CSD            0389 
_citation.journal_id_ISSN           1362-4962 
_citation.journal_full              ? 
_citation.journal_issue             ? 
_citation.journal_volume            52 
_citation.language                  ? 
_citation.page_first                8566 
_citation.page_last                 8579 
_citation.title                     
'Structural basis of water-mediated cis Watson-Crick/Hoogsteen base-pair formation in non-CpG methylation.' 
_citation.year                      2024 
_citation.database_id_CSD           ? 
_citation.pdbx_database_id_DOI      10.1093/nar/gkae594 
_citation.pdbx_database_id_PubMed   38989613 
_citation.pdbx_database_id_patent   ? 
_citation.unpublished_flag          ? 
# 
loop_
_citation_author.citation_id 
_citation_author.name 
_citation_author.ordinal 
_citation_author.identifier_ORCID 
primary 'Lin, S.M.'   1 ? 
primary 'Huang, H.T.' 2 ? 
primary 'Fang, P.J.'  3 ? 
primary 'Chang, C.F.' 4 ? 
primary 'Satange, R.' 5 ? 
primary 'Chang, C.K.' 6 ? 
primary 'Chou, S.H.'  7 ? 
primary 'Neidle, S.'  8 ? 
primary 'Hou, M.H.'   9 ? 
# 
loop_
_entity.id 
_entity.type 
_entity.src_method 
_entity.pdbx_description 
_entity.formula_weight 
_entity.pdbx_number_of_molecules 
_entity.pdbx_ec 
_entity.pdbx_mutation 
_entity.pdbx_fragment 
_entity.details 
1 polymer     syn 
;DNA (5'-D(P*AP*CP*GP*GP*CP*GP*T)-3')
;
2138.423 1  ? ? ? ? 
2 polymer     syn 
;DNA (5'-D(P*AP*CP*GP*(5CM)P*CP*GP*T)-3')
;
2112.426 1  ? ? ? ? 
3 polymer     nat Echinomycin                                809.008  2  ? ? ? ? 
4 non-polymer syn 'MANGANESE (II) ION'                       54.938   3  ? ? ? ? 
5 non-polymer syn 2-CARBOXYQUINOXALINE                       174.156  4  ? ? ? ? 
6 water       nat water                                      18.015   47 ? ? ? ? 
# 
loop_
_entity_poly.entity_id 
_entity_poly.type 
_entity_poly.nstd_linkage 
_entity_poly.nstd_monomer 
_entity_poly.pdbx_seq_one_letter_code 
_entity_poly.pdbx_seq_one_letter_code_can 
_entity_poly.pdbx_strand_id 
_entity_poly.pdbx_target_identifier 
1 polydeoxyribonucleotide no no  '(DA)(DC)(DG)(DG)(DC)(DG)(DT)'     ACGGCGT  A   ? 
2 polydeoxyribonucleotide no yes '(DA)(DC)(DG)(5CM)(DC)(DG)(DT)'    ACGCCGT  B   ? 
3 'polypeptide(L)'        no yes '(DSN)A(N2C)(MVA)(DSN)A(NCY)(MVA)' SAXVSAXV D,E ? 
# 
loop_
_pdbx_entity_nonpoly.entity_id 
_pdbx_entity_nonpoly.name 
_pdbx_entity_nonpoly.comp_id 
4 'MANGANESE (II) ION' MN  
5 2-CARBOXYQUINOXALINE QUI 
6 water                HOH 
# 
loop_
_entity_poly_seq.entity_id 
_entity_poly_seq.num 
_entity_poly_seq.mon_id 
_entity_poly_seq.hetero 
1 1 DA  n 
1 2 DC  n 
1 3 DG  n 
1 4 DG  n 
1 5 DC  n 
1 6 DG  n 
1 7 DT  n 
2 1 DA  n 
2 2 DC  n 
2 3 DG  n 
2 4 5CM n 
2 5 DC  n 
2 6 DG  n 
2 7 DT  n 
3 1 DSN n 
3 2 ALA n 
3 3 N2C n 
3 4 MVA n 
3 5 DSN n 
3 6 ALA n 
3 7 NCY n 
3 8 MVA n 
# 
_entity_src_nat.entity_id                  3 
_entity_src_nat.pdbx_src_id                1 
_entity_src_nat.pdbx_alt_source_flag       sample 
_entity_src_nat.pdbx_beg_seq_num           1 
_entity_src_nat.pdbx_end_seq_num           8 
_entity_src_nat.common_name                ? 
_entity_src_nat.pdbx_organism_scientific   'Streptomyces echinatus.' 
_entity_src_nat.pdbx_ncbi_taxonomy_id      67293 
_entity_src_nat.genus                      ? 
_entity_src_nat.species                    ? 
_entity_src_nat.strain                     ? 
_entity_src_nat.tissue                     ? 
_entity_src_nat.tissue_fraction            ? 
_entity_src_nat.pdbx_secretion             ? 
_entity_src_nat.pdbx_fragment              ? 
_entity_src_nat.pdbx_variant               ? 
_entity_src_nat.pdbx_cell_line             ? 
_entity_src_nat.pdbx_atcc                  ? 
_entity_src_nat.pdbx_cellular_location     ? 
_entity_src_nat.pdbx_organ                 ? 
_entity_src_nat.pdbx_organelle             ? 
_entity_src_nat.pdbx_cell                  ? 
_entity_src_nat.pdbx_plasmid_name          ? 
_entity_src_nat.pdbx_plasmid_details       ? 
_entity_src_nat.details                    ? 
# 
loop_
_pdbx_entity_src_syn.entity_id 
_pdbx_entity_src_syn.pdbx_src_id 
_pdbx_entity_src_syn.pdbx_alt_source_flag 
_pdbx_entity_src_syn.pdbx_beg_seq_num 
_pdbx_entity_src_syn.pdbx_end_seq_num 
_pdbx_entity_src_syn.organism_scientific 
_pdbx_entity_src_syn.organism_common_name 
_pdbx_entity_src_syn.ncbi_taxonomy_id 
_pdbx_entity_src_syn.details 
1 1 sample 1 7 'synthetic construct' ? 32630 ? 
2 1 sample 1 7 'synthetic construct' ? 32630 ? 
# 
loop_
_chem_comp.id 
_chem_comp.type 
_chem_comp.mon_nstd_flag 
_chem_comp.name 
_chem_comp.pdbx_synonyms 
_chem_comp.formula 
_chem_comp.formula_weight 
5CM 'DNA linking'       n "5-METHYL-2'-DEOXY-CYTIDINE-5'-MONOPHOSPHATE" ? 'C10 H16 N3 O7 P' 321.224 
ALA 'L-peptide linking' y ALANINE                                       ? 'C3 H7 N O2'      89.093  
DA  'DNA linking'       y "2'-DEOXYADENOSINE-5'-MONOPHOSPHATE"          ? 'C10 H14 N5 O6 P' 331.222 
DC  'DNA linking'       y "2'-DEOXYCYTIDINE-5'-MONOPHOSPHATE"           ? 'C9 H14 N3 O7 P'  307.197 
DG  'DNA linking'       y "2'-DEOXYGUANOSINE-5'-MONOPHOSPHATE"          ? 'C10 H14 N5 O7 P' 347.221 
DSN 'D-peptide linking' . D-SERINE                                      ? 'C3 H7 N O3'      105.093 
DT  'DNA linking'       y "THYMIDINE-5'-MONOPHOSPHATE"                  ? 'C10 H15 N2 O8 P' 322.208 
HOH non-polymer         . WATER                                         ? 'H2 O'            18.015  
MN  non-polymer         . 'MANGANESE (II) ION'                          ? 'Mn 2'            54.938  
MVA 'L-peptide linking' n N-METHYLVALINE                                ? 'C6 H13 N O2'     131.173 
N2C 'L-peptide linking' . N,S-DIMETHYLCYSTEINE                          ? 'C5 H11 N O2 S'   149.211 
NCY 'L-peptide linking' . N-METHYLCYSTEINE                              ? 'C4 H9 N O2 S'    135.185 
QUI non-polymer         . 2-CARBOXYQUINOXALINE                          ? 'C9 H6 N2 O2'     174.156 
# 
loop_
_pdbx_poly_seq_scheme.asym_id 
_pdbx_poly_seq_scheme.entity_id 
_pdbx_poly_seq_scheme.seq_id 
_pdbx_poly_seq_scheme.mon_id 
_pdbx_poly_seq_scheme.ndb_seq_num 
_pdbx_poly_seq_scheme.pdb_seq_num 
_pdbx_poly_seq_scheme.auth_seq_num 
_pdbx_poly_seq_scheme.pdb_mon_id 
_pdbx_poly_seq_scheme.auth_mon_id 
_pdbx_poly_seq_scheme.pdb_strand_id 
_pdbx_poly_seq_scheme.pdb_ins_code 
_pdbx_poly_seq_scheme.hetero 
A 1 1 DA  1 1 1 DA  DA  A . n 
A 1 2 DC  2 2 2 DC  DC  A . n 
A 1 3 DG  3 3 3 DG  DG  A . n 
A 1 4 DG  4 4 4 DG  DG  A . n 
A 1 5 DC  5 5 5 DC  DC  A . n 
A 1 6 DG  6 6 6 DG  DG  A . n 
A 1 7 DT  7 7 7 DT  DT  A . n 
B 2 1 DA  1 1 1 DA  DA  B . n 
B 2 2 DC  2 2 2 DC  DC  B . n 
B 2 3 DG  3 3 3 DG  DG  B . n 
B 2 4 5CM 4 4 4 5CM 5MC B . n 
B 2 5 DC  5 5 5 DC  DC  B . n 
B 2 6 DG  6 6 6 DG  DG  B . n 
B 2 7 DT  7 7 7 DT  DT  B . n 
C 3 1 DSN 1 1 8 DSN LIG D . n 
C 3 2 ALA 2 2 8 ALA LIG D . n 
C 3 3 N2C 3 3 8 N2C LIG D . n 
C 3 4 MVA 4 4 8 MVA LIG D . n 
C 3 5 DSN 5 5 8 DSN LIG D . n 
C 3 6 ALA 6 6 8 ALA LIG D . n 
C 3 7 NCY 7 7 8 NCY LIG D . n 
C 3 8 MVA 8 8 8 MVA LIG D . n 
D 3 1 DSN 1 1 9 DSN LIG E . n 
D 3 2 ALA 2 2 9 ALA LIG E . n 
D 3 3 N2C 3 3 9 N2C LIG E . n 
D 3 4 MVA 4 4 9 MVA LIG E . n 
D 3 5 DSN 5 5 9 DSN LIG E . n 
D 3 6 ALA 6 6 9 ALA LIG E . n 
D 3 7 NCY 7 7 9 NCY LIG E . n 
D 3 8 MVA 8 8 9 MVA LIG E . n 
# 
loop_
_pdbx_nonpoly_scheme.asym_id 
_pdbx_nonpoly_scheme.entity_id 
_pdbx_nonpoly_scheme.mon_id 
_pdbx_nonpoly_scheme.ndb_seq_num 
_pdbx_nonpoly_scheme.pdb_seq_num 
_pdbx_nonpoly_scheme.auth_seq_num 
_pdbx_nonpoly_scheme.pdb_mon_id 
_pdbx_nonpoly_scheme.auth_mon_id 
_pdbx_nonpoly_scheme.pdb_strand_id 
_pdbx_nonpoly_scheme.pdb_ins_code 
E 4 MN  1  101 1  MN  MN  A . 
F 4 MN  1  102 2  MN  MN  A . 
G 4 MN  1  101 37 MN  MN  B . 
H 5 QUI 1  101 8  QUI LIG D . 
I 5 QUI 1  102 8  QUI LIG D . 
J 5 QUI 1  101 9  QUI LIG E . 
K 5 QUI 1  102 9  QUI LIG E . 
L 6 HOH 1  201 1  HOH HOH A . 
L 6 HOH 2  202 19 HOH HOH A . 
L 6 HOH 3  203 13 HOH HOH A . 
L 6 HOH 4  204 50 HOH HOH A . 
L 6 HOH 5  205 12 HOH HOH A . 
L 6 HOH 6  206 7  HOH HOH A . 
L 6 HOH 7  207 4  HOH HOH A . 
L 6 HOH 8  208 15 HOH HOH A . 
L 6 HOH 9  209 14 HOH HOH A . 
L 6 HOH 10 210 20 HOH HOH A . 
L 6 HOH 11 211 16 HOH HOH A . 
L 6 HOH 12 212 22 HOH HOH A . 
L 6 HOH 13 213 11 HOH HOH A . 
L 6 HOH 14 214 18 HOH HOH A . 
L 6 HOH 15 215 24 HOH HOH A . 
L 6 HOH 16 216 5  HOH HOH A . 
L 6 HOH 17 217 10 HOH HOH A . 
L 6 HOH 18 218 9  HOH HOH A . 
L 6 HOH 19 219 25 HOH HOH A . 
L 6 HOH 20 220 17 HOH HOH A . 
L 6 HOH 21 221 3  HOH HOH A . 
L 6 HOH 22 222 21 HOH HOH A . 
L 6 HOH 23 223 57 HOH HOH A . 
L 6 HOH 24 224 26 HOH HOH A . 
M 6 HOH 1  201 52 HOH HOH B . 
M 6 HOH 2  202 45 HOH HOH B . 
M 6 HOH 3  203 46 HOH HOH B . 
M 6 HOH 4  204 56 HOH HOH B . 
M 6 HOH 5  205 3  HOH HOH B . 
M 6 HOH 6  206 42 HOH HOH B . 
M 6 HOH 7  207 49 HOH HOH B . 
M 6 HOH 8  208 39 HOH HOH B . 
M 6 HOH 9  209 48 HOH HOH B . 
M 6 HOH 10 210 43 HOH HOH B . 
M 6 HOH 11 211 2  HOH HOH B . 
M 6 HOH 12 212 54 HOH HOH B . 
M 6 HOH 13 213 38 HOH HOH B . 
M 6 HOH 14 214 40 HOH HOH B . 
M 6 HOH 15 215 44 HOH HOH B . 
M 6 HOH 16 216 51 HOH HOH B . 
M 6 HOH 17 217 47 HOH HOH B . 
M 6 HOH 18 218 55 HOH HOH B . 
M 6 HOH 19 219 53 HOH HOH B . 
N 6 HOH 1  201 6  HOH HOH D . 
N 6 HOH 2  202 23 HOH HOH D . 
O 6 HOH 1  201 41 HOH HOH E . 
O 6 HOH 2  202 27 HOH HOH E . 
# 
loop_
_software.citation_id 
_software.classification 
_software.compiler_name 
_software.compiler_version 
_software.contact_author 
_software.contact_author_email 
_software.date 
_software.description 
_software.dependencies 
_software.hardware 
_software.language 
_software.location 
_software.mods 
_software.name 
_software.os 
_software.os_version 
_software.type 
_software.version 
_software.pdbx_ordinal 
? refinement       ? ? ? ? ? ? ? ? ? ? ? PHENIX   ? ? ? '(1.20.1_4487: ???)' 1 
? 'data scaling'   ? ? ? ? ? ? ? ? ? ? ? HKL-2000 ? ? ? .                    2 
? 'data reduction' ? ? ? ? ? ? ? ? ? ? ? HKL-2000 ? ? ? .                    3 
? phasing          ? ? ? ? ? ? ? ? ? ? ? PHENIX   ? ? ? .                    4 
# 
_cell.angle_alpha                  90.00 
_cell.angle_alpha_esd              ? 
_cell.angle_beta                   90.00 
_cell.angle_beta_esd               ? 
_cell.angle_gamma                  120.00 
_cell.angle_gamma_esd              ? 
_cell.entry_id                     8XP8 
_cell.details                      ? 
_cell.formula_units_Z              ? 
_cell.length_a                     46.329 
_cell.length_a_esd                 ? 
_cell.length_b                     46.329 
_cell.length_b_esd                 ? 
_cell.length_c                     47.954 
_cell.length_c_esd                 ? 
_cell.volume                       ? 
_cell.volume_esd                   ? 
_cell.Z_PDB                        12 
_cell.reciprocal_angle_alpha       ? 
_cell.reciprocal_angle_beta        ? 
_cell.reciprocal_angle_gamma       ? 
_cell.reciprocal_angle_alpha_esd   ? 
_cell.reciprocal_angle_beta_esd    ? 
_cell.reciprocal_angle_gamma_esd   ? 
_cell.reciprocal_length_a          ? 
_cell.reciprocal_length_b          ? 
_cell.reciprocal_length_c          ? 
_cell.reciprocal_length_a_esd      ? 
_cell.reciprocal_length_b_esd      ? 
_cell.reciprocal_length_c_esd      ? 
_cell.pdbx_unique_axis             ? 
_cell.pdbx_esd_method              ? 
# 
_symmetry.entry_id                         8XP8 
_symmetry.cell_setting                     ? 
_symmetry.Int_Tables_number                151 
_symmetry.space_group_name_Hall            ? 
_symmetry.space_group_name_H-M             'P 31 1 2' 
_symmetry.pdbx_full_space_group_name_H-M   ? 
# 
_exptl.absorpt_coefficient_mu     ? 
_exptl.absorpt_correction_T_max   ? 
_exptl.absorpt_correction_T_min   ? 
_exptl.absorpt_correction_type    ? 
_exptl.absorpt_process_details    ? 
_exptl.entry_id                   8XP8 
_exptl.crystals_number            1 
_exptl.details                    ? 
_exptl.method                     'X-RAY DIFFRACTION' 
_exptl.method_details             ? 
# 
_exptl_crystal.colour                       ? 
_exptl_crystal.density_diffrn               ? 
_exptl_crystal.density_Matthews             2.52 
_exptl_crystal.density_method               ? 
_exptl_crystal.density_percent_sol          51.28 
_exptl_crystal.description                  ? 
_exptl_crystal.F_000                        ? 
_exptl_crystal.id                           1 
_exptl_crystal.preparation                  ? 
_exptl_crystal.size_max                     ? 
_exptl_crystal.size_mid                     ? 
_exptl_crystal.size_min                     ? 
_exptl_crystal.size_rad                     ? 
_exptl_crystal.colour_lustre                ? 
_exptl_crystal.colour_modifier              ? 
_exptl_crystal.colour_primary               ? 
_exptl_crystal.density_meas                 ? 
_exptl_crystal.density_meas_esd             ? 
_exptl_crystal.density_meas_gt              ? 
_exptl_crystal.density_meas_lt              ? 
_exptl_crystal.density_meas_temp            ? 
_exptl_crystal.density_meas_temp_esd        ? 
_exptl_crystal.density_meas_temp_gt         ? 
_exptl_crystal.density_meas_temp_lt         ? 
_exptl_crystal.pdbx_crystal_image_url       ? 
_exptl_crystal.pdbx_crystal_image_format    ? 
_exptl_crystal.pdbx_mosaicity               ? 
_exptl_crystal.pdbx_mosaicity_esd           ? 
_exptl_crystal.pdbx_mosaic_method           ? 
_exptl_crystal.pdbx_mosaic_block_size       ? 
_exptl_crystal.pdbx_mosaic_block_size_esd   ? 
# 
_exptl_crystal_grow.apparatus       ? 
_exptl_crystal_grow.atmosphere      ? 
_exptl_crystal_grow.crystal_id      1 
_exptl_crystal_grow.details         ? 
_exptl_crystal_grow.method          'VAPOR DIFFUSION, SITTING DROP' 
_exptl_crystal_grow.method_ref      ? 
_exptl_crystal_grow.pH              ? 
_exptl_crystal_grow.pressure        ? 
_exptl_crystal_grow.pressure_esd    ? 
_exptl_crystal_grow.seeding         ? 
_exptl_crystal_grow.seeding_ref     ? 
_exptl_crystal_grow.temp_details    ? 
_exptl_crystal_grow.temp_esd        ? 
_exptl_crystal_grow.time            ? 
_exptl_crystal_grow.pdbx_details    '20mM MES (pH 6), 5mM Spermine HCl, 1.2% PEG 200, 10mM MnCl2' 
_exptl_crystal_grow.pdbx_pH_range   ? 
_exptl_crystal_grow.temp            293.15 
# 
_diffrn.ambient_environment              ? 
_diffrn.ambient_temp                     100 
_diffrn.ambient_temp_details             ? 
_diffrn.ambient_temp_esd                 ? 
_diffrn.crystal_id                       1 
_diffrn.crystal_support                  ? 
_diffrn.crystal_treatment                ? 
_diffrn.details                          ? 
_diffrn.id                               1 
_diffrn.ambient_pressure                 ? 
_diffrn.ambient_pressure_esd             ? 
_diffrn.ambient_pressure_gt              ? 
_diffrn.ambient_pressure_lt              ? 
_diffrn.ambient_temp_gt                  ? 
_diffrn.ambient_temp_lt                  ? 
_diffrn.pdbx_serial_crystal_experiment   N 
# 
_diffrn_detector.details                      ? 
_diffrn_detector.detector                     CCD 
_diffrn_detector.diffrn_id                    1 
_diffrn_detector.type                         'RAYONIX MX300-HS' 
_diffrn_detector.area_resol_mean              ? 
_diffrn_detector.dtime                        ? 
_diffrn_detector.pdbx_frames_total            ? 
_diffrn_detector.pdbx_collection_time_total   ? 
_diffrn_detector.pdbx_collection_date         2021-10-16 
_diffrn_detector.pdbx_frequency               ? 
_diffrn_detector.id                           ? 
_diffrn_detector.number_of_axes               ? 
# 
_diffrn_radiation.collimation                      ? 
_diffrn_radiation.diffrn_id                        1 
_diffrn_radiation.filter_edge                      ? 
_diffrn_radiation.inhomogeneity                    ? 
_diffrn_radiation.monochromator                    ? 
_diffrn_radiation.polarisn_norm                    ? 
_diffrn_radiation.polarisn_ratio                   ? 
_diffrn_radiation.probe                            ? 
_diffrn_radiation.type                             ? 
_diffrn_radiation.xray_symbol                      ? 
_diffrn_radiation.wavelength_id                    1 
_diffrn_radiation.pdbx_monochromatic_or_laue_m_l   M 
_diffrn_radiation.pdbx_wavelength_list             ? 
_diffrn_radiation.pdbx_wavelength                  ? 
_diffrn_radiation.pdbx_diffrn_protocol             'SINGLE WAVELENGTH' 
_diffrn_radiation.pdbx_analyzer                    ? 
_diffrn_radiation.pdbx_scattering_type             x-ray 
# 
_diffrn_radiation_wavelength.id           1 
_diffrn_radiation_wavelength.wavelength   0.99984 
_diffrn_radiation_wavelength.wt           1.0 
# 
_diffrn_source.current                     ? 
_diffrn_source.details                     ? 
_diffrn_source.diffrn_id                   1 
_diffrn_source.power                       ? 
_diffrn_source.size                        ? 
_diffrn_source.source                      SYNCHROTRON 
_diffrn_source.target                      ? 
_diffrn_source.type                        'NSRRC BEAMLINE TPS 05A' 
_diffrn_source.voltage                     ? 
_diffrn_source.take-off_angle              ? 
_diffrn_source.pdbx_wavelength_list        0.99984 
_diffrn_source.pdbx_wavelength             ? 
_diffrn_source.pdbx_synchrotron_beamline   'TPS 05A' 
_diffrn_source.pdbx_synchrotron_site       NSRRC 
# 
_reflns.B_iso_Wilson_estimate                          ? 
_reflns.entry_id                                       8XP8 
_reflns.data_reduction_details                         ? 
_reflns.data_reduction_method                          ? 
_reflns.d_resolution_high                              1.64 
_reflns.d_resolution_low                               30.00 
_reflns.details                                        ? 
_reflns.limit_h_max                                    ? 
_reflns.limit_h_min                                    ? 
_reflns.limit_k_max                                    ? 
_reflns.limit_k_min                                    ? 
_reflns.limit_l_max                                    ? 
_reflns.limit_l_min                                    ? 
_reflns.number_all                                     ? 
_reflns.number_obs                                     7315 
_reflns.observed_criterion                             ? 
_reflns.observed_criterion_F_max                       ? 
_reflns.observed_criterion_F_min                       ? 
_reflns.observed_criterion_I_max                       ? 
_reflns.observed_criterion_I_min                       ? 
_reflns.observed_criterion_sigma_F                     ? 
_reflns.observed_criterion_sigma_I                     ? 
_reflns.percent_possible_obs                           98.9 
_reflns.R_free_details                                 ? 
_reflns.Rmerge_F_all                                   ? 
_reflns.Rmerge_F_obs                                   ? 
_reflns.Friedel_coverage                               ? 
_reflns.number_gt                                      ? 
_reflns.threshold_expression                           ? 
_reflns.pdbx_redundancy                                10.8 
_reflns.pdbx_netI_over_av_sigmaI                       ? 
_reflns.pdbx_netI_over_sigmaI                          17.0 
_reflns.pdbx_res_netI_over_av_sigmaI_2                 ? 
_reflns.pdbx_res_netI_over_sigmaI_2                    ? 
_reflns.pdbx_chi_squared                               ? 
_reflns.pdbx_scaling_rejects                           ? 
_reflns.pdbx_d_res_high_opt                            ? 
_reflns.pdbx_d_res_low_opt                             ? 
_reflns.pdbx_d_res_opt_method                          ? 
_reflns.phase_calculation_details                      ? 
_reflns.pdbx_Rrim_I_all                                ? 
_reflns.pdbx_Rpim_I_all                                ? 
_reflns.pdbx_d_opt                                     ? 
_reflns.pdbx_number_measured_all                       ? 
_reflns.pdbx_diffrn_id                                 1 
_reflns.pdbx_ordinal                                   1 
_reflns.pdbx_CC_half                                   ? 
_reflns.pdbx_CC_star                                   ? 
_reflns.pdbx_R_split                                   ? 
_reflns.pdbx_Rmerge_I_obs                              0.055 
_reflns.pdbx_Rmerge_I_all                              ? 
_reflns.pdbx_Rsym_value                                ? 
_reflns.pdbx_CC_split_method                           ? 
_reflns.pdbx_aniso_diffraction_limit_axis_1_ortho[1]   ? 
_reflns.pdbx_aniso_diffraction_limit_axis_1_ortho[2]   ? 
_reflns.pdbx_aniso_diffraction_limit_axis_1_ortho[3]   ? 
_reflns.pdbx_aniso_diffraction_limit_axis_2_ortho[1]   ? 
_reflns.pdbx_aniso_diffraction_limit_axis_2_ortho[2]   ? 
_reflns.pdbx_aniso_diffraction_limit_axis_2_ortho[3]   ? 
_reflns.pdbx_aniso_diffraction_limit_axis_3_ortho[1]   ? 
_reflns.pdbx_aniso_diffraction_limit_axis_3_ortho[2]   ? 
_reflns.pdbx_aniso_diffraction_limit_axis_3_ortho[3]   ? 
_reflns.pdbx_aniso_diffraction_limit_1                 ? 
_reflns.pdbx_aniso_diffraction_limit_2                 ? 
_reflns.pdbx_aniso_diffraction_limit_3                 ? 
_reflns.pdbx_aniso_B_tensor_eigenvector_1_ortho[1]     ? 
_reflns.pdbx_aniso_B_tensor_eigenvector_1_ortho[2]     ? 
_reflns.pdbx_aniso_B_tensor_eigenvector_1_ortho[3]     ? 
_reflns.pdbx_aniso_B_tensor_eigenvector_2_ortho[1]     ? 
_reflns.pdbx_aniso_B_tensor_eigenvector_2_ortho[2]     ? 
_reflns.pdbx_aniso_B_tensor_eigenvector_2_ortho[3]     ? 
_reflns.pdbx_aniso_B_tensor_eigenvector_3_ortho[1]     ? 
_reflns.pdbx_aniso_B_tensor_eigenvector_3_ortho[2]     ? 
_reflns.pdbx_aniso_B_tensor_eigenvector_3_ortho[3]     ? 
_reflns.pdbx_aniso_B_tensor_eigenvalue_1               ? 
_reflns.pdbx_aniso_B_tensor_eigenvalue_2               ? 
_reflns.pdbx_aniso_B_tensor_eigenvalue_3               ? 
_reflns.pdbx_orthogonalization_convention              ? 
_reflns.pdbx_percent_possible_ellipsoidal              ? 
_reflns.pdbx_percent_possible_spherical                ? 
_reflns.pdbx_percent_possible_ellipsoidal_anomalous    ? 
_reflns.pdbx_percent_possible_spherical_anomalous      ? 
_reflns.pdbx_redundancy_anomalous                      ? 
_reflns.pdbx_CC_half_anomalous                         ? 
_reflns.pdbx_absDiff_over_sigma_anomalous              ? 
_reflns.pdbx_percent_possible_anomalous                ? 
_reflns.pdbx_observed_signal_threshold                 ? 
_reflns.pdbx_signal_type                               ? 
_reflns.pdbx_signal_details                            ? 
_reflns.pdbx_signal_software_id                        ? 
# 
loop_
_reflns_shell.d_res_high 
_reflns_shell.d_res_low 
_reflns_shell.meanI_over_sigI_all 
_reflns_shell.meanI_over_sigI_obs 
_reflns_shell.number_measured_all 
_reflns_shell.number_measured_obs 
_reflns_shell.number_possible 
_reflns_shell.number_unique_all 
_reflns_shell.number_unique_obs 
_reflns_shell.percent_possible_obs 
_reflns_shell.Rmerge_F_all 
_reflns_shell.Rmerge_F_obs 
_reflns_shell.meanI_over_sigI_gt 
_reflns_shell.meanI_over_uI_all 
_reflns_shell.meanI_over_uI_gt 
_reflns_shell.number_measured_gt 
_reflns_shell.number_unique_gt 
_reflns_shell.percent_possible_gt 
_reflns_shell.Rmerge_F_gt 
_reflns_shell.Rmerge_I_gt 
_reflns_shell.pdbx_redundancy 
_reflns_shell.pdbx_chi_squared 
_reflns_shell.pdbx_netI_over_sigmaI_all 
_reflns_shell.pdbx_netI_over_sigmaI_obs 
_reflns_shell.pdbx_Rrim_I_all 
_reflns_shell.pdbx_Rpim_I_all 
_reflns_shell.pdbx_rejects 
_reflns_shell.pdbx_ordinal 
_reflns_shell.pdbx_diffrn_id 
_reflns_shell.pdbx_CC_half 
_reflns_shell.pdbx_CC_star 
_reflns_shell.pdbx_R_split 
_reflns_shell.percent_possible_all 
_reflns_shell.Rmerge_I_all 
_reflns_shell.Rmerge_I_obs 
_reflns_shell.pdbx_Rsym_value 
_reflns_shell.pdbx_percent_possible_ellipsoidal 
_reflns_shell.pdbx_percent_possible_spherical 
_reflns_shell.pdbx_percent_possible_ellipsoidal_anomalous 
_reflns_shell.pdbx_percent_possible_spherical_anomalous 
_reflns_shell.pdbx_redundancy_anomalous 
_reflns_shell.pdbx_CC_half_anomalous 
_reflns_shell.pdbx_absDiff_over_sigma_anomalous 
_reflns_shell.pdbx_percent_possible_anomalous 
1.64 1.70  ? ? ? ? ? ? 721 ? ? ? ? ? ? ? ? ? ? ? 10.7 1.033 ? ? 0.120 0.038 ? 1  1 0.999 1.000 ? 100.0 ? 0.114 ? ? ? ? ? ? ? ? ? 
1.70 1.77  ? ? ? ? ? ? 735 ? ? ? ? ? ? ? ? ? ? ? 11.0 1.038 ? ? 0.124 0.038 ? 2  1 0.999 1.000 ? 100.0 ? 0.118 ? ? ? ? ? ? ? ? ? 
1.77 1.85  ? ? ? ? ? ? 727 ? ? ? ? ? ? ? ? ? ? ? 11.0 1.061 ? ? 0.108 0.033 ? 3  1 0.998 1.000 ? 100.0 ? 0.102 ? ? ? ? ? ? ? ? ? 
1.85 1.94  ? ? ? ? ? ? 736 ? ? ? ? ? ? ? ? ? ? ? 11.1 1.048 ? ? 0.097 0.029 ? 4  1 0.998 1.000 ? 100.0 ? 0.092 ? ? ? ? ? ? ? ? ? 
1.94 2.07  ? ? ? ? ? ? 724 ? ? ? ? ? ? ? ? ? ? ? 11.1 1.029 ? ? 0.086 0.026 ? 5  1 0.997 0.999 ? 100.0 ? 0.081 ? ? ? ? ? ? ? ? ? 
2.07 2.23  ? ? ? ? ? ? 757 ? ? ? ? ? ? ? ? ? ? ? 11.1 1.072 ? ? 0.076 0.023 ? 6  1 0.998 1.000 ? 100.0 ? 0.073 ? ? ? ? ? ? ? ? ? 
2.23 2.45  ? ? ? ? ? ? 727 ? ? ? ? ? ? ? ? ? ? ? 11.1 1.059 ? ? 0.061 0.018 ? 7  1 0.999 1.000 ? 100.0 ? 0.058 ? ? ? ? ? ? ? ? ? 
2.45 2.80  ? ? ? ? ? ? 735 ? ? ? ? ? ? ? ? ? ? ? 10.9 1.095 ? ? 0.061 0.019 ? 8  1 0.999 1.000 ? 100.0 ? 0.058 ? ? ? ? ? ? ? ? ? 
2.80 3.53  ? ? ? ? ? ? 729 ? ? ? ? ? ? ? ? ? ? ? 10.5 0.959 ? ? 0.056 0.018 ? 9  1 0.999 1.000 ? 97.1  ? 0.053 ? ? ? ? ? ? ? ? ? 
3.53 30.00 ? ? ? ? ? ? 724 ? ? ? ? ? ? ? ? ? ? ? 9.5  1.026 ? ? 0.052 0.017 ? 10 1 0.998 0.999 ? 92.3  ? 0.048 ? ? ? ? ? ? ? ? ? 
# 
_refine.aniso_B[1][1]                            ? 
_refine.aniso_B[1][2]                            ? 
_refine.aniso_B[1][3]                            ? 
_refine.aniso_B[2][2]                            ? 
_refine.aniso_B[2][3]                            ? 
_refine.aniso_B[3][3]                            ? 
_refine.B_iso_max                                ? 
_refine.B_iso_mean                               ? 
_refine.B_iso_min                                ? 
_refine.correlation_coeff_Fo_to_Fc               ? 
_refine.correlation_coeff_Fo_to_Fc_free          ? 
_refine.details                                  ? 
_refine.diff_density_max                         ? 
_refine.diff_density_max_esd                     ? 
_refine.diff_density_min                         ? 
_refine.diff_density_min_esd                     ? 
_refine.diff_density_rms                         ? 
_refine.diff_density_rms_esd                     ? 
_refine.entry_id                                 8XP8 
_refine.pdbx_refine_id                           'X-RAY DIFFRACTION' 
_refine.ls_abs_structure_details                 ? 
_refine.ls_abs_structure_Flack                   ? 
_refine.ls_abs_structure_Flack_esd               ? 
_refine.ls_abs_structure_Rogers                  ? 
_refine.ls_abs_structure_Rogers_esd              ? 
_refine.ls_d_res_high                            1.64 
_refine.ls_d_res_low                             16.66 
_refine.ls_extinction_coef                       ? 
_refine.ls_extinction_coef_esd                   ? 
_refine.ls_extinction_expression                 ? 
_refine.ls_extinction_method                     ? 
_refine.ls_goodness_of_fit_all                   ? 
_refine.ls_goodness_of_fit_all_esd               ? 
_refine.ls_goodness_of_fit_obs                   ? 
_refine.ls_goodness_of_fit_obs_esd               ? 
_refine.ls_hydrogen_treatment                    ? 
_refine.ls_matrix_type                           ? 
_refine.ls_number_constraints                    ? 
_refine.ls_number_parameters                     ? 
_refine.ls_number_reflns_all                     ? 
_refine.ls_number_reflns_obs                     7240 
_refine.ls_number_reflns_R_free                  716 
_refine.ls_number_reflns_R_work                  ? 
_refine.ls_number_restraints                     ? 
_refine.ls_percent_reflns_obs                    98.21 
_refine.ls_percent_reflns_R_free                 9.89 
_refine.ls_R_factor_all                          ? 
_refine.ls_R_factor_obs                          0.2348 
_refine.ls_R_factor_R_free                       0.2428 
_refine.ls_R_factor_R_free_error                 ? 
_refine.ls_R_factor_R_free_error_details         ? 
_refine.ls_R_factor_R_work                       0.2339 
_refine.ls_R_Fsqd_factor_obs                     ? 
_refine.ls_R_I_factor_obs                        ? 
_refine.ls_redundancy_reflns_all                 ? 
_refine.ls_redundancy_reflns_obs                 ? 
_refine.ls_restrained_S_all                      ? 
_refine.ls_restrained_S_obs                      ? 
_refine.ls_shift_over_esd_max                    ? 
_refine.ls_shift_over_esd_mean                   ? 
_refine.ls_structure_factor_coef                 ? 
_refine.ls_weighting_details                     ? 
_refine.ls_weighting_scheme                      ? 
_refine.ls_wR_factor_all                         ? 
_refine.ls_wR_factor_obs                         ? 
_refine.ls_wR_factor_R_free                      ? 
_refine.ls_wR_factor_R_work                      ? 
_refine.occupancy_max                            ? 
_refine.occupancy_min                            ? 
_refine.solvent_model_details                    'FLAT BULK SOLVENT MODEL' 
_refine.solvent_model_param_bsol                 ? 
_refine.solvent_model_param_ksol                 ? 
_refine.pdbx_R_complete                          ? 
_refine.ls_R_factor_gt                           ? 
_refine.ls_goodness_of_fit_gt                    ? 
_refine.ls_goodness_of_fit_ref                   ? 
_refine.ls_shift_over_su_max                     ? 
_refine.ls_shift_over_su_max_lt                  ? 
_refine.ls_shift_over_su_mean                    ? 
_refine.ls_shift_over_su_mean_lt                 ? 
_refine.pdbx_ls_sigma_I                          ? 
_refine.pdbx_ls_sigma_F                          1.41 
_refine.pdbx_ls_sigma_Fsqd                       ? 
_refine.pdbx_data_cutoff_high_absF               ? 
_refine.pdbx_data_cutoff_high_rms_absF           ? 
_refine.pdbx_data_cutoff_low_absF                ? 
_refine.pdbx_isotropic_thermal_model             ? 
_refine.pdbx_ls_cross_valid_method               NONE 
_refine.pdbx_method_to_determine_struct          'MOLECULAR REPLACEMENT' 
_refine.pdbx_starting_model                      ? 
_refine.pdbx_stereochemistry_target_values       ML 
_refine.pdbx_R_Free_selection_details            ? 
_refine.pdbx_stereochem_target_val_spec_case     ? 
_refine.pdbx_overall_ESU_R                       ? 
_refine.pdbx_overall_ESU_R_Free                  ? 
_refine.pdbx_solvent_vdw_probe_radii             1.10 
_refine.pdbx_solvent_ion_probe_radii             ? 
_refine.pdbx_solvent_shrinkage_radii             0.90 
_refine.pdbx_real_space_R                        ? 
_refine.pdbx_density_correlation                 ? 
_refine.pdbx_pd_number_of_powder_patterns        ? 
_refine.pdbx_pd_number_of_points                 ? 
_refine.pdbx_pd_meas_number_of_points            ? 
_refine.pdbx_pd_proc_ls_prof_R_factor            ? 
_refine.pdbx_pd_proc_ls_prof_wR_factor           ? 
_refine.pdbx_pd_Marquardt_correlation_coeff      ? 
_refine.pdbx_pd_Fsqrd_R_factor                   ? 
_refine.pdbx_pd_ls_matrix_band_width             ? 
_refine.pdbx_overall_phase_error                 32.31 
_refine.pdbx_overall_SU_R_free_Cruickshank_DPI   ? 
_refine.pdbx_overall_SU_R_free_Blow_DPI          ? 
_refine.pdbx_overall_SU_R_Blow_DPI               ? 
_refine.pdbx_TLS_residual_ADP_flag               ? 
_refine.pdbx_diffrn_id                           1 
_refine.overall_SU_B                             ? 
_refine.overall_SU_ML                            0.18 
_refine.overall_SU_R_Cruickshank_DPI             ? 
_refine.overall_SU_R_free                        ? 
_refine.overall_FOM_free_R_set                   ? 
_refine.overall_FOM_work_R_set                   ? 
_refine.pdbx_average_fsc_overall                 ? 
_refine.pdbx_average_fsc_work                    ? 
_refine.pdbx_average_fsc_free                    ? 
# 
_refine_hist.pdbx_refine_id                   'X-RAY DIFFRACTION' 
_refine_hist.cycle_id                         LAST 
_refine_hist.details                          ? 
_refine_hist.d_res_high                       1.64 
_refine_hist.d_res_low                        16.66 
_refine_hist.number_atoms_solvent             47 
_refine_hist.number_atoms_total               486 
_refine_hist.number_reflns_all                ? 
_refine_hist.number_reflns_obs                ? 
_refine_hist.number_reflns_R_free             ? 
_refine_hist.number_reflns_R_work             ? 
_refine_hist.R_factor_all                     ? 
_refine_hist.R_factor_obs                     ? 
_refine_hist.R_factor_R_free                  ? 
_refine_hist.R_factor_R_work                  ? 
_refine_hist.pdbx_number_residues_total       ? 
_refine_hist.pdbx_B_iso_mean_ligand           ? 
_refine_hist.pdbx_B_iso_mean_solvent          ? 
_refine_hist.pdbx_number_atoms_protein        0 
_refine_hist.pdbx_number_atoms_nucleic_acid   282 
_refine_hist.pdbx_number_atoms_ligand         157 
_refine_hist.pdbx_number_atoms_lipid          ? 
_refine_hist.pdbx_number_atoms_carb           ? 
_refine_hist.pdbx_pseudo_atom_details         ? 
# 
loop_
_refine_ls_restr.pdbx_refine_id 
_refine_ls_restr.criterion 
_refine_ls_restr.dev_ideal 
_refine_ls_restr.dev_ideal_target 
_refine_ls_restr.number 
_refine_ls_restr.rejects 
_refine_ls_restr.type 
_refine_ls_restr.weight 
_refine_ls_restr.pdbx_restraint_function 
'X-RAY DIFFRACTION' ? 0.018  ? ?   ? f_bond_d           ? ? 
'X-RAY DIFFRACTION' ? 2.475  ? ?   ? f_angle_d          ? ? 
'X-RAY DIFFRACTION' ? 32.400 ? 186 ? f_dihedral_angle_d ? ? 
'X-RAY DIFFRACTION' ? 0.151  ? 86  ? f_chiral_restr     ? ? 
'X-RAY DIFFRACTION' ? 0.010  ? 42  ? f_plane_restr      ? ? 
# 
loop_
_refine_ls_shell.pdbx_refine_id 
_refine_ls_shell.d_res_high 
_refine_ls_shell.d_res_low 
_refine_ls_shell.number_reflns_all 
_refine_ls_shell.number_reflns_obs 
_refine_ls_shell.number_reflns_R_free 
_refine_ls_shell.number_reflns_R_work 
_refine_ls_shell.percent_reflns_obs 
_refine_ls_shell.percent_reflns_R_free 
_refine_ls_shell.R_factor_all 
_refine_ls_shell.R_factor_obs 
_refine_ls_shell.R_factor_R_free_error 
_refine_ls_shell.R_factor_R_work 
_refine_ls_shell.redundancy_reflns_all 
_refine_ls_shell.redundancy_reflns_obs 
_refine_ls_shell.wR_factor_all 
_refine_ls_shell.wR_factor_obs 
_refine_ls_shell.wR_factor_R_free 
_refine_ls_shell.wR_factor_R_work 
_refine_ls_shell.pdbx_R_complete 
_refine_ls_shell.pdbx_total_number_of_bins_used 
_refine_ls_shell.pdbx_phase_error 
_refine_ls_shell.pdbx_fsc_work 
_refine_ls_shell.pdbx_fsc_free 
_refine_ls_shell.R_factor_R_free 
'X-RAY DIFFRACTION' 1.64 1.77 . . 145 1285 98.00  . . . . 0.2720 . . . . . . . . . . . 0.2942 
'X-RAY DIFFRACTION' 1.77 1.94 . . 135 1308 99.00  . . . . 0.2899 . . . . . . . . . . . 0.3143 
'X-RAY DIFFRACTION' 1.94 2.22 . . 148 1322 100.00 . . . . 0.3016 . . . . . . . . . . . 0.3490 
'X-RAY DIFFRACTION' 2.22 2.80 . . 143 1314 100.00 . . . . 0.2554 . . . . . . . . . . . 0.2702 
'X-RAY DIFFRACTION' 2.80 10   . . 145 1295 95.00  . . . . 0.1961 . . . . . . . . . . . 0.1961 
# 
_struct.entry_id                     8XP8 
_struct.title                        'Crystal structure of d(ACGmCCGT/ACGGCGT) in complex with Echinomycin' 
_struct.pdbx_model_details           ? 
_struct.pdbx_formula_weight          ? 
_struct.pdbx_formula_weight_method   ? 
_struct.pdbx_model_type_details      ? 
_struct.pdbx_CASP_flag               N 
# 
_struct_keywords.entry_id        8XP8 
_struct_keywords.text            'DNA-ligand Complex, DNA, Antibiotic, DNA-ANTIBIOTIC complex' 
_struct_keywords.pdbx_keywords   DNA/ANTIBIOTIC 
# 
loop_
_struct_asym.id 
_struct_asym.pdbx_blank_PDB_chainid_flag 
_struct_asym.pdbx_modified 
_struct_asym.entity_id 
_struct_asym.details 
A N N 1 ? 
B N N 2 ? 
C N N 3 ? 
D N N 3 ? 
E N N 4 ? 
F N N 4 ? 
G N N 4 ? 
H N N 5 ? 
I N N 5 ? 
J N N 5 ? 
K N N 5 ? 
L N N 6 ? 
M N N 6 ? 
N N N 6 ? 
O N N 6 ? 
# 
loop_
_struct_ref.id 
_struct_ref.db_name 
_struct_ref.db_code 
_struct_ref.pdbx_db_accession 
_struct_ref.pdbx_db_isoform 
_struct_ref.entity_id 
_struct_ref.pdbx_seq_one_letter_code 
_struct_ref.pdbx_align_begin 
1 PDB 8XP8 8XP8 ? 1 ? 1 
2 PDB 8XP8 8XP8 ? 2 ? 1 
3 PDB 8XP8 8XP8 ? 3 ? 1 
# 
loop_
_struct_ref_seq.align_id 
_struct_ref_seq.ref_id 
_struct_ref_seq.pdbx_PDB_id_code 
_struct_ref_seq.pdbx_strand_id 
_struct_ref_seq.seq_align_beg 
_struct_ref_seq.pdbx_seq_align_beg_ins_code 
_struct_ref_seq.seq_align_end 
_struct_ref_seq.pdbx_seq_align_end_ins_code 
_struct_ref_seq.pdbx_db_accession 
_struct_ref_seq.db_align_beg 
_struct_ref_seq.pdbx_db_align_beg_ins_code 
_struct_ref_seq.db_align_end 
_struct_ref_seq.pdbx_db_align_end_ins_code 
_struct_ref_seq.pdbx_auth_seq_align_beg 
_struct_ref_seq.pdbx_auth_seq_align_end 
1 1 8XP8 A 1 ? 7 ? 8XP8 1 ? 7 ? 1 7 
2 2 8XP8 B 1 ? 7 ? 8XP8 1 ? 7 ? 1 7 
3 3 8XP8 D 1 ? 8 ? 8XP8 1 ? 8 ? 1 8 
4 3 8XP8 E 1 ? 8 ? 8XP8 1 ? 8 ? 1 8 
# 
_pdbx_struct_assembly.id                   1 
_pdbx_struct_assembly.details              author_defined_assembly 
_pdbx_struct_assembly.method_details       ? 
_pdbx_struct_assembly.oligomeric_details   tetrameric 
_pdbx_struct_assembly.oligomeric_count     4 
# 
_pdbx_struct_assembly_gen.assembly_id       1 
_pdbx_struct_assembly_gen.oper_expression   1 
_pdbx_struct_assembly_gen.asym_id_list      A,B,C,D,E,F,G,H,I,J,K,L,M,N,O 
# 
_pdbx_struct_oper_list.id                   1 
_pdbx_struct_oper_list.type                 'identity operation' 
_pdbx_struct_oper_list.name                 1_555 
_pdbx_struct_oper_list.symmetry_operation   x,y,z 
_pdbx_struct_oper_list.matrix[1][1]         1.0000000000 
_pdbx_struct_oper_list.matrix[1][2]         0.0000000000 
_pdbx_struct_oper_list.matrix[1][3]         0.0000000000 
_pdbx_struct_oper_list.vector[1]            0.0000000000 
_pdbx_struct_oper_list.matrix[2][1]         0.0000000000 
_pdbx_struct_oper_list.matrix[2][2]         1.0000000000 
_pdbx_struct_oper_list.matrix[2][3]         0.0000000000 
_pdbx_struct_oper_list.vector[2]            0.0000000000 
_pdbx_struct_oper_list.matrix[3][1]         0.0000000000 
_pdbx_struct_oper_list.matrix[3][2]         0.0000000000 
_pdbx_struct_oper_list.matrix[3][3]         1.0000000000 
_pdbx_struct_oper_list.vector[3]            0.0000000000 
# 
loop_
_struct_conn.id 
_struct_conn.conn_type_id 
_struct_conn.pdbx_leaving_atom_flag 
_struct_conn.pdbx_PDB_id 
_struct_conn.ptnr1_label_asym_id 
_struct_conn.ptnr1_label_comp_id 
_struct_conn.ptnr1_label_seq_id 
_struct_conn.ptnr1_label_atom_id 
_struct_conn.pdbx_ptnr1_label_alt_id 
_struct_conn.pdbx_ptnr1_PDB_ins_code 
_struct_conn.pdbx_ptnr1_standard_comp_id 
_struct_conn.ptnr1_symmetry 
_struct_conn.ptnr2_label_asym_id 
_struct_conn.ptnr2_label_comp_id 
_struct_conn.ptnr2_label_seq_id 
_struct_conn.ptnr2_label_atom_id 
_struct_conn.pdbx_ptnr2_label_alt_id 
_struct_conn.pdbx_ptnr2_PDB_ins_code 
_struct_conn.ptnr1_auth_asym_id 
_struct_conn.ptnr1_auth_comp_id 
_struct_conn.ptnr1_auth_seq_id 
_struct_conn.ptnr2_auth_asym_id 
_struct_conn.ptnr2_auth_comp_id 
_struct_conn.ptnr2_auth_seq_id 
_struct_conn.ptnr2_symmetry 
_struct_conn.pdbx_ptnr3_label_atom_id 
_struct_conn.pdbx_ptnr3_label_seq_id 
_struct_conn.pdbx_ptnr3_label_comp_id 
_struct_conn.pdbx_ptnr3_label_asym_id 
_struct_conn.pdbx_ptnr3_label_alt_id 
_struct_conn.pdbx_ptnr3_PDB_ins_code 
_struct_conn.details 
_struct_conn.pdbx_dist_value 
_struct_conn.pdbx_value_order 
_struct_conn.pdbx_role 
disulf1  disulf ?    ? C N2C 3 SG    ? ? ? 1_555 C NCY 7 SG ? ? D N2C 3   D NCY 7   1_555 ? ? ? ? ? ? ?            2.912 ? ? 
disulf2  disulf ?    ? D N2C 3 SG    ? ? ? 1_555 D NCY 7 SG ? ? E N2C 3   E NCY 7   1_555 ? ? ? ? ? ? ?            2.827 ? ? 
covale1  covale both ? B DG  3 "O3'" ? ? ? 1_555 B 5CM 4 P  A ? B DG  3   B 5CM 4   1_555 ? ? ? ? ? ? ?            1.609 ? ? 
covale2  covale both ? B DG  3 "O3'" ? ? ? 1_555 B 5CM 4 P  B ? B DG  3   B 5CM 4   1_555 ? ? ? ? ? ? ?            1.609 ? ? 
covale3  covale both ? B 5CM 4 "O3'" A ? ? 1_555 B DC  5 P  ? ? B 5CM 4   B DC  5   1_555 ? ? ? ? ? ? ?            1.608 ? ? 
covale4  covale both ? B 5CM 4 "O3'" B ? ? 1_555 B DC  5 P  ? ? B 5CM 4   B DC  5   1_555 ? ? ? ? ? ? ?            1.608 ? ? 
covale5  covale both ? C DSN 1 C     ? ? ? 1_555 C ALA 2 N  ? ? D DSN 1   D ALA 2   1_555 ? ? ? ? ? ? ?            1.463 ? ? 
covale6  covale one  ? C DSN 1 OG    ? ? ? 1_555 C MVA 8 C  ? ? D DSN 1   D MVA 8   1_555 ? ? ? ? ? ? ?            1.429 ? ? 
covale7  covale both ? C DSN 1 N     ? ? ? 1_555 H QUI . C  ? ? D DSN 1   D QUI 101 1_555 ? ? ? ? ? ? ?            1.481 ? ? 
covale8  covale both ? C ALA 2 C     ? ? ? 1_555 C N2C 3 N  ? ? D ALA 2   D N2C 3   1_555 ? ? ? ? ? ? ?            1.494 ? ? 
covale9  covale both ? C N2C 3 C     ? ? ? 1_555 C MVA 4 N  ? ? D N2C 3   D MVA 4   1_555 ? ? ? ? ? ? ?            1.506 ? ? 
covale10 covale both ? C N2C 3 CB    ? ? ? 1_555 C NCY 7 SG ? ? D N2C 3   D NCY 7   1_555 ? ? ? ? ? ? ?            1.829 ? ? 
covale11 covale one  ? C MVA 4 C     ? ? ? 1_555 C DSN 5 OG ? ? D MVA 4   D DSN 5   1_555 ? ? ? ? ? ? ?            1.393 ? ? 
covale12 covale both ? C DSN 5 C     ? ? ? 1_555 C ALA 6 N  ? ? D DSN 5   D ALA 6   1_555 ? ? ? ? ? ? ?            1.452 ? ? 
covale13 covale both ? C DSN 5 N     ? ? ? 1_555 I QUI . C  ? ? D DSN 5   D QUI 102 1_555 ? ? ? ? ? ? ?            1.475 ? ? 
covale14 covale both ? C ALA 6 C     ? ? ? 1_555 C NCY 7 N  ? ? D ALA 6   D NCY 7   1_555 ? ? ? ? ? ? ?            1.477 ? ? 
covale15 covale both ? C NCY 7 C     ? ? ? 1_555 C MVA 8 N  ? ? D NCY 7   D MVA 8   1_555 ? ? ? ? ? ? ?            1.501 ? ? 
covale16 covale both ? D DSN 1 C     ? ? ? 1_555 D ALA 2 N  ? ? E DSN 1   E ALA 2   1_555 ? ? ? ? ? ? ?            1.470 ? ? 
covale17 covale one  ? D DSN 1 OG    ? ? ? 1_555 D MVA 8 C  ? ? E DSN 1   E MVA 8   1_555 ? ? ? ? ? ? ?            1.413 ? ? 
covale18 covale both ? D DSN 1 N     ? ? ? 1_555 J QUI . C  ? ? E DSN 1   E QUI 101 1_555 ? ? ? ? ? ? ?            1.463 ? ? 
covale19 covale both ? D ALA 2 C     ? ? ? 1_555 D N2C 3 N  ? ? E ALA 2   E N2C 3   1_555 ? ? ? ? ? ? ?            1.479 ? ? 
covale20 covale both ? D N2C 3 C     ? ? ? 1_555 D MVA 4 N  ? ? E N2C 3   E MVA 4   1_555 ? ? ? ? ? ? ?            1.498 ? ? 
covale21 covale both ? D N2C 3 CB    ? ? ? 1_555 D NCY 7 SG ? ? E N2C 3   E NCY 7   1_555 ? ? ? ? ? ? ?            1.826 ? ? 
covale22 covale one  ? D MVA 4 C     ? ? ? 1_555 D DSN 5 OG ? ? E MVA 4   E DSN 5   1_555 ? ? ? ? ? ? ?            1.376 ? ? 
covale23 covale both ? D DSN 5 C     ? ? ? 1_555 D ALA 6 N  ? ? E DSN 5   E ALA 6   1_555 ? ? ? ? ? ? ?            1.452 ? ? 
covale24 covale both ? D DSN 5 N     ? ? ? 1_555 K QUI . C  ? ? E DSN 5   E QUI 102 1_555 ? ? ? ? ? ? ?            1.473 ? ? 
covale25 covale both ? D ALA 6 C     ? ? ? 1_555 D NCY 7 N  ? ? E ALA 6   E NCY 7   1_555 ? ? ? ? ? ? ?            1.473 ? ? 
covale26 covale both ? D NCY 7 C     ? ? ? 1_555 D MVA 8 N  ? ? E NCY 7   E MVA 8   1_555 ? ? ? ? ? ? ?            1.492 ? ? 
metalc1  metalc ?    ? A DG  3 N7    ? ? ? 1_555 F MN  . MN ? ? A DG  3   A MN  102 1_555 ? ? ? ? ? ? ?            2.221 ? ? 
metalc2  metalc ?    ? A DG  6 N7    ? ? ? 1_555 E MN  . MN ? ? A DG  6   A MN  101 1_555 ? ? ? ? ? ? ?            2.303 ? ? 
metalc3  metalc ?    ? E MN  . MN    ? ? ? 1_555 L HOH . O  ? ? A MN  101 A HOH 208 1_555 ? ? ? ? ? ? ?            2.532 ? ? 
metalc4  metalc ?    ? E MN  . MN    ? ? ? 1_555 L HOH . O  ? ? A MN  101 A HOH 212 1_555 ? ? ? ? ? ? ?            2.249 ? ? 
metalc5  metalc ?    ? E MN  . MN    ? ? ? 1_555 L HOH . O  ? ? A MN  101 A HOH 215 1_555 ? ? ? ? ? ? ?            2.366 ? ? 
metalc6  metalc ?    ? E MN  . MN    ? ? ? 1_555 L HOH . O  ? ? A MN  101 A HOH 217 1_555 ? ? ? ? ? ? ?            2.214 ? ? 
metalc7  metalc ?    ? E MN  . MN    ? ? ? 1_555 L HOH . O  ? ? A MN  101 A HOH 224 1_555 ? ? ? ? ? ? ?            2.463 ? ? 
metalc8  metalc ?    ? F MN  . MN    ? ? ? 1_555 L HOH . O  ? ? A MN  102 A HOH 207 1_555 ? ? ? ? ? ? ?            2.275 ? ? 
metalc9  metalc ?    ? F MN  . MN    ? ? ? 1_555 L HOH . O  ? ? A MN  102 A HOH 216 1_555 ? ? ? ? ? ? ?            2.284 ? ? 
metalc10 metalc ?    ? F MN  . MN    ? ? ? 6_557 B DG  3 N7 ? ? A MN  102 B DG  3   1_555 ? ? ? ? ? ? ?            2.250 ? ? 
metalc11 metalc ?    ? F MN  . MN    ? ? ? 1_555 M HOH . O  ? ? A MN  102 B HOH 205 6_557 ? ? ? ? ? ? ?            2.242 ? ? 
metalc12 metalc ?    ? F MN  . MN    ? ? ? 1_555 M HOH . O  ? ? A MN  102 B HOH 213 6_557 ? ? ? ? ? ? ?            2.299 ? ? 
metalc13 metalc ?    ? B DG  6 N7    ? ? ? 1_555 G MN  . MN ? ? B DG  6   B MN  101 1_555 ? ? ? ? ? ? ?            2.211 ? ? 
metalc14 metalc ?    ? G MN  . MN    ? ? ? 1_555 M HOH . O  ? ? B MN  101 B HOH 212 1_555 ? ? ? ? ? ? ?            2.264 ? ? 
metalc15 metalc ?    ? G MN  . MN    ? ? ? 1_555 M HOH . O  ? ? B MN  101 B HOH 215 1_555 ? ? ? ? ? ? ?            2.217 ? ? 
metalc16 metalc ?    ? G MN  . MN    ? ? ? 1_555 M HOH . O  ? ? B MN  101 B HOH 218 1_555 ? ? ? ? ? ? ?            2.231 ? ? 
hydrog1  hydrog ?    ? A DA  1 N1    ? ? ? 1_555 B DT  7 N3 ? ? A DA  1   B DT  7   1_555 ? ? ? ? ? ? WATSON-CRICK ?     ? ? 
hydrog2  hydrog ?    ? A DA  1 N6    ? ? ? 1_555 B DT  7 O4 ? ? A DA  1   B DT  7   1_555 ? ? ? ? ? ? WATSON-CRICK ?     ? ? 
hydrog3  hydrog ?    ? A DC  2 N3    A ? ? 1_555 B DG  6 N1 ? ? A DC  2   B DG  6   1_555 ? ? ? ? ? ? WATSON-CRICK ?     ? ? 
hydrog4  hydrog ?    ? A DC  2 N3    B ? ? 1_555 B DG  6 N1 ? ? A DC  2   B DG  6   1_555 ? ? ? ? ? ? WATSON-CRICK ?     ? ? 
hydrog5  hydrog ?    ? A DC  2 N4    A ? ? 1_555 B DG  6 O6 ? ? A DC  2   B DG  6   1_555 ? ? ? ? ? ? WATSON-CRICK ?     ? ? 
hydrog6  hydrog ?    ? A DC  2 N4    B ? ? 1_555 B DG  6 O6 ? ? A DC  2   B DG  6   1_555 ? ? ? ? ? ? WATSON-CRICK ?     ? ? 
hydrog7  hydrog ?    ? A DC  2 O2    A ? ? 1_555 B DG  6 N2 ? ? A DC  2   B DG  6   1_555 ? ? ? ? ? ? WATSON-CRICK ?     ? ? 
hydrog8  hydrog ?    ? A DC  2 O2    B ? ? 1_555 B DG  6 N2 ? ? A DC  2   B DG  6   1_555 ? ? ? ? ? ? WATSON-CRICK ?     ? ? 
hydrog9  hydrog ?    ? A DG  3 N1    ? ? ? 1_555 B DC  5 N3 ? ? A DG  3   B DC  5   1_555 ? ? ? ? ? ? WATSON-CRICK ?     ? ? 
hydrog10 hydrog ?    ? A DG  3 N2    ? ? ? 1_555 B DC  5 O2 ? ? A DG  3   B DC  5   1_555 ? ? ? ? ? ? WATSON-CRICK ?     ? ? 
hydrog11 hydrog ?    ? A DG  3 O6    ? ? ? 1_555 B DC  5 N4 ? ? A DG  3   B DC  5   1_555 ? ? ? ? ? ? WATSON-CRICK ?     ? ? 
hydrog12 hydrog ?    ? A DG  4 N1    A ? ? 1_555 B 5CM 4 N3 A ? A DG  4   B 5CM 4   1_555 ? ? ? ? ? ? WATSON-CRICK ?     ? ? 
hydrog13 hydrog ?    ? A DG  4 N2    A ? ? 1_555 B 5CM 4 O2 A ? A DG  4   B 5CM 4   1_555 ? ? ? ? ? ? WATSON-CRICK ?     ? ? 
hydrog14 hydrog ?    ? A DG  4 O6    A ? ? 1_555 B 5CM 4 N4 A ? A DG  4   B 5CM 4   1_555 ? ? ? ? ? ? WATSON-CRICK ?     ? ? 
hydrog15 hydrog ?    ? A DC  5 N3    ? ? ? 1_555 B DG  3 N1 ? ? A DC  5   B DG  3   1_555 ? ? ? ? ? ? WATSON-CRICK ?     ? ? 
hydrog16 hydrog ?    ? A DC  5 N4    ? ? ? 1_555 B DG  3 O6 ? ? A DC  5   B DG  3   1_555 ? ? ? ? ? ? WATSON-CRICK ?     ? ? 
hydrog17 hydrog ?    ? A DC  5 O2    ? ? ? 1_555 B DG  3 N2 ? ? A DC  5   B DG  3   1_555 ? ? ? ? ? ? WATSON-CRICK ?     ? ? 
hydrog18 hydrog ?    ? A DG  6 N1    ? ? ? 1_555 B DC  2 N3 A ? A DG  6   B DC  2   1_555 ? ? ? ? ? ? WATSON-CRICK ?     ? ? 
hydrog19 hydrog ?    ? A DG  6 N1    ? ? ? 1_555 B DC  2 N3 B ? A DG  6   B DC  2   1_555 ? ? ? ? ? ? WATSON-CRICK ?     ? ? 
hydrog20 hydrog ?    ? A DG  6 N2    ? ? ? 1_555 B DC  2 O2 A ? A DG  6   B DC  2   1_555 ? ? ? ? ? ? WATSON-CRICK ?     ? ? 
hydrog21 hydrog ?    ? A DG  6 N2    ? ? ? 1_555 B DC  2 O2 B ? A DG  6   B DC  2   1_555 ? ? ? ? ? ? WATSON-CRICK ?     ? ? 
hydrog22 hydrog ?    ? A DG  6 O6    ? ? ? 1_555 B DC  2 N4 A ? A DG  6   B DC  2   1_555 ? ? ? ? ? ? WATSON-CRICK ?     ? ? 
hydrog23 hydrog ?    ? A DG  6 O6    ? ? ? 1_555 B DC  2 N4 B ? A DG  6   B DC  2   1_555 ? ? ? ? ? ? WATSON-CRICK ?     ? ? 
hydrog24 hydrog ?    ? A DT  7 N3    ? ? ? 1_555 B DA  1 N1 ? ? A DT  7   B DA  1   1_555 ? ? ? ? ? ? WATSON-CRICK ?     ? ? 
hydrog25 hydrog ?    ? A DT  7 O4    ? ? ? 1_555 B DA  1 N6 ? ? A DT  7   B DA  1   1_555 ? ? ? ? ? ? WATSON-CRICK ?     ? ? 
# 
loop_
_struct_conn_type.id 
_struct_conn_type.criteria 
_struct_conn_type.reference 
disulf ? ? 
covale ? ? 
metalc ? ? 
hydrog ? ? 
# 
loop_
_pdbx_struct_conn_angle.id 
_pdbx_struct_conn_angle.ptnr1_label_atom_id 
_pdbx_struct_conn_angle.ptnr1_label_alt_id 
_pdbx_struct_conn_angle.ptnr1_label_asym_id 
_pdbx_struct_conn_angle.ptnr1_label_comp_id 
_pdbx_struct_conn_angle.ptnr1_label_seq_id 
_pdbx_struct_conn_angle.ptnr1_auth_atom_id 
_pdbx_struct_conn_angle.ptnr1_auth_asym_id 
_pdbx_struct_conn_angle.ptnr1_auth_comp_id 
_pdbx_struct_conn_angle.ptnr1_auth_seq_id 
_pdbx_struct_conn_angle.ptnr1_PDB_ins_code 
_pdbx_struct_conn_angle.ptnr1_symmetry 
_pdbx_struct_conn_angle.ptnr2_label_atom_id 
_pdbx_struct_conn_angle.ptnr2_label_alt_id 
_pdbx_struct_conn_angle.ptnr2_label_asym_id 
_pdbx_struct_conn_angle.ptnr2_label_comp_id 
_pdbx_struct_conn_angle.ptnr2_label_seq_id 
_pdbx_struct_conn_angle.ptnr2_auth_atom_id 
_pdbx_struct_conn_angle.ptnr2_auth_asym_id 
_pdbx_struct_conn_angle.ptnr2_auth_comp_id 
_pdbx_struct_conn_angle.ptnr2_auth_seq_id 
_pdbx_struct_conn_angle.ptnr2_PDB_ins_code 
_pdbx_struct_conn_angle.ptnr2_symmetry 
_pdbx_struct_conn_angle.ptnr3_label_atom_id 
_pdbx_struct_conn_angle.ptnr3_label_alt_id 
_pdbx_struct_conn_angle.ptnr3_label_asym_id 
_pdbx_struct_conn_angle.ptnr3_label_comp_id 
_pdbx_struct_conn_angle.ptnr3_label_seq_id 
_pdbx_struct_conn_angle.ptnr3_auth_atom_id 
_pdbx_struct_conn_angle.ptnr3_auth_asym_id 
_pdbx_struct_conn_angle.ptnr3_auth_comp_id 
_pdbx_struct_conn_angle.ptnr3_auth_seq_id 
_pdbx_struct_conn_angle.ptnr3_PDB_ins_code 
_pdbx_struct_conn_angle.ptnr3_symmetry 
_pdbx_struct_conn_angle.value 
_pdbx_struct_conn_angle.value_esd 
1  N7 ? A DG  3 ? A DG  3   ? 1_555 MN ? F MN . ? A MN 102 ? 1_555 O  ? L HOH . ? A HOH 207 ? 1_555 88.9  ? 
2  N7 ? A DG  3 ? A DG  3   ? 1_555 MN ? F MN . ? A MN 102 ? 1_555 O  ? L HOH . ? A HOH 216 ? 1_555 95.2  ? 
3  O  ? L HOH . ? A HOH 207 ? 1_555 MN ? F MN . ? A MN 102 ? 1_555 O  ? L HOH . ? A HOH 216 ? 1_555 173.2 ? 
4  N7 ? A DG  3 ? A DG  3   ? 1_555 MN ? F MN . ? A MN 102 ? 1_555 N7 ? B DG  3 ? B DG  3   ? 1_555 86.0  ? 
5  O  ? L HOH . ? A HOH 207 ? 1_555 MN ? F MN . ? A MN 102 ? 1_555 N7 ? B DG  3 ? B DG  3   ? 1_555 134.8 ? 
6  O  ? L HOH . ? A HOH 216 ? 1_555 MN ? F MN . ? A MN 102 ? 1_555 N7 ? B DG  3 ? B DG  3   ? 1_555 40.5  ? 
7  N7 ? A DG  3 ? A DG  3   ? 1_555 MN ? F MN . ? A MN 102 ? 1_555 O  ? M HOH . ? B HOH 205 ? 6_557 85.4  ? 
8  O  ? L HOH . ? A HOH 207 ? 1_555 MN ? F MN . ? A MN 102 ? 1_555 O  ? M HOH . ? B HOH 205 ? 6_557 98.1  ? 
9  O  ? L HOH . ? A HOH 216 ? 1_555 MN ? F MN . ? A MN 102 ? 1_555 O  ? M HOH . ? B HOH 205 ? 6_557 87.7  ? 
10 N7 ? B DG  3 ? B DG  3   ? 1_555 MN ? F MN . ? A MN 102 ? 1_555 O  ? M HOH . ? B HOH 205 ? 6_557 126.1 ? 
11 N7 ? A DG  3 ? A DG  3   ? 1_555 MN ? F MN . ? A MN 102 ? 1_555 O  ? M HOH . ? B HOH 213 ? 6_557 91.9  ? 
12 O  ? L HOH . ? A HOH 207 ? 1_555 MN ? F MN . ? A MN 102 ? 1_555 O  ? M HOH . ? B HOH 213 ? 6_557 89.8  ? 
13 O  ? L HOH . ? A HOH 216 ? 1_555 MN ? F MN . ? A MN 102 ? 1_555 O  ? M HOH . ? B HOH 213 ? 6_557 84.6  ? 
14 N7 ? B DG  3 ? B DG  3   ? 1_555 MN ? F MN . ? A MN 102 ? 1_555 O  ? M HOH . ? B HOH 213 ? 6_557 45.7  ? 
15 O  ? M HOH . ? B HOH 205 ? 6_557 MN ? F MN . ? A MN 102 ? 1_555 O  ? M HOH . ? B HOH 213 ? 6_557 171.6 ? 
16 N7 ? A DG  6 ? A DG  6   ? 1_555 MN ? E MN . ? A MN 101 ? 1_555 O  ? L HOH . ? A HOH 208 ? 1_555 92.7  ? 
17 N7 ? A DG  6 ? A DG  6   ? 1_555 MN ? E MN . ? A MN 101 ? 1_555 O  ? L HOH . ? A HOH 212 ? 1_555 94.1  ? 
18 O  ? L HOH . ? A HOH 208 ? 1_555 MN ? E MN . ? A MN 101 ? 1_555 O  ? L HOH . ? A HOH 212 ? 1_555 118.2 ? 
19 N7 ? A DG  6 ? A DG  6   ? 1_555 MN ? E MN . ? A MN 101 ? 1_555 O  ? L HOH . ? A HOH 215 ? 1_555 83.5  ? 
20 O  ? L HOH . ? A HOH 208 ? 1_555 MN ? E MN . ? A MN 101 ? 1_555 O  ? L HOH . ? A HOH 215 ? 1_555 62.2  ? 
21 O  ? L HOH . ? A HOH 212 ? 1_555 MN ? E MN . ? A MN 101 ? 1_555 O  ? L HOH . ? A HOH 215 ? 1_555 57.8  ? 
22 N7 ? A DG  6 ? A DG  6   ? 1_555 MN ? E MN . ? A MN 101 ? 1_555 O  ? L HOH . ? A HOH 217 ? 1_555 93.2  ? 
23 O  ? L HOH . ? A HOH 208 ? 1_555 MN ? E MN . ? A MN 101 ? 1_555 O  ? L HOH . ? A HOH 217 ? 1_555 162.3 ? 
24 O  ? L HOH . ? A HOH 212 ? 1_555 MN ? E MN . ? A MN 101 ? 1_555 O  ? L HOH . ? A HOH 217 ? 1_555 77.9  ? 
25 O  ? L HOH . ? A HOH 215 ? 1_555 MN ? E MN . ? A MN 101 ? 1_555 O  ? L HOH . ? A HOH 217 ? 1_555 135.0 ? 
26 N7 ? A DG  6 ? A DG  6   ? 1_555 MN ? E MN . ? A MN 101 ? 1_555 O  ? L HOH . ? A HOH 224 ? 1_555 143.5 ? 
27 O  ? L HOH . ? A HOH 208 ? 1_555 MN ? E MN . ? A MN 101 ? 1_555 O  ? L HOH . ? A HOH 224 ? 1_555 93.7  ? 
28 O  ? L HOH . ? A HOH 212 ? 1_555 MN ? E MN . ? A MN 101 ? 1_555 O  ? L HOH . ? A HOH 224 ? 1_555 114.0 ? 
29 O  ? L HOH . ? A HOH 215 ? 1_555 MN ? E MN . ? A MN 101 ? 1_555 O  ? L HOH . ? A HOH 224 ? 1_555 130.7 ? 
30 O  ? L HOH . ? A HOH 217 ? 1_555 MN ? E MN . ? A MN 101 ? 1_555 O  ? L HOH . ? A HOH 224 ? 1_555 71.9  ? 
31 N7 ? B DG  6 ? B DG  6   ? 1_555 MN ? G MN . ? B MN 101 ? 1_555 O  ? M HOH . ? B HOH 212 ? 1_555 97.2  ? 
32 N7 ? B DG  6 ? B DG  6   ? 1_555 MN ? G MN . ? B MN 101 ? 1_555 O  ? M HOH . ? B HOH 215 ? 1_555 103.4 ? 
33 O  ? M HOH . ? B HOH 212 ? 1_555 MN ? G MN . ? B MN 101 ? 1_555 O  ? M HOH . ? B HOH 215 ? 1_555 83.4  ? 
34 N7 ? B DG  6 ? B DG  6   ? 1_555 MN ? G MN . ? B MN 101 ? 1_555 O  ? M HOH . ? B HOH 218 ? 1_555 167.5 ? 
35 O  ? M HOH . ? B HOH 212 ? 1_555 MN ? G MN . ? B MN 101 ? 1_555 O  ? M HOH . ? B HOH 218 ? 1_555 94.9  ? 
36 O  ? M HOH . ? B HOH 215 ? 1_555 MN ? G MN . ? B MN 101 ? 1_555 O  ? M HOH . ? B HOH 218 ? 1_555 74.7  ? 
# 
loop_
_pdbx_validate_rmsd_bond.id 
_pdbx_validate_rmsd_bond.PDB_model_num 
_pdbx_validate_rmsd_bond.auth_atom_id_1 
_pdbx_validate_rmsd_bond.auth_asym_id_1 
_pdbx_validate_rmsd_bond.auth_comp_id_1 
_pdbx_validate_rmsd_bond.auth_seq_id_1 
_pdbx_validate_rmsd_bond.PDB_ins_code_1 
_pdbx_validate_rmsd_bond.label_alt_id_1 
_pdbx_validate_rmsd_bond.auth_atom_id_2 
_pdbx_validate_rmsd_bond.auth_asym_id_2 
_pdbx_validate_rmsd_bond.auth_comp_id_2 
_pdbx_validate_rmsd_bond.auth_seq_id_2 
_pdbx_validate_rmsd_bond.PDB_ins_code_2 
_pdbx_validate_rmsd_bond.label_alt_id_2 
_pdbx_validate_rmsd_bond.bond_value 
_pdbx_validate_rmsd_bond.bond_target_value 
_pdbx_validate_rmsd_bond.bond_deviation 
_pdbx_validate_rmsd_bond.bond_standard_deviation 
_pdbx_validate_rmsd_bond.linker_flag 
1 1 "O3'" A DG  3 ? ? P A DG  4 ? A 1.469 1.607 -0.138 0.012 Y 
2 1 "O3'" A DG  3 ? ? P A DG  4 ? B 1.458 1.607 -0.149 0.012 Y 
3 1 C     D ALA 2 ? ? N D N2C 3 ? ? 1.494 1.336 0.158  0.023 Y 
4 1 C     D N2C 3 ? ? N D MVA 4 ? ? 1.506 1.336 0.170  0.023 Y 
5 1 C     D ALA 6 ? ? N D NCY 7 ? ? 1.477 1.336 0.141  0.023 Y 
6 1 C     D NCY 7 ? ? N D MVA 8 ? ? 1.501 1.336 0.165  0.023 Y 
7 1 C     E ALA 2 ? ? N E N2C 3 ? ? 1.479 1.336 0.143  0.023 Y 
8 1 C     E N2C 3 ? ? N E MVA 4 ? ? 1.498 1.336 0.162  0.023 Y 
9 1 C     E NCY 7 ? ? N E MVA 8 ? ? 1.492 1.336 0.156  0.023 Y 
# 
loop_
_pdbx_validate_rmsd_angle.id 
_pdbx_validate_rmsd_angle.PDB_model_num 
_pdbx_validate_rmsd_angle.auth_atom_id_1 
_pdbx_validate_rmsd_angle.auth_asym_id_1 
_pdbx_validate_rmsd_angle.auth_comp_id_1 
_pdbx_validate_rmsd_angle.auth_seq_id_1 
_pdbx_validate_rmsd_angle.PDB_ins_code_1 
_pdbx_validate_rmsd_angle.label_alt_id_1 
_pdbx_validate_rmsd_angle.auth_atom_id_2 
_pdbx_validate_rmsd_angle.auth_asym_id_2 
_pdbx_validate_rmsd_angle.auth_comp_id_2 
_pdbx_validate_rmsd_angle.auth_seq_id_2 
_pdbx_validate_rmsd_angle.PDB_ins_code_2 
_pdbx_validate_rmsd_angle.label_alt_id_2 
_pdbx_validate_rmsd_angle.auth_atom_id_3 
_pdbx_validate_rmsd_angle.auth_asym_id_3 
_pdbx_validate_rmsd_angle.auth_comp_id_3 
_pdbx_validate_rmsd_angle.auth_seq_id_3 
_pdbx_validate_rmsd_angle.PDB_ins_code_3 
_pdbx_validate_rmsd_angle.label_alt_id_3 
_pdbx_validate_rmsd_angle.angle_value 
_pdbx_validate_rmsd_angle.angle_target_value 
_pdbx_validate_rmsd_angle.angle_deviation 
_pdbx_validate_rmsd_angle.angle_standard_deviation 
_pdbx_validate_rmsd_angle.linker_flag 
1 1 "C3'" A DG 3 ? ? "O3'" A DG 3 ? ? P     A DG 4 ? A 133.79 119.70 14.09 1.20 Y 
2 1 "C3'" A DG 3 ? ? "O3'" A DG 3 ? ? P     A DG 4 ? B 132.07 119.70 12.37 1.20 Y 
3 1 C5    A DG 4 ? B C6    A DG 4 ? B O6    A DG 4 ? B 124.20 128.60 -4.40 0.60 N 
4 1 C8    A DG 4 ? B N9    A DG 4 ? B "C1'" A DG 4 ? B 118.29 127.00 -8.71 1.30 N 
5 1 C4    A DG 4 ? B N9    A DG 4 ? B "C1'" A DG 4 ? B 134.59 126.50 8.09  1.30 N 
6 1 "O4'" B DA 1 ? ? "C1'" B DA 1 ? ? "C2'" B DA 1 ? ? 109.96 106.80 3.16  0.50 N 
7 1 "O3'" B DC 2 ? A P     B DG 3 ? ? OP2   B DG 3 ? ? 120.59 110.50 10.09 1.10 Y 
8 1 "O3'" B DC 2 ? B P     B DG 3 ? ? OP2   B DG 3 ? ? 122.83 110.50 12.33 1.10 Y 
# 
_pdbx_molecule_features.prd_id    PRD_000491 
_pdbx_molecule_features.name      Echinomycin 
_pdbx_molecule_features.type      'Cyclic depsipeptide' 
_pdbx_molecule_features.class     Antibiotic 
_pdbx_molecule_features.details   
;ECHINOMYCIN IS A BICYCLIC OCTADEPSIPEPTIDE.
BICYCLIZATION IS ACHIEVED BY LINKING THE N- AND
THE C- TERMINI, AND A THIOACETAL BOND BETWEEN
RESIDUES 3 AND 7.
THE TWO QUINOXALINE CHROMOPHORES ARE LINKED
TO THE D-SERINE RESIDUES, RESIDUES 1 AND 5.
;
# 
loop_
_pdbx_molecule.instance_id 
_pdbx_molecule.prd_id 
_pdbx_molecule.asym_id 
1 PRD_000491 C 
1 PRD_000491 H 
1 PRD_000491 I 
2 PRD_000491 D 
2 PRD_000491 J 
2 PRD_000491 K 
# 
loop_
_pdbx_refine_tls.id 
_pdbx_refine_tls.pdbx_refine_id 
_pdbx_refine_tls.details 
_pdbx_refine_tls.method 
_pdbx_refine_tls.origin_x 
_pdbx_refine_tls.origin_y 
_pdbx_refine_tls.origin_z 
_pdbx_refine_tls.T[1][1] 
_pdbx_refine_tls.T[1][1]_esd 
_pdbx_refine_tls.T[1][2] 
_pdbx_refine_tls.T[1][2]_esd 
_pdbx_refine_tls.T[1][3] 
_pdbx_refine_tls.T[1][3]_esd 
_pdbx_refine_tls.T[2][2] 
_pdbx_refine_tls.T[2][2]_esd 
_pdbx_refine_tls.T[2][3] 
_pdbx_refine_tls.T[2][3]_esd 
_pdbx_refine_tls.T[3][3] 
_pdbx_refine_tls.T[3][3]_esd 
_pdbx_refine_tls.L[1][1] 
_pdbx_refine_tls.L[1][1]_esd 
_pdbx_refine_tls.L[1][2] 
_pdbx_refine_tls.L[1][2]_esd 
_pdbx_refine_tls.L[1][3] 
_pdbx_refine_tls.L[1][3]_esd 
_pdbx_refine_tls.L[2][2] 
_pdbx_refine_tls.L[2][2]_esd 
_pdbx_refine_tls.L[2][3] 
_pdbx_refine_tls.L[2][3]_esd 
_pdbx_refine_tls.L[3][3] 
_pdbx_refine_tls.L[3][3]_esd 
_pdbx_refine_tls.S[1][1] 
_pdbx_refine_tls.S[1][1]_esd 
_pdbx_refine_tls.S[1][2] 
_pdbx_refine_tls.S[1][2]_esd 
_pdbx_refine_tls.S[1][3] 
_pdbx_refine_tls.S[1][3]_esd 
_pdbx_refine_tls.S[2][1] 
_pdbx_refine_tls.S[2][1]_esd 
_pdbx_refine_tls.S[2][2] 
_pdbx_refine_tls.S[2][2]_esd 
_pdbx_refine_tls.S[2][3] 
_pdbx_refine_tls.S[2][3]_esd 
_pdbx_refine_tls.S[3][1] 
_pdbx_refine_tls.S[3][1]_esd 
_pdbx_refine_tls.S[3][2] 
_pdbx_refine_tls.S[3][2]_esd 
_pdbx_refine_tls.S[3][3] 
_pdbx_refine_tls.S[3][3]_esd 
1 'X-RAY DIFFRACTION' ? refined -1.3143 -0.1921 0.1307  0.2539 ? 0.0093  ? -0.0042 ? 0.3008 ? -0.0076 ? 0.2839 ? 5.1431 ? -0.2659 ? 0.1751  ? 5.9170 ? 0.1654  ? 5.5653 ? -0.5188 ? -0.0183 ? 0.3113  ? -0.1721 ? 0.2817  ? -0.9459 ? 0.1133 ? 0.5253  ? 0.2204  ? 
2 'X-RAY DIFFRACTION' ? refined -3.7946 -0.5996 0.5612  0.3652 ? -0.0090 ? -0.0301 ? 0.2724 ? 0.0246  ? 0.2377 ? 2.7342 ? 0.2263  ? -0.0719 ? 2.4386 ? 0.3805  ? 3.1583 ? -0.5376 ? -0.1002 ? 0.2851  ? -0.2015 ? 0.0830  ? -0.6720 ? 0.1349 ? 0.1503  ? 0.6107  ? 
3 'X-RAY DIFFRACTION' ? refined -8.0131 10.6982 3.0386  0.1683 ? 0.0454  ? -0.2293 ? 0.1313 ? 0.0275  ? 0.1596 ? 0.0723 ? 0.0074  ? -0.0063 ? 0.0085 ? -0.0161 ? 0.0300 ? -0.0090 ? -0.0607 ? 0.0018  ? 0.0127  ? -0.0105 ? -0.0058 ? 0.0128 ? -0.0104 ? -0.0038 ? 
4 'X-RAY DIFFRACTION' ? refined -7.0705 2.2392  -4.0848 0.3989 ? -0.0291 ? -0.0585 ? 0.1431 ? -0.0118 ? 0.1609 ? 0.0218 ? 0.0162  ? -0.0093 ? 0.1477 ? -0.0992 ? 0.0891 ? 0.0025  ? -0.0333 ? -0.0279 ? 0.0103  ? -0.0034 ? -0.0115 ? 0.0440 ? -0.0064 ? 0.0266  ? 
# 
loop_
_pdbx_refine_tls_group.id 
_pdbx_refine_tls_group.pdbx_refine_id 
_pdbx_refine_tls_group.refine_tls_id 
_pdbx_refine_tls_group.beg_label_asym_id 
_pdbx_refine_tls_group.beg_label_seq_id 
_pdbx_refine_tls_group.beg_auth_asym_id 
_pdbx_refine_tls_group.beg_auth_seq_id 
_pdbx_refine_tls_group.beg_PDB_ins_code 
_pdbx_refine_tls_group.end_label_asym_id 
_pdbx_refine_tls_group.end_label_seq_id 
_pdbx_refine_tls_group.end_auth_asym_id 
_pdbx_refine_tls_group.end_auth_seq_id 
_pdbx_refine_tls_group.end_PDB_ins_code 
_pdbx_refine_tls_group.selection 
_pdbx_refine_tls_group.selection_details 
1 'X-RAY DIFFRACTION' 1 ? ? ? ? ? ? ? ? ? ? ? 
;chain 'D'
;
2 'X-RAY DIFFRACTION' 2 ? ? ? ? ? ? ? ? ? ? ? 
;(chain 'A' and (resid 1 or resid 3 or resid 5
through 7)) or (chain 'B' and (resid 1 or
resid 3 or resid 5 through 7))
;
3 'X-RAY DIFFRACTION' 3 ? ? ? ? ? ? ? ? ? ? ? 
;(chain 'B' and resid 2)
;
4 'X-RAY DIFFRACTION' 4 ? ? ? ? ? ? ? ? ? ? ? 
;(chain 'B' and resid 4)
;
# 
_pdbx_entry_details.entry_id                   8XP8 
_pdbx_entry_details.nonpolymer_details         ? 
_pdbx_entry_details.sequence_details           ? 
_pdbx_entry_details.compound_details           
;THE ECHINOMYCIN IS A BICYCLIC OCTADEPSIPEPTIDE, A MEMBER
OF THE QUINOXALINE CLASS OF ANTIBIOTICS.
HERE, ECHINOMYCIN IS REPRESENTED BY GROUPING TOGETHER THE
SEQUENCE (SEQRES) AND TWO LIGANDS (HET) QUI.
;
_pdbx_entry_details.source_details             ? 
_pdbx_entry_details.has_ligand_of_interest     N 
_pdbx_entry_details.has_protein_modification   ? 
# 
loop_
_chem_comp_atom.comp_id 
_chem_comp_atom.atom_id 
_chem_comp_atom.type_symbol 
_chem_comp_atom.pdbx_aromatic_flag 
_chem_comp_atom.pdbx_stereo_config 
_chem_comp_atom.pdbx_ordinal 
5CM N1     N  N N 1   
5CM C2     C  N N 2   
5CM N3     N  N N 3   
5CM C4     C  N N 4   
5CM C5     C  N N 5   
5CM C5A    C  N N 6   
5CM C6     C  N N 7   
5CM O2     O  N N 8   
5CM N4     N  N N 9   
5CM "C1'"  C  N R 10  
5CM "C2'"  C  N N 11  
5CM "C3'"  C  N S 12  
5CM "C4'"  C  N R 13  
5CM "O4'"  O  N N 14  
5CM "O3'"  O  N N 15  
5CM "C5'"  C  N N 16  
5CM "O5'"  O  N N 17  
5CM P      P  N N 18  
5CM OP1    O  N N 19  
5CM OP2    O  N N 20  
5CM OP3    O  N N 21  
5CM H5A1   H  N N 22  
5CM H5A2   H  N N 23  
5CM H5A3   H  N N 24  
5CM H6     H  N N 25  
5CM HN41   H  N N 26  
5CM HN42   H  N N 27  
5CM "H1'"  H  N N 28  
5CM "H2'"  H  N N 29  
5CM "H2''" H  N N 30  
5CM "H3'"  H  N N 31  
5CM "H4'"  H  N N 32  
5CM "HO3'" H  N N 33  
5CM "H5'"  H  N N 34  
5CM "H5''" H  N N 35  
5CM HOP2   H  N N 36  
5CM HOP3   H  N N 37  
ALA N      N  N N 38  
ALA CA     C  N S 39  
ALA C      C  N N 40  
ALA O      O  N N 41  
ALA CB     C  N N 42  
ALA OXT    O  N N 43  
ALA H      H  N N 44  
ALA H2     H  N N 45  
ALA HA     H  N N 46  
ALA HB1    H  N N 47  
ALA HB2    H  N N 48  
ALA HB3    H  N N 49  
ALA HXT    H  N N 50  
DA  OP3    O  N N 51  
DA  P      P  N N 52  
DA  OP1    O  N N 53  
DA  OP2    O  N N 54  
DA  "O5'"  O  N N 55  
DA  "C5'"  C  N N 56  
DA  "C4'"  C  N R 57  
DA  "O4'"  O  N N 58  
DA  "C3'"  C  N S 59  
DA  "O3'"  O  N N 60  
DA  "C2'"  C  N N 61  
DA  "C1'"  C  N R 62  
DA  N9     N  Y N 63  
DA  C8     C  Y N 64  
DA  N7     N  Y N 65  
DA  C5     C  Y N 66  
DA  C6     C  Y N 67  
DA  N6     N  N N 68  
DA  N1     N  Y N 69  
DA  C2     C  Y N 70  
DA  N3     N  Y N 71  
DA  C4     C  Y N 72  
DA  HOP3   H  N N 73  
DA  HOP2   H  N N 74  
DA  "H5'"  H  N N 75  
DA  "H5''" H  N N 76  
DA  "H4'"  H  N N 77  
DA  "H3'"  H  N N 78  
DA  "HO3'" H  N N 79  
DA  "H2'"  H  N N 80  
DA  "H2''" H  N N 81  
DA  "H1'"  H  N N 82  
DA  H8     H  N N 83  
DA  H61    H  N N 84  
DA  H62    H  N N 85  
DA  H2     H  N N 86  
DC  OP3    O  N N 87  
DC  P      P  N N 88  
DC  OP1    O  N N 89  
DC  OP2    O  N N 90  
DC  "O5'"  O  N N 91  
DC  "C5'"  C  N N 92  
DC  "C4'"  C  N R 93  
DC  "O4'"  O  N N 94  
DC  "C3'"  C  N S 95  
DC  "O3'"  O  N N 96  
DC  "C2'"  C  N N 97  
DC  "C1'"  C  N R 98  
DC  N1     N  N N 99  
DC  C2     C  N N 100 
DC  O2     O  N N 101 
DC  N3     N  N N 102 
DC  C4     C  N N 103 
DC  N4     N  N N 104 
DC  C5     C  N N 105 
DC  C6     C  N N 106 
DC  HOP3   H  N N 107 
DC  HOP2   H  N N 108 
DC  "H5'"  H  N N 109 
DC  "H5''" H  N N 110 
DC  "H4'"  H  N N 111 
DC  "H3'"  H  N N 112 
DC  "HO3'" H  N N 113 
DC  "H2'"  H  N N 114 
DC  "H2''" H  N N 115 
DC  "H1'"  H  N N 116 
DC  H41    H  N N 117 
DC  H42    H  N N 118 
DC  H5     H  N N 119 
DC  H6     H  N N 120 
DG  OP3    O  N N 121 
DG  P      P  N N 122 
DG  OP1    O  N N 123 
DG  OP2    O  N N 124 
DG  "O5'"  O  N N 125 
DG  "C5'"  C  N N 126 
DG  "C4'"  C  N R 127 
DG  "O4'"  O  N N 128 
DG  "C3'"  C  N S 129 
DG  "O3'"  O  N N 130 
DG  "C2'"  C  N N 131 
DG  "C1'"  C  N R 132 
DG  N9     N  Y N 133 
DG  C8     C  Y N 134 
DG  N7     N  Y N 135 
DG  C5     C  Y N 136 
DG  C6     C  N N 137 
DG  O6     O  N N 138 
DG  N1     N  N N 139 
DG  C2     C  N N 140 
DG  N2     N  N N 141 
DG  N3     N  N N 142 
DG  C4     C  Y N 143 
DG  HOP3   H  N N 144 
DG  HOP2   H  N N 145 
DG  "H5'"  H  N N 146 
DG  "H5''" H  N N 147 
DG  "H4'"  H  N N 148 
DG  "H3'"  H  N N 149 
DG  "HO3'" H  N N 150 
DG  "H2'"  H  N N 151 
DG  "H2''" H  N N 152 
DG  "H1'"  H  N N 153 
DG  H8     H  N N 154 
DG  H1     H  N N 155 
DG  H21    H  N N 156 
DG  H22    H  N N 157 
DSN N      N  N N 158 
DSN CA     C  N R 159 
DSN C      C  N N 160 
DSN O      O  N N 161 
DSN OXT    O  N N 162 
DSN CB     C  N N 163 
DSN OG     O  N N 164 
DSN H      H  N N 165 
DSN H2     H  N N 166 
DSN HA     H  N N 167 
DSN HXT    H  N N 168 
DSN HB2    H  N N 169 
DSN HB3    H  N N 170 
DSN HG     H  N N 171 
DT  OP3    O  N N 172 
DT  P      P  N N 173 
DT  OP1    O  N N 174 
DT  OP2    O  N N 175 
DT  "O5'"  O  N N 176 
DT  "C5'"  C  N N 177 
DT  "C4'"  C  N R 178 
DT  "O4'"  O  N N 179 
DT  "C3'"  C  N S 180 
DT  "O3'"  O  N N 181 
DT  "C2'"  C  N N 182 
DT  "C1'"  C  N R 183 
DT  N1     N  N N 184 
DT  C2     C  N N 185 
DT  O2     O  N N 186 
DT  N3     N  N N 187 
DT  C4     C  N N 188 
DT  O4     O  N N 189 
DT  C5     C  N N 190 
DT  C7     C  N N 191 
DT  C6     C  N N 192 
DT  HOP3   H  N N 193 
DT  HOP2   H  N N 194 
DT  "H5'"  H  N N 195 
DT  "H5''" H  N N 196 
DT  "H4'"  H  N N 197 
DT  "H3'"  H  N N 198 
DT  "HO3'" H  N N 199 
DT  "H2'"  H  N N 200 
DT  "H2''" H  N N 201 
DT  "H1'"  H  N N 202 
DT  H3     H  N N 203 
DT  H71    H  N N 204 
DT  H72    H  N N 205 
DT  H73    H  N N 206 
DT  H6     H  N N 207 
HOH O      O  N N 208 
HOH H1     H  N N 209 
HOH H2     H  N N 210 
MN  MN     MN N N 211 
MVA N      N  N N 212 
MVA CN     C  N N 213 
MVA CA     C  N S 214 
MVA CB     C  N N 215 
MVA CG1    C  N N 216 
MVA CG2    C  N N 217 
MVA C      C  N N 218 
MVA O      O  N N 219 
MVA OXT    O  N N 220 
MVA H      H  N N 221 
MVA HN1    H  N N 222 
MVA HN2    H  N N 223 
MVA HN3    H  N N 224 
MVA HA     H  N N 225 
MVA HB     H  N N 226 
MVA HG11   H  N N 227 
MVA HG12   H  N N 228 
MVA HG13   H  N N 229 
MVA HG21   H  N N 230 
MVA HG22   H  N N 231 
MVA HG23   H  N N 232 
MVA HXT    H  N N 233 
N2C N      N  N N 234 
N2C CA     C  N R 235 
N2C CB     C  N N 236 
N2C SG     S  N N 237 
N2C CD     C  N N 238 
N2C CN     C  N N 239 
N2C C      C  N N 240 
N2C O      O  N N 241 
N2C OXT    O  N N 242 
N2C H      H  N N 243 
N2C HA     H  N N 244 
N2C HB2    H  N N 245 
N2C HB3    H  N N 246 
N2C HD1    H  N N 247 
N2C HD2    H  N N 248 
N2C HD3    H  N N 249 
N2C HN1    H  N N 250 
N2C HN2    H  N N 251 
N2C HN3    H  N N 252 
N2C HXT    H  N N 253 
NCY N      N  N N 254 
NCY CA     C  N R 255 
NCY CB     C  N N 256 
NCY SG     S  N N 257 
NCY CN     C  N N 258 
NCY C      C  N N 259 
NCY O      O  N N 260 
NCY OXT    O  N N 261 
NCY H      H  N N 262 
NCY HA     H  N N 263 
NCY HB2    H  N N 264 
NCY HB3    H  N N 265 
NCY HG     H  N N 266 
NCY HCN1   H  N N 267 
NCY HCN2   H  N N 268 
NCY HCN3   H  N N 269 
NCY HXT    H  N N 270 
QUI N1     N  Y N 271 
QUI C2     C  Y N 272 
QUI C3     C  Y N 273 
QUI N4     N  Y N 274 
QUI C5     C  Y N 275 
QUI C6     C  Y N 276 
QUI C7     C  Y N 277 
QUI C8     C  Y N 278 
QUI C9     C  Y N 279 
QUI C10    C  Y N 280 
QUI C      C  N N 281 
QUI O1     O  N N 282 
QUI O2     O  N N 283 
QUI H3     H  N N 284 
QUI H5     H  N N 285 
QUI H6     H  N N 286 
QUI H7     H  N N 287 
QUI H8     H  N N 288 
QUI HO2    H  N N 289 
# 
loop_
_chem_comp_bond.comp_id 
_chem_comp_bond.atom_id_1 
_chem_comp_bond.atom_id_2 
_chem_comp_bond.value_order 
_chem_comp_bond.pdbx_aromatic_flag 
_chem_comp_bond.pdbx_stereo_config 
_chem_comp_bond.pdbx_ordinal 
5CM N1    C2     sing N N 1   
5CM N1    C6     sing N N 2   
5CM N1    "C1'"  sing N N 3   
5CM C2    N3     sing N N 4   
5CM C2    O2     doub N N 5   
5CM N3    C4     doub N N 6   
5CM C4    C5     sing N N 7   
5CM C4    N4     sing N N 8   
5CM C5    C5A    sing N N 9   
5CM C5    C6     doub N N 10  
5CM C5A   H5A1   sing N N 11  
5CM C5A   H5A2   sing N N 12  
5CM C5A   H5A3   sing N N 13  
5CM C6    H6     sing N N 14  
5CM N4    HN41   sing N N 15  
5CM N4    HN42   sing N N 16  
5CM "C1'" "C2'"  sing N N 17  
5CM "C1'" "O4'"  sing N N 18  
5CM "C1'" "H1'"  sing N N 19  
5CM "C2'" "C3'"  sing N N 20  
5CM "C2'" "H2'"  sing N N 21  
5CM "C2'" "H2''" sing N N 22  
5CM "C3'" "C4'"  sing N N 23  
5CM "C3'" "O3'"  sing N N 24  
5CM "C3'" "H3'"  sing N N 25  
5CM "C4'" "O4'"  sing N N 26  
5CM "C4'" "C5'"  sing N N 27  
5CM "C4'" "H4'"  sing N N 28  
5CM "O3'" "HO3'" sing N N 29  
5CM "C5'" "O5'"  sing N N 30  
5CM "C5'" "H5'"  sing N N 31  
5CM "C5'" "H5''" sing N N 32  
5CM "O5'" P      sing N N 33  
5CM P     OP1    doub N N 34  
5CM P     OP2    sing N N 35  
5CM P     OP3    sing N N 36  
5CM OP2   HOP2   sing N N 37  
5CM OP3   HOP3   sing N N 38  
ALA N     CA     sing N N 39  
ALA N     H      sing N N 40  
ALA N     H2     sing N N 41  
ALA CA    C      sing N N 42  
ALA CA    CB     sing N N 43  
ALA CA    HA     sing N N 44  
ALA C     O      doub N N 45  
ALA C     OXT    sing N N 46  
ALA CB    HB1    sing N N 47  
ALA CB    HB2    sing N N 48  
ALA CB    HB3    sing N N 49  
ALA OXT   HXT    sing N N 50  
DA  OP3   P      sing N N 51  
DA  OP3   HOP3   sing N N 52  
DA  P     OP1    doub N N 53  
DA  P     OP2    sing N N 54  
DA  P     "O5'"  sing N N 55  
DA  OP2   HOP2   sing N N 56  
DA  "O5'" "C5'"  sing N N 57  
DA  "C5'" "C4'"  sing N N 58  
DA  "C5'" "H5'"  sing N N 59  
DA  "C5'" "H5''" sing N N 60  
DA  "C4'" "O4'"  sing N N 61  
DA  "C4'" "C3'"  sing N N 62  
DA  "C4'" "H4'"  sing N N 63  
DA  "O4'" "C1'"  sing N N 64  
DA  "C3'" "O3'"  sing N N 65  
DA  "C3'" "C2'"  sing N N 66  
DA  "C3'" "H3'"  sing N N 67  
DA  "O3'" "HO3'" sing N N 68  
DA  "C2'" "C1'"  sing N N 69  
DA  "C2'" "H2'"  sing N N 70  
DA  "C2'" "H2''" sing N N 71  
DA  "C1'" N9     sing N N 72  
DA  "C1'" "H1'"  sing N N 73  
DA  N9    C8     sing Y N 74  
DA  N9    C4     sing Y N 75  
DA  C8    N7     doub Y N 76  
DA  C8    H8     sing N N 77  
DA  N7    C5     sing Y N 78  
DA  C5    C6     sing Y N 79  
DA  C5    C4     doub Y N 80  
DA  C6    N6     sing N N 81  
DA  C6    N1     doub Y N 82  
DA  N6    H61    sing N N 83  
DA  N6    H62    sing N N 84  
DA  N1    C2     sing Y N 85  
DA  C2    N3     doub Y N 86  
DA  C2    H2     sing N N 87  
DA  N3    C4     sing Y N 88  
DC  OP3   P      sing N N 89  
DC  OP3   HOP3   sing N N 90  
DC  P     OP1    doub N N 91  
DC  P     OP2    sing N N 92  
DC  P     "O5'"  sing N N 93  
DC  OP2   HOP2   sing N N 94  
DC  "O5'" "C5'"  sing N N 95  
DC  "C5'" "C4'"  sing N N 96  
DC  "C5'" "H5'"  sing N N 97  
DC  "C5'" "H5''" sing N N 98  
DC  "C4'" "O4'"  sing N N 99  
DC  "C4'" "C3'"  sing N N 100 
DC  "C4'" "H4'"  sing N N 101 
DC  "O4'" "C1'"  sing N N 102 
DC  "C3'" "O3'"  sing N N 103 
DC  "C3'" "C2'"  sing N N 104 
DC  "C3'" "H3'"  sing N N 105 
DC  "O3'" "HO3'" sing N N 106 
DC  "C2'" "C1'"  sing N N 107 
DC  "C2'" "H2'"  sing N N 108 
DC  "C2'" "H2''" sing N N 109 
DC  "C1'" N1     sing N N 110 
DC  "C1'" "H1'"  sing N N 111 
DC  N1    C2     sing N N 112 
DC  N1    C6     sing N N 113 
DC  C2    O2     doub N N 114 
DC  C2    N3     sing N N 115 
DC  N3    C4     doub N N 116 
DC  C4    N4     sing N N 117 
DC  C4    C5     sing N N 118 
DC  N4    H41    sing N N 119 
DC  N4    H42    sing N N 120 
DC  C5    C6     doub N N 121 
DC  C5    H5     sing N N 122 
DC  C6    H6     sing N N 123 
DG  OP3   P      sing N N 124 
DG  OP3   HOP3   sing N N 125 
DG  P     OP1    doub N N 126 
DG  P     OP2    sing N N 127 
DG  P     "O5'"  sing N N 128 
DG  OP2   HOP2   sing N N 129 
DG  "O5'" "C5'"  sing N N 130 
DG  "C5'" "C4'"  sing N N 131 
DG  "C5'" "H5'"  sing N N 132 
DG  "C5'" "H5''" sing N N 133 
DG  "C4'" "O4'"  sing N N 134 
DG  "C4'" "C3'"  sing N N 135 
DG  "C4'" "H4'"  sing N N 136 
DG  "O4'" "C1'"  sing N N 137 
DG  "C3'" "O3'"  sing N N 138 
DG  "C3'" "C2'"  sing N N 139 
DG  "C3'" "H3'"  sing N N 140 
DG  "O3'" "HO3'" sing N N 141 
DG  "C2'" "C1'"  sing N N 142 
DG  "C2'" "H2'"  sing N N 143 
DG  "C2'" "H2''" sing N N 144 
DG  "C1'" N9     sing N N 145 
DG  "C1'" "H1'"  sing N N 146 
DG  N9    C8     sing Y N 147 
DG  N9    C4     sing Y N 148 
DG  C8    N7     doub Y N 149 
DG  C8    H8     sing N N 150 
DG  N7    C5     sing Y N 151 
DG  C5    C6     sing N N 152 
DG  C5    C4     doub Y N 153 
DG  C6    O6     doub N N 154 
DG  C6    N1     sing N N 155 
DG  N1    C2     sing N N 156 
DG  N1    H1     sing N N 157 
DG  C2    N2     sing N N 158 
DG  C2    N3     doub N N 159 
DG  N2    H21    sing N N 160 
DG  N2    H22    sing N N 161 
DG  N3    C4     sing N N 162 
DSN N     CA     sing N N 163 
DSN N     H      sing N N 164 
DSN N     H2     sing N N 165 
DSN CA    C      sing N N 166 
DSN CA    CB     sing N N 167 
DSN CA    HA     sing N N 168 
DSN C     O      doub N N 169 
DSN C     OXT    sing N N 170 
DSN OXT   HXT    sing N N 171 
DSN CB    OG     sing N N 172 
DSN CB    HB2    sing N N 173 
DSN CB    HB3    sing N N 174 
DSN OG    HG     sing N N 175 
DT  OP3   P      sing N N 176 
DT  OP3   HOP3   sing N N 177 
DT  P     OP1    doub N N 178 
DT  P     OP2    sing N N 179 
DT  P     "O5'"  sing N N 180 
DT  OP2   HOP2   sing N N 181 
DT  "O5'" "C5'"  sing N N 182 
DT  "C5'" "C4'"  sing N N 183 
DT  "C5'" "H5'"  sing N N 184 
DT  "C5'" "H5''" sing N N 185 
DT  "C4'" "O4'"  sing N N 186 
DT  "C4'" "C3'"  sing N N 187 
DT  "C4'" "H4'"  sing N N 188 
DT  "O4'" "C1'"  sing N N 189 
DT  "C3'" "O3'"  sing N N 190 
DT  "C3'" "C2'"  sing N N 191 
DT  "C3'" "H3'"  sing N N 192 
DT  "O3'" "HO3'" sing N N 193 
DT  "C2'" "C1'"  sing N N 194 
DT  "C2'" "H2'"  sing N N 195 
DT  "C2'" "H2''" sing N N 196 
DT  "C1'" N1     sing N N 197 
DT  "C1'" "H1'"  sing N N 198 
DT  N1    C2     sing N N 199 
DT  N1    C6     sing N N 200 
DT  C2    O2     doub N N 201 
DT  C2    N3     sing N N 202 
DT  N3    C4     sing N N 203 
DT  N3    H3     sing N N 204 
DT  C4    O4     doub N N 205 
DT  C4    C5     sing N N 206 
DT  C5    C7     sing N N 207 
DT  C5    C6     doub N N 208 
DT  C7    H71    sing N N 209 
DT  C7    H72    sing N N 210 
DT  C7    H73    sing N N 211 
DT  C6    H6     sing N N 212 
HOH O     H1     sing N N 213 
HOH O     H2     sing N N 214 
MVA N     CN     sing N N 215 
MVA N     CA     sing N N 216 
MVA N     H      sing N N 217 
MVA CN    HN1    sing N N 218 
MVA CN    HN2    sing N N 219 
MVA CN    HN3    sing N N 220 
MVA CA    CB     sing N N 221 
MVA CA    C      sing N N 222 
MVA CA    HA     sing N N 223 
MVA CB    CG1    sing N N 224 
MVA CB    CG2    sing N N 225 
MVA CB    HB     sing N N 226 
MVA CG1   HG11   sing N N 227 
MVA CG1   HG12   sing N N 228 
MVA CG1   HG13   sing N N 229 
MVA CG2   HG21   sing N N 230 
MVA CG2   HG22   sing N N 231 
MVA CG2   HG23   sing N N 232 
MVA C     O      doub N N 233 
MVA C     OXT    sing N N 234 
MVA OXT   HXT    sing N N 235 
N2C N     CA     sing N N 236 
N2C N     CN     sing N N 237 
N2C N     H      sing N N 238 
N2C CA    CB     sing N N 239 
N2C CA    C      sing N N 240 
N2C CA    HA     sing N N 241 
N2C CB    SG     sing N N 242 
N2C CB    HB2    sing N N 243 
N2C CB    HB3    sing N N 244 
N2C SG    CD     sing N N 245 
N2C CD    HD1    sing N N 246 
N2C CD    HD2    sing N N 247 
N2C CD    HD3    sing N N 248 
N2C CN    HN1    sing N N 249 
N2C CN    HN2    sing N N 250 
N2C CN    HN3    sing N N 251 
N2C C     O      doub N N 252 
N2C C     OXT    sing N N 253 
N2C OXT   HXT    sing N N 254 
NCY N     CA     sing N N 255 
NCY N     CN     sing N N 256 
NCY N     H      sing N N 257 
NCY CA    CB     sing N N 258 
NCY CA    C      sing N N 259 
NCY CA    HA     sing N N 260 
NCY CB    SG     sing N N 261 
NCY CB    HB2    sing N N 262 
NCY CB    HB3    sing N N 263 
NCY SG    HG     sing N N 264 
NCY CN    HCN1   sing N N 265 
NCY CN    HCN2   sing N N 266 
NCY CN    HCN3   sing N N 267 
NCY C     O      doub N N 268 
NCY C     OXT    sing N N 269 
NCY OXT   HXT    sing N N 270 
QUI N1    C2     doub Y N 271 
QUI N1    C9     sing Y N 272 
QUI C2    C3     sing Y N 273 
QUI C2    C      sing N N 274 
QUI C3    N4     doub Y N 275 
QUI C3    H3     sing N N 276 
QUI N4    C10    sing Y N 277 
QUI C5    C6     doub Y N 278 
QUI C5    C10    sing Y N 279 
QUI C5    H5     sing N N 280 
QUI C6    C7     sing Y N 281 
QUI C6    H6     sing N N 282 
QUI C7    C8     doub Y N 283 
QUI C7    H7     sing N N 284 
QUI C8    C9     sing Y N 285 
QUI C8    H8     sing N N 286 
QUI C9    C10    doub Y N 287 
QUI C     O1     doub N N 288 
QUI C     O2     sing N N 289 
QUI O2    HO2    sing N N 290 
# 
_ndb_struct_conf_na.entry_id   8XP8 
_ndb_struct_conf_na.feature    'double helix' 
# 
loop_
_ndb_struct_na_base_pair.model_number 
_ndb_struct_na_base_pair.i_label_asym_id 
_ndb_struct_na_base_pair.i_label_comp_id 
_ndb_struct_na_base_pair.i_label_seq_id 
_ndb_struct_na_base_pair.i_symmetry 
_ndb_struct_na_base_pair.j_label_asym_id 
_ndb_struct_na_base_pair.j_label_comp_id 
_ndb_struct_na_base_pair.j_label_seq_id 
_ndb_struct_na_base_pair.j_symmetry 
_ndb_struct_na_base_pair.shear 
_ndb_struct_na_base_pair.stretch 
_ndb_struct_na_base_pair.stagger 
_ndb_struct_na_base_pair.buckle 
_ndb_struct_na_base_pair.propeller 
_ndb_struct_na_base_pair.opening 
_ndb_struct_na_base_pair.pair_number 
_ndb_struct_na_base_pair.pair_name 
_ndb_struct_na_base_pair.i_auth_asym_id 
_ndb_struct_na_base_pair.i_auth_seq_id 
_ndb_struct_na_base_pair.i_PDB_ins_code 
_ndb_struct_na_base_pair.j_auth_asym_id 
_ndb_struct_na_base_pair.j_auth_seq_id 
_ndb_struct_na_base_pair.j_PDB_ins_code 
_ndb_struct_na_base_pair.hbond_type_28 
_ndb_struct_na_base_pair.hbond_type_12 
1 A DA 1 1_555 B DT  7 1_555 0.394  -0.199 0.127 1.359   -0.643 2.585  1 A_DA1:DT7_B  A 1 ? B 7 ? 20 1 
1 A DC 2 1_555 B DG  6 1_555 0.320  -0.211 0.132 -18.320 6.092  -1.032 2 A_DC2:DG6_B  A 2 ? B 6 ? 19 1 
1 A DG 3 1_555 B DC  5 1_555 -0.309 -0.169 0.070 19.823  6.493  -2.419 3 A_DG3:DC5_B  A 3 ? B 5 ? 19 1 
1 A DG 4 1_555 B 5CM 4 1_555 0.317  -0.420 0.507 9.560   2.472  -2.774 4 A_DG4:5CM4_B A 4 ? B 4 ? 19 1 
1 A DC 5 1_555 B DG  3 1_555 0.332  -0.148 0.067 -18.978 5.172  -2.715 5 A_DC5:DG3_B  A 5 ? B 3 ? 19 1 
1 A DG 6 1_555 B DC  2 1_555 -0.792 -0.155 0.001 18.200  0.512  0.722  6 A_DG6:DC2_B  A 6 ? B 2 ? 19 1 
1 A DT 7 1_555 B DA  1 1_555 -0.203 -0.167 0.137 -2.761  4.263  3.060  7 A_DT7:DA1_B  A 7 ? B 1 ? 20 1 
# 
loop_
_ndb_struct_na_base_pair_step.model_number 
_ndb_struct_na_base_pair_step.i_label_asym_id_1 
_ndb_struct_na_base_pair_step.i_label_comp_id_1 
_ndb_struct_na_base_pair_step.i_label_seq_id_1 
_ndb_struct_na_base_pair_step.i_symmetry_1 
_ndb_struct_na_base_pair_step.j_label_asym_id_1 
_ndb_struct_na_base_pair_step.j_label_comp_id_1 
_ndb_struct_na_base_pair_step.j_label_seq_id_1 
_ndb_struct_na_base_pair_step.j_symmetry_1 
_ndb_struct_na_base_pair_step.i_label_asym_id_2 
_ndb_struct_na_base_pair_step.i_label_comp_id_2 
_ndb_struct_na_base_pair_step.i_label_seq_id_2 
_ndb_struct_na_base_pair_step.i_symmetry_2 
_ndb_struct_na_base_pair_step.j_label_asym_id_2 
_ndb_struct_na_base_pair_step.j_label_comp_id_2 
_ndb_struct_na_base_pair_step.j_label_seq_id_2 
_ndb_struct_na_base_pair_step.j_symmetry_2 
_ndb_struct_na_base_pair_step.shift 
_ndb_struct_na_base_pair_step.slide 
_ndb_struct_na_base_pair_step.rise 
_ndb_struct_na_base_pair_step.tilt 
_ndb_struct_na_base_pair_step.roll 
_ndb_struct_na_base_pair_step.twist 
_ndb_struct_na_base_pair_step.x_displacement 
_ndb_struct_na_base_pair_step.y_displacement 
_ndb_struct_na_base_pair_step.helical_rise 
_ndb_struct_na_base_pair_step.inclination 
_ndb_struct_na_base_pair_step.tip 
_ndb_struct_na_base_pair_step.helical_twist 
_ndb_struct_na_base_pair_step.step_number 
_ndb_struct_na_base_pair_step.step_name 
_ndb_struct_na_base_pair_step.i_auth_asym_id_1 
_ndb_struct_na_base_pair_step.i_auth_seq_id_1 
_ndb_struct_na_base_pair_step.i_PDB_ins_code_1 
_ndb_struct_na_base_pair_step.j_auth_asym_id_1 
_ndb_struct_na_base_pair_step.j_auth_seq_id_1 
_ndb_struct_na_base_pair_step.j_PDB_ins_code_1 
_ndb_struct_na_base_pair_step.i_auth_asym_id_2 
_ndb_struct_na_base_pair_step.i_auth_seq_id_2 
_ndb_struct_na_base_pair_step.i_PDB_ins_code_2 
_ndb_struct_na_base_pair_step.j_auth_asym_id_2 
_ndb_struct_na_base_pair_step.j_auth_seq_id_2 
_ndb_struct_na_base_pair_step.j_PDB_ins_code_2 
1 A DA 1 1_555 B DT  7 1_555 A DC 2 1_555 B DG  6 1_555 0.416  0.775 6.822 9.715   2.009  15.183 0.013  10.507 6.030 6.745   
-32.614 18.121 1 AA_DA1DC2:DG6DT7_BB  A 1 ? B 7 ? A 2 ? B 6 ? 
1 A DC 2 1_555 B DG  6 1_555 A DG 3 1_555 B DC  5 1_555 -0.055 2.647 2.605 0.705   -1.989 10.794 16.034 1.077  2.076 -10.441 
-3.704  10.998 2 AA_DC2DG3:DC5DG6_BB  A 2 ? B 6 ? A 3 ? B 5 ? 
1 A DG 3 1_555 B DC  5 1_555 A DG 4 1_555 B 5CM 4 1_555 -0.392 0.505 6.853 -13.386 -6.856 17.021 6.547  -9.280 5.237 -19.024 
37.142  22.677 3 AA_DG3DG4:5CM4DC5_BB A 3 ? B 5 ? A 4 ? B 4 ? 
1 A DG 4 1_555 B 5CM 4 1_555 A DC 5 1_555 B DG  3 1_555 0.738  1.054 7.207 14.380  -1.718 14.592 4.698  12.500 5.562 -5.341  
-44.696 20.532 4 AA_DG4DC5:DG35CM4_BB A 4 ? B 4 ? A 5 ? B 3 ? 
1 A DC 5 1_555 B DG  3 1_555 A DG 6 1_555 B DC  2 1_555 0.198  2.663 2.712 -0.575  -1.086 10.193 16.398 -1.910 2.401 -6.086  3.223 
10.266 5 AA_DC5DG6:DC2DG3_BB  A 5 ? B 3 ? A 6 ? B 2 ? 
1 A DG 6 1_555 B DC  2 1_555 A DT 7 1_555 B DA  1 1_555 -0.632 0.872 6.816 -10.616 -0.868 16.508 3.458  -9.145 6.042 -2.688  
32.887  19.626 6 AA_DG6DT7:DA1DC2_BB  A 6 ? B 2 ? A 7 ? B 1 ? 
# 
_pdbx_audit_support.funding_organization   'Ministry of Science and Technology (MoST, Taiwan)' 
_pdbx_audit_support.country                Taiwan 
_pdbx_audit_support.grant_number           ? 
_pdbx_audit_support.ordinal                1 
# 
_pdbx_initial_refinement_model.id               1 
_pdbx_initial_refinement_model.entity_id_list   ? 
_pdbx_initial_refinement_model.type             'experimental model' 
_pdbx_initial_refinement_model.source_name      PDB 
_pdbx_initial_refinement_model.accession_code   5YTZ 
_pdbx_initial_refinement_model.details          ? 
# 
_atom_sites.entry_id                    8XP8 
_atom_sites.Cartn_transf_matrix[1][1]   ? 
_atom_sites.Cartn_transf_matrix[1][2]   ? 
_atom_sites.Cartn_transf_matrix[1][3]   ? 
_atom_sites.Cartn_transf_matrix[2][1]   ? 
_atom_sites.Cartn_transf_matrix[2][2]   ? 
_atom_sites.Cartn_transf_matrix[2][3]   ? 
_atom_sites.Cartn_transf_matrix[3][1]   ? 
_atom_sites.Cartn_transf_matrix[3][2]   ? 
_atom_sites.Cartn_transf_matrix[3][3]   ? 
_atom_sites.Cartn_transf_vector[1]      ? 
_atom_sites.Cartn_transf_vector[2]      ? 
_atom_sites.Cartn_transf_vector[3]      ? 
_atom_sites.Cartn_transform_axes        ? 
_atom_sites.fract_transf_matrix[1][1]   -0.00387756 
_atom_sites.fract_transf_matrix[1][2]   0.00211471 
_atom_sites.fract_transf_matrix[1][3]   -0.02452970 
_atom_sites.fract_transf_matrix[2][1]   -0.02305842 
_atom_sites.fract_transf_matrix[2][2]   -0.00218432 
_atom_sites.fract_transf_matrix[2][3]   -0.00920565 
_atom_sites.fract_transf_matrix[3][1]   -0.00283144 
_atom_sites.fract_transf_matrix[3][2]   0.02054043 
_atom_sites.fract_transf_matrix[3][3]   0.00221838 
_atom_sites.fract_transf_vector[1]      1.000187 
_atom_sites.fract_transf_vector[2]      0.267220 
_atom_sites.fract_transf_vector[3]      1.000428 
_atom_sites.solution_primary            ? 
_atom_sites.solution_secondary          ? 
_atom_sites.solution_hydrogens          ? 
_atom_sites.special_details             ? 
# 
loop_
_atom_type.symbol 
C  
MN 
N  
O  
P  
S  
# 
loop_
_atom_site.group_PDB 
_atom_site.id 
_atom_site.type_symbol 
_atom_site.label_atom_id 
_atom_site.label_alt_id 
_atom_site.label_comp_id 
_atom_site.label_asym_id 
_atom_site.label_entity_id 
_atom_site.label_seq_id 
_atom_site.pdbx_PDB_ins_code 
_atom_site.Cartn_x 
_atom_site.Cartn_y 
_atom_site.Cartn_z 
_atom_site.occupancy 
_atom_site.B_iso_or_equiv 
_atom_site.pdbx_formal_charge 
_atom_site.auth_seq_id 
_atom_site.auth_comp_id 
_atom_site.auth_asym_id 
_atom_site.auth_atom_id 
_atom_site.pdbx_PDB_model_num 
ATOM   1   O  "O5'" . DA  A 1 1 ? -7.052  -18.015 -3.454  0.11 36.12 ? 1   DA  A "O5'" 1 
ATOM   2   C  "C5'" . DA  A 1 1 ? -6.140  -19.075 -3.028  1.00 38.19 ? 1   DA  A "C5'" 1 
ATOM   3   C  "C4'" . DA  A 1 1 ? -4.719  -18.569 -2.891  1.00 38.72 ? 1   DA  A "C4'" 1 
ATOM   4   O  "O4'" . DA  A 1 1 ? -4.164  -18.396 -4.209  1.00 39.16 ? 1   DA  A "O4'" 1 
ATOM   5   C  "C3'" . DA  A 1 1 ? -4.544  -17.245 -2.135  1.00 36.10 ? 1   DA  A "C3'" 1 
ATOM   6   O  "O3'" . DA  A 1 1 ? -3.794  -17.421 -0.926  1.00 39.25 ? 1   DA  A "O3'" 1 
ATOM   7   C  "C2'" . DA  A 1 1 ? -3.927  -16.268 -3.136  1.00 36.50 ? 1   DA  A "C2'" 1 
ATOM   8   C  "C1'" . DA  A 1 1 ? -3.721  -17.059 -4.412  1.00 37.19 ? 1   DA  A "C1'" 1 
ATOM   9   N  N9    . DA  A 1 1 ? -4.433  -16.534 -5.570  1.00 36.45 ? 1   DA  A N9    1 
ATOM   10  C  C8    . DA  A 1 1 ? -5.748  -16.646 -5.939  1.00 35.88 ? 1   DA  A C8    1 
ATOM   11  N  N7    . DA  A 1 1 ? -6.014  -16.075 -7.084  1.00 35.83 ? 1   DA  A N7    1 
ATOM   12  C  C5    . DA  A 1 1 ? -4.798  -15.556 -7.499  1.00 36.07 ? 1   DA  A C5    1 
ATOM   13  C  C6    . DA  A 1 1 ? -4.416  -14.837 -8.646  1.00 36.33 ? 1   DA  A C6    1 
ATOM   14  N  N6    . DA  A 1 1 ? -5.253  -14.489 -9.613  1.00 36.13 ? 1   DA  A N6    1 
ATOM   15  N  N1    . DA  A 1 1 ? -3.120  -14.468 -8.742  1.00 37.02 ? 1   DA  A N1    1 
ATOM   16  C  C2    . DA  A 1 1 ? -2.279  -14.816 -7.764  1.00 37.44 ? 1   DA  A C2    1 
ATOM   17  N  N3    . DA  A 1 1 ? -2.523  -15.493 -6.649  1.00 37.30 ? 1   DA  A N3    1 
ATOM   18  C  C4    . DA  A 1 1 ? -3.814  -15.839 -6.577  1.00 36.58 ? 1   DA  A C4    1 
ATOM   19  P  P     A DC  A 1 2 ? -4.373  -16.832 0.449   0.68 47.29 ? 2   DC  A P     1 
ATOM   20  P  P     B DC  A 1 2 ? -2.569  -16.477 -0.471  0.32 23.22 ? 2   DC  A P     1 
ATOM   21  O  OP1   A DC  A 1 2 ? -3.763  -17.467 1.676   0.68 51.82 ? 2   DC  A OP1   1 
ATOM   22  O  OP1   B DC  A 1 2 ? -1.358  -16.628 -1.369  0.32 40.09 ? 2   DC  A OP1   1 
ATOM   23  O  OP2   A DC  A 1 2 ? -5.885  -16.839 0.423   0.68 39.98 ? 2   DC  A OP2   1 
ATOM   24  O  OP2   B DC  A 1 2 ? -2.262  -16.690 0.994   0.32 33.01 ? 2   DC  A OP2   1 
ATOM   25  O  "O5'" A DC  A 1 2 ? -3.896  -15.311 0.344   0.68 40.29 ? 2   DC  A "O5'" 1 
ATOM   26  O  "O5'" B DC  A 1 2 ? -3.115  -14.955 -0.605  0.32 19.04 ? 2   DC  A "O5'" 1 
ATOM   27  C  "C5'" A DC  A 1 2 ? -4.843  -14.382 -0.186  0.68 27.96 ? 2   DC  A "C5'" 1 
ATOM   28  C  "C5'" B DC  A 1 2 ? -4.282  -14.522 0.140   0.32 17.45 ? 2   DC  A "C5'" 1 
ATOM   29  C  "C4'" A DC  A 1 2 ? -4.415  -12.988 0.165   0.68 23.70 ? 2   DC  A "C4'" 1 
ATOM   30  C  "C4'" B DC  A 1 2 ? -4.238  -13.019 0.271   0.32 23.86 ? 2   DC  A "C4'" 1 
ATOM   31  O  "O4'" A DC  A 1 2 ? -4.123  -12.273 -1.050  0.68 27.13 ? 2   DC  A "O4'" 1 
ATOM   32  O  "O4'" B DC  A 1 2 ? -4.165  -12.397 -1.029  0.32 26.01 ? 2   DC  A "O4'" 1 
ATOM   33  C  "C3'" A DC  A 1 2 ? -5.500  -12.189 0.863   0.68 23.86 ? 2   DC  A "C3'" 1 
ATOM   34  C  "C3'" B DC  A 1 2 ? -5.459  -12.364 0.899   0.32 23.89 ? 2   DC  A "C3'" 1 
ATOM   35  O  "O3'" A DC  A 1 2 ? -5.434  -12.421 2.266   0.68 27.06 ? 2   DC  A "O3'" 1 
ATOM   36  O  "O3'" B DC  A 1 2 ? -5.412  -12.468 2.316   0.32 27.20 ? 2   DC  A "O3'" 1 
ATOM   37  C  "C2'" A DC  A 1 2 ? -5.143  -10.764 0.462   0.68 22.83 ? 2   DC  A "C2'" 1 
ATOM   38  C  "C2'" B DC  A 1 2 ? -5.283  -10.922 0.445   0.32 23.58 ? 2   DC  A "C2'" 1 
ATOM   39  C  "C1'" A DC  A 1 2 ? -4.515  -10.926 -0.917  0.68 21.79 ? 2   DC  A "C1'" 1 
ATOM   40  C  "C1'" B DC  A 1 2 ? -4.564  -11.046 -0.894  0.32 22.21 ? 2   DC  A "C1'" 1 
ATOM   41  N  N1    A DC  A 1 2 ? -5.411  -10.617 -2.052  0.68 24.31 ? 2   DC  A N1    1 
ATOM   42  N  N1    B DC  A 1 2 ? -5.406  -10.693 -2.057  0.32 23.86 ? 2   DC  A N1    1 
ATOM   43  C  C2    A DC  A 1 2 ? -4.887  -9.899  -3.126  0.68 21.26 ? 2   DC  A C2    1 
ATOM   44  C  C2    B DC  A 1 2 ? -4.842  -9.946  -3.093  0.32 21.87 ? 2   DC  A C2    1 
ATOM   45  O  O2    A DC  A 1 2 ? -3.702  -9.547  -3.075  0.68 26.13 ? 2   DC  A O2    1 
ATOM   46  O  O2    B DC  A 1 2 ? -3.650  -9.615  -3.007  0.32 24.17 ? 2   DC  A O2    1 
ATOM   47  N  N3    A DC  A 1 2 ? -5.690  -9.599  -4.169  0.68 26.34 ? 2   DC  A N3    1 
ATOM   48  N  N3    B DC  A 1 2 ? -5.615  -9.608  -4.151  0.32 24.70 ? 2   DC  A N3    1 
ATOM   49  C  C4    A DC  A 1 2 ? -6.964  -10.000 -4.178  0.68 22.99 ? 2   DC  A C4    1 
ATOM   50  C  C4    B DC  A 1 2 ? -6.896  -9.985  -4.201  0.32 21.72 ? 2   DC  A C4    1 
ATOM   51  N  N4    A DC  A 1 2 ? -7.708  -9.684  -5.226  0.68 26.32 ? 2   DC  A N4    1 
ATOM   52  N  N4    B DC  A 1 2 ? -7.608  -9.631  -5.259  0.32 27.77 ? 2   DC  A N4    1 
ATOM   53  C  C5    A DC  A 1 2 ? -7.510  -10.743 -3.098  0.68 21.82 ? 2   DC  A C5    1 
ATOM   54  C  C5    B DC  A 1 2 ? -7.484  -10.743 -3.153  0.32 21.66 ? 2   DC  A C5    1 
ATOM   55  C  C6    A DC  A 1 2 ? -6.703  -11.030 -2.067  0.68 20.11 ? 2   DC  A C6    1 
ATOM   56  C  C6    B DC  A 1 2 ? -6.709  -11.068 -2.108  0.32 20.23 ? 2   DC  A C6    1 
ATOM   57  P  P     . DG  A 1 3 ? -6.629  -11.959 3.233   1.00 26.96 ? 3   DG  A P     1 
ATOM   58  O  OP1   . DG  A 1 3 ? -6.802  -12.888 4.401   1.00 28.26 ? 3   DG  A OP1   1 
ATOM   59  O  OP2   . DG  A 1 3 ? -7.871  -11.678 2.451   1.00 25.67 ? 3   DG  A OP2   1 
ATOM   60  O  "O5'" . DG  A 1 3 ? -6.054  -10.585 3.793   1.00 28.87 ? 3   DG  A "O5'" 1 
ATOM   61  C  "C5'" . DG  A 1 3 ? -4.784  -10.600 4.467   1.00 31.61 ? 3   DG  A "C5'" 1 
ATOM   62  C  "C4'" . DG  A 1 3 ? -4.210  -9.209  4.430   1.00 32.49 ? 3   DG  A "C4'" 1 
ATOM   63  O  "O4'" . DG  A 1 3 ? -3.968  -8.863  3.052   1.00 31.95 ? 3   DG  A "O4'" 1 
ATOM   64  C  "C3'" . DG  A 1 3 ? -5.139  -8.139  4.996   1.00 32.03 ? 3   DG  A "C3'" 1 
ATOM   65  O  "O3'" . DG  A 1 3 ? -4.883  -7.896  6.379   1.00 33.22 ? 3   DG  A "O3'" 1 
ATOM   66  C  "C2'" . DG  A 1 3 ? -4.813  -6.925  4.132   1.00 32.32 ? 3   DG  A "C2'" 1 
ATOM   67  C  "C1'" . DG  A 1 3 ? -4.400  -7.531  2.796   1.00 31.53 ? 3   DG  A "C1'" 1 
ATOM   68  N  N9    . DG  A 1 3 ? -5.456  -7.569  1.785   1.00 29.57 ? 3   DG  A N9    1 
ATOM   69  C  C8    . DG  A 1 3 ? -6.789  -7.843  1.946   1.00 26.01 ? 3   DG  A C8    1 
ATOM   70  N  N7    . DG  A 1 3 ? -7.470  -7.798  0.829   1.00 24.60 ? 3   DG  A N7    1 
ATOM   71  C  C5    . DG  A 1 3 ? -6.522  -7.477  -0.132  1.00 25.76 ? 3   DG  A C5    1 
ATOM   72  C  C6    . DG  A 1 3 ? -6.672  -7.284  -1.525  1.00 23.99 ? 3   DG  A C6    1 
ATOM   73  O  O6    . DG  A 1 3 ? -7.701  -7.371  -2.201  1.00 23.15 ? 3   DG  A O6    1 
ATOM   74  N  N1    . DG  A 1 3 ? -5.459  -6.964  -2.128  1.00 25.79 ? 3   DG  A N1    1 
ATOM   75  C  C2    . DG  A 1 3 ? -4.260  -6.844  -1.475  1.00 29.05 ? 3   DG  A C2    1 
ATOM   76  N  N2    . DG  A 1 3 ? -3.198  -6.532  -2.229  1.00 30.32 ? 3   DG  A N2    1 
ATOM   77  N  N3    . DG  A 1 3 ? -4.112  -7.023  -0.166  1.00 30.16 ? 3   DG  A N3    1 
ATOM   78  C  C4    . DG  A 1 3 ? -5.280  -7.330  0.441   1.00 29.00 ? 3   DG  A C4    1 
ATOM   79  P  P     A DG  A 1 4 ? -5.494  -7.020  7.388   0.68 33.38 ? 4   DG  A P     1 
ATOM   80  P  P     B DG  A 1 4 ? -5.579  -7.090  7.375   0.32 33.63 ? 4   DG  A P     1 
ATOM   81  O  OP1   A DG  A 1 4 ? -5.345  -7.548  8.793   0.68 34.56 ? 4   DG  A OP1   1 
ATOM   82  O  OP1   B DG  A 1 4 ? -5.584  -7.698  8.759   0.32 33.60 ? 4   DG  A OP1   1 
ATOM   83  O  OP2   A DG  A 1 4 ? -6.921  -6.695  7.005   0.68 29.34 ? 4   DG  A OP2   1 
ATOM   84  O  OP2   B DG  A 1 4 ? -6.948  -6.766  6.821   0.32 29.73 ? 4   DG  A OP2   1 
ATOM   85  O  "O5'" A DG  A 1 4 ? -4.672  -5.639  7.326   0.68 36.07 ? 4   DG  A "O5'" 1 
ATOM   86  O  "O5'" B DG  A 1 4 ? -4.750  -5.721  7.455   0.32 35.17 ? 4   DG  A "O5'" 1 
ATOM   87  C  "C5'" A DG  A 1 4 ? -3.227  -5.684  7.382   0.68 32.73 ? 4   DG  A "C5'" 1 
ATOM   88  C  "C5'" B DG  A 1 4 ? -3.342  -5.804  7.755   0.32 32.50 ? 4   DG  A "C5'" 1 
ATOM   89  C  "C4'" A DG  A 1 4 ? -2.662  -4.416  6.790   0.68 21.73 ? 4   DG  A "C4'" 1 
ATOM   90  C  "C4'" B DG  A 1 4 ? -2.632  -4.655  7.091   0.32 21.90 ? 4   DG  A "C4'" 1 
ATOM   91  O  "O4'" A DG  A 1 4 ? -3.096  -4.291  5.422   0.68 36.80 ? 4   DG  A "O4'" 1 
ATOM   92  O  "O4'" B DG  A 1 4 ? -3.016  -4.579  5.709   0.32 23.96 ? 4   DG  A "O4'" 1 
ATOM   93  C  "C3'" A DG  A 1 4 ? -3.121  -3.129  7.462   0.68 28.16 ? 4   DG  A "C3'" 1 
ATOM   94  C  "C3'" B DG  A 1 4 ? -3.005  -3.278  7.610   0.32 28.95 ? 4   DG  A "C3'" 1 
ATOM   95  O  "O3'" A DG  A 1 4 ? -2.356  -2.872  8.646   0.68 34.30 ? 4   DG  A "O3'" 1 
ATOM   96  O  "O3'" B DG  A 1 4 ? -2.269  -2.948  8.771   0.32 33.62 ? 4   DG  A "O3'" 1 
ATOM   97  C  "C2'" A DG  A 1 4 ? -2.889  -2.115  6.341   0.68 33.47 ? 4   DG  A "C2'" 1 
ATOM   98  C  "C2'" B DG  A 1 4 ? -2.544  -2.378  6.474   0.32 26.58 ? 4   DG  A "C2'" 1 
ATOM   99  C  "C1'" A DG  A 1 4 ? -3.119  -2.911  5.057   0.68 28.31 ? 4   DG  A "C1'" 1 
ATOM   100 C  "C1'" B DG  A 1 4 ? -2.613  -3.289  5.263   0.32 34.77 ? 4   DG  A "C1'" 1 
ATOM   101 N  N9    A DG  A 1 4 ? -4.391  -2.635  4.381   0.68 22.63 ? 4   DG  A N9    1 
ATOM   102 N  N9    B DG  A 1 4 ? -3.557  -2.788  4.281   0.32 32.97 ? 4   DG  A N9    1 
ATOM   103 C  C8    A DG  A 1 4 ? -5.607  -2.988  4.908   0.68 27.58 ? 4   DG  A C8    1 
ATOM   104 C  C8    B DG  A 1 4 ? -3.074  -2.045  3.237   0.32 15.95 ? 4   DG  A C8    1 
ATOM   105 N  N7    A DG  A 1 4 ? -6.619  -2.647  4.153   0.68 24.18 ? 4   DG  A N7    1 
ATOM   106 N  N7    B DG  A 1 4 ? -4.013  -1.629  2.435   0.32 29.38 ? 4   DG  A N7    1 
ATOM   107 C  C5    A DG  A 1 4 ? -6.040  -2.033  3.050   0.68 25.29 ? 4   DG  A C5    1 
ATOM   108 C  C5    B DG  A 1 4 ? -5.178  -2.098  3.018   0.32 26.74 ? 4   DG  A C5    1 
ATOM   109 C  C6    A DG  A 1 4 ? -6.657  -1.467  1.904   0.68 32.73 ? 4   DG  A C6    1 
ATOM   110 C  C6    B DG  A 1 4 ? -6.495  -1.944  2.565   0.32 28.76 ? 4   DG  A C6    1 
ATOM   111 O  O6    A DG  A 1 4 ? -7.871  -1.406  1.651   0.68 34.54 ? 4   DG  A O6    1 
ATOM   112 O  O6    B DG  A 1 4 ? -6.805  -1.340  1.553   0.32 36.96 ? 4   DG  A O6    1 
ATOM   113 N  N1    A DG  A 1 4 ? -5.715  -0.937  1.013   0.68 23.90 ? 4   DG  A N1    1 
ATOM   114 N  N1    B DG  A 1 4 ? -7.447  -2.560  3.380   0.32 21.96 ? 4   DG  A N1    1 
ATOM   115 C  C2    A DG  A 1 4 ? -4.351  -0.972  1.206   0.68 28.27 ? 4   DG  A C2    1 
ATOM   116 C  C2    B DG  A 1 4 ? -7.102  -3.250  4.525   0.32 26.44 ? 4   DG  A C2    1 
ATOM   117 N  N2    A DG  A 1 4 ? -3.643  -0.428  0.260   0.68 30.66 ? 4   DG  A N2    1 
ATOM   118 N  N2    B DG  A 1 4 ? -8.112  -3.789  5.218   0.32 23.70 ? 4   DG  A N2    1 
ATOM   119 N  N3    A DG  A 1 4 ? -3.772  -1.515  2.291   0.68 31.01 ? 4   DG  A N3    1 
ATOM   120 N  N3    B DG  A 1 4 ? -5.843  -3.409  4.963   0.32 26.17 ? 4   DG  A N3    1 
ATOM   121 C  C4    A DG  A 1 4 ? -4.669  -2.011  3.177   0.68 22.94 ? 4   DG  A C4    1 
ATOM   122 C  C4    B DG  A 1 4 ? -4.929  -2.804  4.163   0.32 26.35 ? 4   DG  A C4    1 
ATOM   123 P  P     . DC  A 1 5 ? -2.874  -1.933  9.855   1.00 34.49 ? 5   DC  A P     1 
ATOM   124 O  OP1   . DC  A 1 5 ? -2.035  -2.052  11.100  1.00 35.91 ? 5   DC  A OP1   1 
ATOM   125 O  OP2   . DC  A 1 5 ? -4.344  -2.159  10.057  1.00 32.41 ? 5   DC  A OP2   1 
ATOM   126 O  "O5'" . DC  A 1 5 ? -2.670  -0.466  9.238   1.00 33.74 ? 5   DC  A "O5'" 1 
ATOM   127 C  "C5'" . DC  A 1 5 ? -1.343  -0.041  8.863   1.00 34.08 ? 5   DC  A "C5'" 1 
ATOM   128 C  "C4'" . DC  A 1 5 ? -1.288  1.465   8.875   1.00 32.91 ? 5   DC  A "C4'" 1 
ATOM   129 O  "O4'" . DC  A 1 5 ? -2.143  2.002   7.847   1.00 33.35 ? 5   DC  A "O4'" 1 
ATOM   130 C  "C3'" . DC  A 1 5 ? -1.795  2.101   10.157  1.00 32.15 ? 5   DC  A "C3'" 1 
ATOM   131 O  "O3'" . DC  A 1 5 ? -0.721  2.153   11.089  1.00 32.33 ? 5   DC  A "O3'" 1 
ATOM   132 C  "C2'" . DC  A 1 5 ? -2.200  3.492   9.689   1.00 29.64 ? 5   DC  A "C2'" 1 
ATOM   133 C  "C1'" . DC  A 1 5 ? -2.559  3.299   8.223   1.00 30.47 ? 5   DC  A "C1'" 1 
ATOM   134 N  N1    . DC  A 1 5 ? -4.006  3.390   7.947   1.00 28.36 ? 5   DC  A N1    1 
ATOM   135 C  C2    . DC  A 1 5 ? -4.425  3.992   6.762   1.00 28.71 ? 5   DC  A C2    1 
ATOM   136 O  O2    . DC  A 1 5 ? -3.571  4.432   5.981   1.00 30.57 ? 5   DC  A O2    1 
ATOM   137 N  N3    . DC  A 1 5 ? -5.750  4.079   6.511   1.00 26.27 ? 5   DC  A N3    1 
ATOM   138 C  C4    . DC  A 1 5 ? -6.637  3.590   7.382   1.00 24.67 ? 5   DC  A C4    1 
ATOM   139 N  N4    . DC  A 1 5 ? -7.920  3.696   7.082   1.00 23.63 ? 5   DC  A N4    1 
ATOM   140 C  C5    . DC  A 1 5 ? -6.225  2.971   8.591   1.00 24.95 ? 5   DC  A C5    1 
ATOM   141 C  C6    . DC  A 1 5 ? -4.909  2.894   8.828   1.00 27.66 ? 5   DC  A C6    1 
ATOM   142 P  P     . DG  A 1 6 ? -0.908  2.581   12.628  1.00 33.69 ? 6   DG  A P     1 
ATOM   143 O  OP1   . DG  A 1 6 ? 0.127   1.780   13.300  1.00 35.30 ? 6   DG  A OP1   1 
ATOM   144 O  OP2   . DG  A 1 6 ? -2.281  2.609   13.154  1.00 32.30 ? 6   DG  A OP2   1 
ATOM   145 O  "O5'" . DG  A 1 6 ? -0.429  4.093   12.641  1.00 34.18 ? 6   DG  A "O5'" 1 
ATOM   146 C  "C5'" . DG  A 1 6 ? 0.912   4.366   12.341  1.00 35.71 ? 6   DG  A "C5'" 1 
ATOM   147 C  "C4'" . DG  A 1 6 ? 1.022   5.753   11.807  1.00 36.33 ? 6   DG  A "C4'" 1 
ATOM   148 O  "O4'" . DG  A 1 6 ? 0.188   5.866   10.635  1.00 34.11 ? 6   DG  A "O4'" 1 
ATOM   149 C  "C3'" . DG  A 1 6 ? 0.553   6.816   12.770  1.00 36.76 ? 6   DG  A "C3'" 1 
ATOM   150 O  "O3'" . DG  A 1 6 ? 1.715   7.222   13.523  1.00 39.13 ? 6   DG  A "O3'" 1 
ATOM   151 C  "C2'" . DG  A 1 6 ? 0.033   7.926   11.829  1.00 36.53 ? 6   DG  A "C2'" 1 
ATOM   152 C  "C1'" . DG  A 1 6 ? -0.443  7.132   10.590  1.00 34.48 ? 6   DG  A "C1'" 1 
ATOM   153 N  N9    . DG  A 1 6 ? -1.894  6.926   10.534  1.00 32.59 ? 6   DG  A N9    1 
ATOM   154 C  C8    . DG  A 1 6 ? -2.706  6.597   11.598  1.00 32.41 ? 6   DG  A C8    1 
ATOM   155 N  N7    . DG  A 1 6 ? -3.953  6.484   11.273  1.00 31.33 ? 6   DG  A N7    1 
ATOM   156 C  C5    . DG  A 1 6 ? -3.987  6.742   9.898   1.00 30.32 ? 6   DG  A C5    1 
ATOM   157 C  C6    . DG  A 1 6 ? -5.067  6.734   8.996   1.00 29.25 ? 6   DG  A C6    1 
ATOM   158 O  O6    . DG  A 1 6 ? -6.268  6.511   9.228   1.00 28.85 ? 6   DG  A O6    1 
ATOM   159 N  N1    . DG  A 1 6 ? -4.656  7.061   7.714   1.00 29.28 ? 6   DG  A N1    1 
ATOM   160 C  C2    . DG  A 1 6 ? -3.360  7.317   7.344   1.00 30.90 ? 6   DG  A C2    1 
ATOM   161 N  N2    . DG  A 1 6 ? -3.151  7.594   6.057   1.00 33.27 ? 6   DG  A N2    1 
ATOM   162 N  N3    . DG  A 1 6 ? -2.335  7.288   8.177   1.00 32.09 ? 6   DG  A N3    1 
ATOM   163 C  C4    . DG  A 1 6 ? -2.719  7.012   9.432   1.00 31.23 ? 6   DG  A C4    1 
ATOM   164 P  P     . DT  A 1 7 ? 1.622   8.271   14.691  1.00 39.78 ? 7   DT  A P     1 
ATOM   165 O  OP1   . DT  A 1 7 ? 2.775   8.015   15.548  1.00 41.95 ? 7   DT  A OP1   1 
ATOM   166 O  OP2   . DT  A 1 7 ? 0.289   8.394   15.365  1.00 39.05 ? 7   DT  A OP2   1 
ATOM   167 O  "O5'" . DT  A 1 7 ? 1.930   9.635   13.915  1.00 40.67 ? 7   DT  A "O5'" 1 
ATOM   168 C  "C5'" . DT  A 1 7 ? 3.006   9.705   12.957  1.00 41.25 ? 7   DT  A "C5'" 1 
ATOM   169 C  "C4'" . DT  A 1 7 ? 2.887   10.995  12.137  1.00 41.79 ? 7   DT  A "C4'" 1 
ATOM   170 O  "O4'" . DT  A 1 7 ? 1.702   10.914  11.341  1.00 39.58 ? 7   DT  A "O4'" 1 
ATOM   171 C  "C3'" . DT  A 1 7 ? 2.685   12.294  12.934  1.00 43.74 ? 7   DT  A "C3'" 1 
ATOM   172 O  "O3'" . DT  A 1 7 ? 3.930   12.854  13.346  1.00 46.52 ? 7   DT  A "O3'" 1 
ATOM   173 C  "C2'" . DT  A 1 7 ? 1.999   13.182  11.919  1.00 43.20 ? 7   DT  A "C2'" 1 
ATOM   174 C  "C1'" . DT  A 1 7 ? 1.146   12.188  11.157  1.00 40.31 ? 7   DT  A "C1'" 1 
ATOM   175 N  N1    . DT  A 1 7 ? -0.238  12.120  11.624  1.00 39.04 ? 7   DT  A N1    1 
ATOM   176 C  C2    . DT  A 1 7 ? -1.233  12.634  10.826  1.00 38.14 ? 7   DT  A C2    1 
ATOM   177 O  O2    . DT  A 1 7 ? -1.012  13.151  9.764   1.00 38.37 ? 7   DT  A O2    1 
ATOM   178 N  N3    . DT  A 1 7 ? -2.509  12.504  11.336  1.00 37.19 ? 7   DT  A N3    1 
ATOM   179 C  C4    . DT  A 1 7 ? -2.855  11.910  12.549  1.00 37.09 ? 7   DT  A C4    1 
ATOM   180 O  O4    . DT  A 1 7 ? -4.017  11.831  12.930  1.00 36.43 ? 7   DT  A O4    1 
ATOM   181 C  C5    . DT  A 1 7 ? -1.756  11.398  13.335  1.00 38.09 ? 7   DT  A C5    1 
ATOM   182 C  C7    . DT  A 1 7 ? -2.029  10.741  14.654  1.00 38.34 ? 7   DT  A C7    1 
ATOM   183 C  C6    . DT  A 1 7 ? -0.514  11.505  12.840  1.00 38.98 ? 7   DT  A C6    1 
ATOM   184 O  "O5'" . DA  B 2 1 ? -10.759 15.578  6.098   0.28 36.36 ? 1   DA  B "O5'" 1 
ATOM   185 C  "C5'" . DA  B 2 1 ? -10.162 16.807  5.630   1.00 38.42 ? 1   DA  B "C5'" 1 
ATOM   186 C  "C4'" . DA  B 2 1 ? -8.845  16.561  4.922   1.00 38.10 ? 1   DA  B "C4'" 1 
ATOM   187 O  "O4'" . DA  B 2 1 ? -7.803  16.480  5.897   1.00 38.62 ? 1   DA  B "O4'" 1 
ATOM   188 C  "C3'" . DA  B 2 1 ? -8.801  15.268  4.112   1.00 35.82 ? 1   DA  B "C3'" 1 
ATOM   189 O  "O3'" . DA  B 2 1 ? -8.598  15.534  2.664   1.00 38.60 ? 1   DA  B "O3'" 1 
ATOM   190 C  "C2'" . DA  B 2 1 ? -7.758  14.372  4.759   1.00 34.88 ? 1   DA  B "C2'" 1 
ATOM   191 C  "C1'" . DA  B 2 1 ? -7.168  15.223  5.866   1.00 36.58 ? 1   DA  B "C1'" 1 
ATOM   192 N  N9    . DA  B 2 1 ? -7.303  14.640  7.174   1.00 36.00 ? 1   DA  B N9    1 
ATOM   193 C  C8    . DA  B 2 1 ? -8.447  14.480  7.926   1.00 35.65 ? 1   DA  B C8    1 
ATOM   194 N  N7    . DA  B 2 1 ? -8.227  13.959  9.117   1.00 35.50 ? 1   DA  B N7    1 
ATOM   195 C  C5    . DA  B 2 1 ? -6.840  13.815  9.145   1.00 35.82 ? 1   DA  B C5    1 
ATOM   196 C  C6    . DA  B 2 1 ? -5.935  13.302  10.102  1.00 36.07 ? 1   DA  B C6    1 
ATOM   197 N  N6    . DA  B 2 1 ? -6.292  12.895  11.330  1.00 36.14 ? 1   DA  B N6    1 
ATOM   198 N  N1    . DA  B 2 1 ? -4.622  13.309  9.782   1.00 36.65 ? 1   DA  B N1    1 
ATOM   199 C  C2    . DA  B 2 1 ? -4.246  13.749  8.580   1.00 36.88 ? 1   DA  B C2    1 
ATOM   200 N  N3    . DA  B 2 1 ? -4.984  14.224  7.589   1.00 36.68 ? 1   DA  B N3    1 
ATOM   201 C  C4    . DA  B 2 1 ? -6.277  14.288  7.961   1.00 36.22 ? 1   DA  B C4    1 
ATOM   202 P  P     A DC  B 2 2 ? -7.348  14.971  1.818   0.68 31.95 ? 2   DC  B P     1 
ATOM   203 P  P     B DC  B 2 2 ? -9.555  14.762  1.613   0.32 34.92 ? 2   DC  B P     1 
ATOM   204 O  OP1   A DC  B 2 2 ? -6.109  15.609  2.181   0.68 38.07 ? 2   DC  B OP1   1 
ATOM   205 O  OP1   B DC  B 2 2 ? -9.974  15.566  0.404   0.32 21.33 ? 2   DC  B OP1   1 
ATOM   206 O  OP2   A DC  B 2 2 ? -7.792  15.125  0.429   0.68 39.23 ? 2   DC  B OP2   1 
ATOM   207 O  OP2   B DC  B 2 2 ? -10.660 14.265  2.475   0.32 27.53 ? 2   DC  B OP2   1 
ATOM   208 O  "O5'" A DC  B 2 2 ? -7.354  13.395  2.099   0.68 26.54 ? 2   DC  B "O5'" 1 
ATOM   209 O  "O5'" B DC  B 2 2 ? -8.694  13.455  1.269   0.32 37.32 ? 2   DC  B "O5'" 1 
ATOM   210 C  "C5'" A DC  B 2 2 ? -8.426  12.566  1.683   0.68 23.06 ? 2   DC  B "C5'" 1 
ATOM   211 C  "C5'" B DC  B 2 2 ? -8.767  12.337  2.119   0.32 28.75 ? 2   DC  B "C5'" 1 
ATOM   212 C  "C4'" A DC  B 2 2 ? -7.938  11.120  1.629   0.68 24.59 ? 2   DC  B "C4'" 1 
ATOM   213 C  "C4'" B DC  B 2 2 ? -7.980  11.170  1.557   0.32 24.62 ? 2   DC  B "C4'" 1 
ATOM   214 O  "O4'" A DC  B 2 2 ? -7.461  10.688  2.914   0.68 22.75 ? 2   DC  B "O4'" 1 
ATOM   215 O  "O4'" B DC  B 2 2 ? -7.072  10.666  2.556   0.32 22.74 ? 2   DC  B "O4'" 1 
ATOM   216 C  "C3'" A DC  B 2 2 ? -8.973  10.087  1.273   0.68 25.79 ? 2   DC  B "C3'" 1 
ATOM   217 C  "C3'" B DC  B 2 2 ? -8.841  10.002  1.150   0.32 26.10 ? 2   DC  B "C3'" 1 
ATOM   218 O  "O3'" A DC  B 2 2 ? -9.249  10.171  -0.114  0.68 26.90 ? 2   DC  B "O3'" 1 
ATOM   219 O  "O3'" B DC  B 2 2 ? -9.244  10.182  -0.176  0.32 26.97 ? 2   DC  B "O3'" 1 
ATOM   220 C  "C2'" A DC  B 2 2 ? -8.206  8.793   1.646   0.68 22.36 ? 2   DC  B "C2'" 1 
ATOM   221 C  "C2'" B DC  B 2 2 ? -7.889  8.806   1.302   0.32 19.55 ? 2   DC  B "C2'" 1 
ATOM   222 C  "C1'" A DC  B 2 2 ? -7.356  9.268   2.852   0.68 19.76 ? 2   DC  B "C1'" 1 
ATOM   223 C  "C1'" B DC  B 2 2 ? -6.977  9.256   2.453   0.32 21.37 ? 2   DC  B "C1'" 1 
ATOM   224 N  N1    A DC  B 2 2 ? -7.782  8.681   4.175   0.68 22.64 ? 2   DC  B N1    1 
ATOM   225 N  N1    B DC  B 2 2 ? -7.315  8.670   3.788   0.32 21.29 ? 2   DC  B N1    1 
ATOM   226 C  C2    A DC  B 2 2 ? -6.808  8.218   5.062   0.68 24.56 ? 2   DC  B C2    1 
ATOM   227 C  C2    B DC  B 2 2 ? -6.298  8.089   4.552   0.32 23.96 ? 2   DC  B C2    1 
ATOM   228 O  O2    A DC  B 2 2 ? -5.604  8.313   4.748   0.68 25.69 ? 2   DC  B O2    1 
ATOM   229 O  O2    B DC  B 2 2 ? -5.149  8.058   4.093   0.32 19.58 ? 2   DC  B O2    1 
ATOM   230 N  N3    A DC  B 2 2 ? -7.202  7.684   6.248   0.68 24.13 ? 2   DC  B N3    1 
ATOM   231 N  N3    B DC  B 2 2 ? -6.608  7.560   5.765   0.32 20.37 ? 2   DC  B N3    1 
ATOM   232 C  C4    A DC  B 2 2 ? -8.495  7.610   6.544   0.68 21.23 ? 2   DC  B C4    1 
ATOM   233 C  C4    B DC  B 2 2 ? -7.868  7.614   6.216   0.32 19.74 ? 2   DC  B C4    1 
ATOM   234 N  N4    A DC  B 2 2 ? -8.833  7.080   7.737   0.68 24.72 ? 2   DC  B N4    1 
ATOM   235 N  N4    B DC  B 2 2 ? -8.125  7.090   7.425   0.32 22.78 ? 2   DC  B N4    1 
ATOM   236 C  C5    A DC  B 2 2 ? -9.502  8.105   5.655   0.68 25.65 ? 2   DC  B C5    1 
ATOM   237 C  C5    B DC  B 2 2 ? -8.913  8.214   5.453   0.32 14.62 ? 2   DC  B C5    1 
ATOM   238 C  C6    A DC  B 2 2 ? -9.109  8.614   4.492   0.68 20.41 ? 2   DC  B C6    1 
ATOM   239 C  C6    B DC  B 2 2 ? -8.601  8.722   4.259   0.32 19.38 ? 2   DC  B C6    1 
ATOM   240 P  P     . DG  B 2 3 ? -10.455 9.277   -0.621  1.00 27.90 ? 3   DG  B P     1 
ATOM   241 O  OP1   . DG  B 2 3 ? -11.213 10.000  -1.704  1.00 28.96 ? 3   DG  B OP1   1 
ATOM   242 O  OP2   . DG  B 2 3 ? -11.361 8.591   0.358   1.00 25.79 ? 3   DG  B OP2   1 
ATOM   243 O  "O5'" . DG  B 2 3 ? -9.670  8.111   -1.384  1.00 29.50 ? 3   DG  B "O5'" 1 
ATOM   244 C  "C5'" . DG  B 2 3 ? -8.781  8.466   -2.461  1.00 32.07 ? 3   DG  B "C5'" 1 
ATOM   245 C  "C4'" . DG  B 2 3 ? -7.785  7.351   -2.657  1.00 32.75 ? 3   DG  B "C4'" 1 
ATOM   246 O  "O4'" . DG  B 2 3 ? -7.078  7.143   -1.419  1.00 33.02 ? 3   DG  B "O4'" 1 
ATOM   247 C  "C3'" . DG  B 2 3 ? -8.416  6.020   -3.039  1.00 31.99 ? 3   DG  B "C3'" 1 
ATOM   248 O  "O3'" . DG  B 2 3 ? -8.361  5.916   -4.456  1.00 32.87 ? 3   DG  B "O3'" 1 
ATOM   249 C  "C2'" . DG  B 2 3 ? -7.520  5.000   -2.345  1.00 31.79 ? 3   DG  B "C2'" 1 
ATOM   250 C  "C1'" . DG  B 2 3 ? -6.971  5.751   -1.139  1.00 31.50 ? 3   DG  B "C1'" 1 
ATOM   251 N  N9    . DG  B 2 3 ? -7.664  5.488   0.121   1.00 29.28 ? 3   DG  B N9    1 
ATOM   252 C  C8    . DG  B 2 3 ? -9.009  5.326   0.337   1.00 27.07 ? 3   DG  B C8    1 
ATOM   253 N  N7    . DG  B 2 3 ? -9.312  5.113   1.593   1.00 25.15 ? 3   DG  B N7    1 
ATOM   254 C  C5    . DG  B 2 3 ? -8.087  5.141   2.247   1.00 26.52 ? 3   DG  B C5    1 
ATOM   255 C  C6    . DG  B 2 3 ? -7.788  4.968   3.620   1.00 24.76 ? 3   DG  B C6    1 
ATOM   256 O  O6    . DG  B 2 3 ? -8.570  4.752   4.552   1.00 23.43 ? 3   DG  B O6    1 
ATOM   257 N  N1    . DG  B 2 3 ? -6.419  5.068   3.858   1.00 26.56 ? 3   DG  B N1    1 
ATOM   258 C  C2    . DG  B 2 3 ? -5.465  5.305   2.902   1.00 29.42 ? 3   DG  B C2    1 
ATOM   259 N  N2    . DG  B 2 3 ? -4.198  5.368   3.328   1.00 30.96 ? 3   DG  B N2    1 
ATOM   260 N  N3    . DG  B 2 3 ? -5.741  5.466   1.609   1.00 31.12 ? 3   DG  B N3    1 
ATOM   261 C  C4    . DG  B 2 3 ? -7.066  5.373   1.353   1.00 29.18 ? 3   DG  B C4    1 
HETATM 262 N  N1    A 5CM B 2 4 ? -5.938  1.440   -3.194  0.68 33.51 ? 4   5CM B N1    1 
HETATM 263 N  N1    B 5CM B 2 4 ? -5.884  1.127   -2.918  0.32 18.91 ? 4   5CM B N1    1 
HETATM 264 C  C2    A 5CM B 2 4 ? -5.423  0.654   -2.171  0.68 24.30 ? 4   5CM B C2    1 
HETATM 265 C  C2    B 5CM B 2 4 ? -5.383  0.481   -1.780  0.32 19.01 ? 4   5CM B C2    1 
HETATM 266 N  N3    A 5CM B 2 4 ? -6.286  0.069   -1.330  0.68 35.89 ? 4   5CM B N3    1 
HETATM 267 N  N3    B 5CM B 2 4 ? -6.273  0.010   -0.867  0.32 40.70 ? 4   5CM B N3    1 
HETATM 268 C  C4    A 5CM B 2 4 ? -7.609  0.219   -1.471  0.68 19.38 ? 4   5CM B C4    1 
HETATM 269 C  C4    B 5CM B 2 4 ? -7.593  0.122   -1.068  0.32 46.20 ? 4   5CM B C4    1 
HETATM 270 C  C5    A 5CM B 2 4 ? -8.151  1.003   -2.508  0.68 40.33 ? 4   5CM B C5    1 
HETATM 271 C  C5    B 5CM B 2 4 ? -8.110  0.763   -2.213  0.32 23.52 ? 4   5CM B C5    1 
HETATM 272 C  C5A   A 5CM B 2 4 ? -9.635  1.163   -2.655  0.68 37.58 ? 4   5CM B C5A   1 
HETATM 273 C  C5A   B 5CM B 2 4 ? -9.591  0.894   -2.419  0.32 41.59 ? 4   5CM B C5A   1 
HETATM 274 C  C6    A 5CM B 2 4 ? -7.286  1.592   -3.341  0.68 42.39 ? 4   5CM B C6    1 
HETATM 275 C  C6    B 5CM B 2 4 ? -7.229  1.245   -3.099  0.32 18.89 ? 4   5CM B C6    1 
HETATM 276 O  O2    A 5CM B 2 4 ? -4.195  0.538   -2.045  0.68 61.04 ? 4   5CM B O2    1 
HETATM 277 O  O2    B 5CM B 2 4 ? -4.149  0.393   -1.615  0.32 20.86 ? 4   5CM B O2    1 
HETATM 278 N  N4    A 5CM B 2 4 ? -8.397  -0.409  -0.585  0.68 38.69 ? 4   5CM B N4    1 
HETATM 279 N  N4    B 5CM B 2 4 ? -8.401  -0.390  -0.128  0.32 30.92 ? 4   5CM B N4    1 
HETATM 280 C  "C1'" A 5CM B 2 4 ? -4.965  2.085   -4.105  0.68 35.26 ? 4   5CM B "C1'" 1 
HETATM 281 C  "C1'" B 5CM B 2 4 ? -4.957  1.689   -3.933  0.32 24.54 ? 4   5CM B "C1'" 1 
HETATM 282 C  "C2'" A 5CM B 2 4 ? -4.729  1.261   -5.374  0.68 34.33 ? 4   5CM B "C2'" 1 
HETATM 283 C  "C2'" B 5CM B 2 4 ? -4.912  0.870   -5.230  0.32 25.69 ? 4   5CM B "C2'" 1 
HETATM 284 C  "C3'" A 5CM B 2 4 ? -5.730  1.908   -6.331  0.68 33.21 ? 4   5CM B "C3'" 1 
HETATM 285 C  "C3'" B 5CM B 2 4 ? -5.754  1.702   -6.209  0.32 32.53 ? 4   5CM B "C3'" 1 
HETATM 286 C  "C4'" A 5CM B 2 4 ? -5.626  3.384   -5.933  0.68 29.54 ? 4   5CM B "C4'" 1 
HETATM 287 C  "C4'" B 5CM B 2 4 ? -5.532  3.132   -5.698  0.32 18.70 ? 4   5CM B "C4'" 1 
HETATM 288 O  "O4'" A 5CM B 2 4 ? -5.473  3.341   -4.494  0.68 31.06 ? 4   5CM B "O4'" 1 
HETATM 289 O  "O4'" B 5CM B 2 4 ? -5.403  2.989   -4.260  0.32 36.12 ? 4   5CM B "O4'" 1 
HETATM 290 O  "O3'" A 5CM B 2 4 ? -5.374  1.707   -7.691  0.68 38.11 ? 4   5CM B "O3'" 1 
HETATM 291 O  "O3'" B 5CM B 2 4 ? -5.328  1.581   -7.564  0.32 40.13 ? 4   5CM B "O3'" 1 
HETATM 292 C  "C5'" A 5CM B 2 4 ? -6.811  4.242   -6.287  0.68 39.37 ? 4   5CM B "C5'" 1 
HETATM 293 C  "C5'" B 5CM B 2 4 ? -6.625  4.125   -6.014  0.32 36.07 ? 4   5CM B "C5'" 1 
HETATM 294 O  "O5'" A 5CM B 2 4 ? -7.975  3.751   -5.588  0.68 32.58 ? 4   5CM B "O5'" 1 
HETATM 295 O  "O5'" B 5CM B 2 4 ? -7.880  3.663   -5.456  0.32 32.08 ? 4   5CM B "O5'" 1 
HETATM 296 P  P     A 5CM B 2 4 ? -9.160  4.779   -5.266  0.68 32.86 ? 4   5CM B P     1 
HETATM 297 P  P     B 5CM B 2 4 ? -9.083  4.723   -5.258  0.32 32.59 ? 4   5CM B P     1 
HETATM 298 O  OP1   A 5CM B 2 4 ? -9.640  5.299   -6.595  0.68 35.52 ? 4   5CM B OP1   1 
HETATM 299 O  OP1   B 5CM B 2 4 ? -9.506  5.185   -6.633  0.32 31.85 ? 4   5CM B OP1   1 
HETATM 300 O  OP2   A 5CM B 2 4 ? -10.212 4.015   -4.494  0.68 32.78 ? 4   5CM B OP2   1 
HETATM 301 O  OP2   B 5CM B 2 4 ? -10.180 4.024   -4.479  0.32 32.09 ? 4   5CM B OP2   1 
ATOM   302 P  P     . DC  B 2 5 ? -5.975  0.487   -8.549  1.00 33.69 ? 5   DC  B P     1 
ATOM   303 O  OP1   . DC  B 2 5 ? -5.698  0.781   -9.999  1.00 35.21 ? 5   DC  B OP1   1 
ATOM   304 O  OP2   . DC  B 2 5 ? -7.422  0.281   -8.209  1.00 32.44 ? 5   DC  B OP2   1 
ATOM   305 O  "O5'" . DC  B 2 5 ? -5.160  -0.827  -8.132  1.00 32.83 ? 5   DC  B "O5'" 1 
ATOM   306 C  "C5'" . DC  B 2 5 ? -3.716  -0.783  -8.114  1.00 32.93 ? 5   DC  B "C5'" 1 
ATOM   307 C  "C4'" . DC  B 2 5 ? -3.186  -2.191  -8.168  1.00 31.77 ? 5   DC  B "C4'" 1 
ATOM   308 O  "O4'" . DC  B 2 5 ? -3.521  -2.899  -6.958  1.00 32.38 ? 5   DC  B "O4'" 1 
ATOM   309 C  "C3'" . DC  B 2 5 ? -3.785  -3.033  -9.279  1.00 30.92 ? 5   DC  B "C3'" 1 
ATOM   310 O  "O3'" . DC  B 2 5 ? -3.024  -2.811  -10.458 1.00 31.58 ? 5   DC  B "O3'" 1 
ATOM   311 C  "C2'" . DC  B 2 5 ? -3.598  -4.447  -8.752  1.00 29.61 ? 5   DC  B "C2'" 1 
ATOM   312 C  "C1'" . DC  B 2 5 ? -3.607  -4.281  -7.240  1.00 29.76 ? 5   DC  B "C1'" 1 
ATOM   313 N  N1    . DC  B 2 5 ? -4.835  -4.788  -6.593  1.00 28.22 ? 5   DC  B N1    1 
ATOM   314 C  C2    . DC  B 2 5 ? -4.717  -5.458  -5.377  1.00 28.60 ? 5   DC  B C2    1 
ATOM   315 O  O2    . DC  B 2 5 ? -3.590  -5.600  -4.884  1.00 30.54 ? 5   DC  B O2    1 
ATOM   316 N  N3    . DC  B 2 5 ? -5.836  -5.928  -4.784  1.00 26.83 ? 5   DC  B N3    1 
ATOM   317 C  C4    . DC  B 2 5 ? -7.031  -5.746  -5.353  1.00 25.45 ? 5   DC  B C4    1 
ATOM   318 N  N4    . DC  B 2 5 ? -8.093  -6.222  -4.725  1.00 25.10 ? 5   DC  B N4    1 
ATOM   319 C  C5    . DC  B 2 5 ? -7.165  -5.065  -6.592  1.00 25.89 ? 5   DC  B C5    1 
ATOM   320 C  C6    . DC  B 2 5 ? -6.048  -4.608  -7.170  1.00 27.70 ? 5   DC  B C6    1 
ATOM   321 P  P     . DG  B 2 6 ? -3.499  -3.297  -11.913 1.00 33.40 ? 6   DG  B P     1 
ATOM   322 O  OP1   . DG  B 2 6 ? -2.918  -2.242  -12.777 1.00 35.18 ? 6   DG  B OP1   1 
ATOM   323 O  OP2   . DG  B 2 6 ? -4.931  -3.679  -12.024 1.00 32.51 ? 6   DG  B OP2   1 
ATOM   324 O  "O5'" . DG  B 2 6 ? -2.638  -4.610  -12.138 1.00 33.97 ? 6   DG  B "O5'" 1 
ATOM   325 C  "C5'" . DG  B 2 6 ? -1.252  -4.482  -12.228 1.00 35.09 ? 6   DG  B "C5'" 1 
ATOM   326 C  "C4'" . DG  B 2 6 ? -0.626  -5.785  -11.851 1.00 36.23 ? 6   DG  B "C4'" 1 
ATOM   327 O  "O4'" . DG  B 2 6 ? -1.010  -6.093  -10.505 1.00 33.98 ? 6   DG  B "O4'" 1 
ATOM   328 C  "C3'" . DG  B 2 6 ? -1.052  -6.951  -12.697 1.00 36.50 ? 6   DG  B "C3'" 1 
ATOM   329 O  "O3'" . DG  B 2 6 ? -0.077  -7.041  -13.748 1.00 38.82 ? 6   DG  B "O3'" 1 
ATOM   330 C  "C2'" . DG  B 2 6 ? -0.971  -8.128  -11.707 1.00 36.02 ? 6   DG  B "C2'" 1 
ATOM   331 C  "C1'" . DG  B 2 6 ? -1.266  -7.451  -10.344 1.00 34.17 ? 6   DG  B "C1'" 1 
ATOM   332 N  N9    . DG  B 2 6 ? -2.646  -7.619  -9.859  1.00 32.36 ? 6   DG  B N9    1 
ATOM   333 C  C8    . DG  B 2 6 ? -3.786  -7.558  -10.617 1.00 32.11 ? 6   DG  B C8    1 
ATOM   334 N  N7    . DG  B 2 6 ? -4.875  -7.775  -9.945  1.00 31.26 ? 6   DG  B N7    1 
ATOM   335 C  C5    . DG  B 2 6 ? -4.442  -8.021  -8.651  1.00 30.09 ? 6   DG  B C5    1 
ATOM   336 C  C6    . DG  B 2 6 ? -5.181  -8.312  -7.492  1.00 29.02 ? 6   DG  B C6    1 
ATOM   337 O  O6    . DG  B 2 6 ? -6.400  -8.440  -7.375  1.00 28.48 ? 6   DG  B O6    1 
ATOM   338 N  N1    . DG  B 2 6 ? -4.356  -8.471  -6.387  1.00 28.99 ? 6   DG  B N1    1 
ATOM   339 C  C2    . DG  B 2 6 ? -2.973  -8.348  -6.406  1.00 29.80 ? 6   DG  B C2    1 
ATOM   340 N  N2    . DG  B 2 6 ? -2.334  -8.536  -5.243  1.00 31.34 ? 6   DG  B N2    1 
ATOM   341 N  N3    . DG  B 2 6 ? -2.276  -8.051  -7.491  1.00 30.99 ? 6   DG  B N3    1 
ATOM   342 C  C4    . DG  B 2 6 ? -3.067  -7.927  -8.576  1.00 31.04 ? 6   DG  B C4    1 
ATOM   343 P  P     . DT  B 2 7 ? -0.174  -8.120  -14.899 1.00 38.96 ? 7   DT  B P     1 
ATOM   344 O  OP1   . DT  B 2 7 ? 0.556   -7.557  -16.052 1.00 41.10 ? 7   DT  B OP1   1 
ATOM   345 O  OP2   . DT  B 2 7 ? -1.566  -8.615  -15.137 1.00 38.09 ? 7   DT  B OP2   1 
ATOM   346 O  "O5'" . DT  B 2 7 ? 0.742   -9.292  -14.331 1.00 39.90 ? 7   DT  B "O5'" 1 
ATOM   347 C  "C5'" . DT  B 2 7 ? 1.966   -8.958  -13.680 1.00 40.40 ? 7   DT  B "C5'" 1 
ATOM   348 C  "C4'" . DT  B 2 7 ? 2.525   -10.181 -12.950 1.00 41.06 ? 7   DT  B "C4'" 1 
ATOM   349 O  "O4'" . DT  B 2 7 ? 1.764   -10.403 -11.743 1.00 38.90 ? 7   DT  B "O4'" 1 
ATOM   350 C  "C3'" . DT  B 2 7 ? 2.422   -11.511 -13.693 1.00 42.82 ? 7   DT  B "C3'" 1 
ATOM   351 O  "O3'" . DT  B 2 7 ? 3.520   -11.687 -14.556 1.00 45.56 ? 7   DT  B "O3'" 1 
ATOM   352 C  "C2'" . DT  B 2 7 ? 2.455   -12.494 -12.555 1.00 42.42 ? 7   DT  B "C2'" 1 
ATOM   353 C  "C1'" . DT  B 2 7 ? 1.609   -11.787 -11.524 1.00 39.58 ? 7   DT  B "C1'" 1 
ATOM   354 N  N1    . DT  B 2 7 ? 0.145   -12.137 -11.578 1.00 38.19 ? 7   DT  B N1    1 
ATOM   355 C  C2    . DT  B 2 7 ? -0.388  -12.873 -10.549 1.00 37.27 ? 7   DT  B C2    1 
ATOM   356 O  O2    . DT  B 2 7 ? 0.268   -13.252 -9.606  1.00 37.54 ? 7   DT  B O2    1 
ATOM   357 N  N3    . DT  B 2 7 ? -1.733  -13.159 -10.674 1.00 36.28 ? 7   DT  B N3    1 
ATOM   358 C  C4    . DT  B 2 7 ? -2.569  -12.768 -11.714 1.00 36.15 ? 7   DT  B C4    1 
ATOM   359 O  O4    . DT  B 2 7 ? -3.759  -13.080 -11.757 1.00 35.49 ? 7   DT  B O4    1 
ATOM   360 C  C5    . DT  B 2 7 ? -1.947  -12.022 -12.768 1.00 37.19 ? 7   DT  B C5    1 
ATOM   361 C  C7    . DT  B 2 7 ? -2.772  -11.567 -13.926 1.00 37.42 ? 7   DT  B C7    1 
ATOM   362 C  C6    . DT  B 2 7 ? -0.635  -11.722 -12.659 1.00 38.13 ? 7   DT  B C6    1 
HETATM 363 N  N     . DSN C 3 1 ? -3.566  3.080   0.430   1.00 34.00 ? 1   DSN D N     1 
HETATM 364 C  CA    . DSN C 3 1 ? -2.844  3.523   -0.748  1.00 37.20 ? 1   DSN D CA    1 
HETATM 365 C  C     . DSN C 3 1 ? -2.591  5.025   -0.756  1.00 36.87 ? 1   DSN D C     1 
HETATM 366 O  O     . DSN C 3 1 ? -1.609  5.436   -1.268  1.00 38.69 ? 1   DSN D O     1 
HETATM 367 C  CB    . DSN C 3 1 ? -1.499  2.786   -0.666  1.00 38.59 ? 1   DSN D CB    1 
HETATM 368 O  OG    . DSN C 3 1 ? -1.142  2.894   0.715   1.00 37.57 ? 1   DSN D OG    1 
ATOM   369 N  N     . ALA C 3 2 ? -3.558  5.936   -0.142  1.00 34.12 ? 2   ALA D N     1 
ATOM   370 C  CA    . ALA C 3 2 ? -3.255  7.359   -0.187  1.00 35.98 ? 2   ALA D CA    1 
ATOM   371 C  C     . ALA C 3 2 ? -2.126  7.648   0.814   1.00 36.15 ? 2   ALA D C     1 
ATOM   372 O  O     . ALA C 3 2 ? -1.963  6.929   1.759   1.00 35.27 ? 2   ALA D O     1 
ATOM   373 C  CB    . ALA C 3 2 ? -4.496  8.132   0.204   1.00 35.13 ? 2   ALA D CB    1 
HETATM 374 N  N     . N2C C 3 3 ? -1.227  8.821   0.592   1.00 38.11 ? 3   N2C D N     1 
HETATM 375 C  CA    . N2C C 3 3 ? -0.170  9.118   1.547   1.00 38.66 ? 3   N2C D CA    1 
HETATM 376 C  CB    . N2C C 3 3 ? 1.243   8.993   0.952   1.00 42.16 ? 3   N2C D CB    1 
HETATM 377 S  SG    . N2C C 3 3 ? 1.329   7.655   -0.242  1.00 43.82 ? 3   N2C D SG    1 
HETATM 378 C  CD    . N2C C 3 3 ? 2.227   8.243   -1.712  1.00 46.05 ? 3   N2C D CD    1 
HETATM 379 C  CN    . N2C C 3 3 ? -1.441  9.699   -0.565  1.00 39.07 ? 3   N2C D CN    1 
HETATM 380 C  C     . N2C C 3 3 ? -0.425  10.579  1.970   1.00 38.71 ? 3   N2C D C     1 
HETATM 381 O  O     . N2C C 3 3 ? 0.237   11.455  1.538   1.00 41.11 ? 3   N2C D O     1 
HETATM 382 N  N     . MVA C 3 4 ? -1.561  10.881  2.912   1.00 36.96 ? 4   MVA D N     1 
HETATM 383 C  CN    . MVA C 3 4 ? -2.391  9.758   3.453   1.00 34.93 ? 4   MVA D CN    1 
HETATM 384 C  CA    . MVA C 3 4 ? -1.795  12.280  3.293   1.00 38.40 ? 4   MVA D CA    1 
HETATM 385 C  CB    . MVA C 3 4 ? -3.264  12.524  3.699   1.00 37.72 ? 4   MVA D CB    1 
HETATM 386 C  CG1   . MVA C 3 4 ? -3.446  13.900  4.375   1.00 40.24 ? 4   MVA D CG1   1 
HETATM 387 C  CG2   . MVA C 3 4 ? -4.216  12.463  2.472   1.00 38.29 ? 4   MVA D CG2   1 
HETATM 388 C  C     . MVA C 3 4 ? -0.809  12.586  4.434   1.00 40.31 ? 4   MVA D C     1 
HETATM 389 O  O     . MVA C 3 4 ? -0.343  13.673  4.579   1.00 43.79 ? 4   MVA D O     1 
HETATM 390 N  N     . DSN C 3 5 ? -1.304  10.607  7.498   1.00 37.91 ? 5   DSN D N     1 
HETATM 391 C  CA    . DSN C 3 5 ? 0.148   10.690  7.407   1.00 40.17 ? 5   DSN D CA    1 
HETATM 392 C  C     . DSN C 3 5 ? 0.769   9.422   6.895   1.00 38.23 ? 5   DSN D C     1 
HETATM 393 O  O     . DSN C 3 5 ? 1.747   9.471   6.230   1.00 39.48 ? 5   DSN D O     1 
HETATM 394 C  CB    . DSN C 3 5 ? 0.430   11.831  6.394   1.00 42.04 ? 5   DSN D CB    1 
HETATM 395 O  OG    . DSN C 3 5 ? -0.453  11.535  5.277   1.00 39.02 ? 5   DSN D OG    1 
ATOM   396 N  N     . ALA C 3 6 ? 0.176   8.133   7.204   1.00 35.34 ? 6   ALA D N     1 
ATOM   397 C  CA    . ALA C 3 6 ? 0.812   6.953   6.690   1.00 34.12 ? 6   ALA D CA    1 
ATOM   398 C  C     . ALA C 3 6 ? 0.608   6.881   5.187   1.00 34.33 ? 6   ALA D C     1 
ATOM   399 O  O     . ALA C 3 6 ? -0.344  7.390   4.682   1.00 33.85 ? 6   ALA D O     1 
ATOM   400 C  CB    . ALA C 3 6 ? 0.202   5.716   7.364   1.00 32.27 ? 6   ALA D CB    1 
HETATM 401 N  N     . NCY C 3 7 ? 1.608   6.182   4.355   1.00 36.96 ? 7   NCY D N     1 
HETATM 402 C  CA    . NCY C 3 7 ? 1.439   6.090   2.923   1.00 37.70 ? 7   NCY D CA    1 
HETATM 403 C  CB    . NCY C 3 7 ? 2.652   6.754   2.250   1.00 41.15 ? 7   NCY D CB    1 
HETATM 404 S  SG    . NCY C 3 7 ? 2.426   8.593   2.288   1.00 43.13 ? 7   NCY D SG    1 
HETATM 405 C  CN    . NCY C 3 7 ? 2.791   5.557   4.982   1.00 38.31 ? 7   NCY D CN    1 
HETATM 406 C  C     . NCY C 3 7 ? 1.460   4.600   2.595   1.00 38.88 ? 7   NCY D C     1 
HETATM 407 O  O     . NCY C 3 7 ? 2.411   4.127   2.090   1.00 43.38 ? 7   NCY D O     1 
HETATM 408 N  N     . MVA C 3 8 ? 0.298   3.716   2.943   1.00 36.96 ? 8   MVA D N     1 
HETATM 409 C  CN    . MVA C 3 8 ? -0.898  4.247   3.566   1.00 33.98 ? 8   MVA D CN    1 
HETATM 410 C  CA    . MVA C 3 8 ? 0.431   2.285   2.603   1.00 37.02 ? 8   MVA D CA    1 
HETATM 411 C  CB    . MVA C 3 8 ? -0.310  1.412   3.667   1.00 35.50 ? 8   MVA D CB    1 
HETATM 412 C  CG1   . MVA C 3 8 ? 0.394   1.481   5.069   1.00 34.91 ? 8   MVA D CG1   1 
HETATM 413 C  CG2   . MVA C 3 8 ? -0.349  -0.055  3.203   1.00 36.57 ? 8   MVA D CG2   1 
HETATM 414 C  C     . MVA C 3 8 ? -0.085  2.061   1.194   1.00 40.66 ? 8   MVA D C     1 
HETATM 415 O  O     . MVA C 3 8 ? 0.383   1.236   0.486   1.00 43.70 ? 8   MVA D O     1 
HETATM 416 N  N     . DSN D 3 1 ? -0.215  -10.822 -7.270  1.00 37.39 ? 1   DSN E N     1 
HETATM 417 C  CA    . DSN D 3 1 ? 1.151   -10.500 -7.606  1.00 39.63 ? 1   DSN E CA    1 
HETATM 418 C  C     . DSN D 3 1 ? 1.502   -9.074  -7.226  1.00 37.66 ? 1   DSN E C     1 
HETATM 419 O  O     . DSN D 3 1 ? 2.591   -8.842  -6.823  1.00 38.93 ? 1   DSN E O     1 
HETATM 420 C  CB    . DSN D 3 1 ? 1.990   -11.460 -6.759  1.00 41.56 ? 1   DSN E CB    1 
HETATM 421 O  OG    . DSN D 3 1 ? 1.425   -11.354 -5.456  1.00 38.72 ? 1   DSN E OG    1 
ATOM   422 N  N     . ALA D 3 2 ? 0.472   -8.028  -7.324  1.00 34.71 ? 2   ALA E N     1 
ATOM   423 C  CA    . ALA D 3 2 ? 0.851   -6.657  -6.944  1.00 33.70 ? 2   ALA E CA    1 
ATOM   424 C  C     . ALA D 3 2 ? 1.057   -6.595  -5.421  1.00 34.89 ? 2   ALA E C     1 
ATOM   425 O  O     . ALA D 3 2 ? 0.500   -7.373  -4.709  1.00 34.33 ? 2   ALA E O     1 
ATOM   426 C  CB    . ALA D 3 2 ? -0.256  -5.720  -7.350  1.00 31.54 ? 2   ALA E CB    1 
HETATM 427 N  N     . N2C D 3 3 ? 1.981   -5.610  -4.817  1.00 36.97 ? 3   N2C E N     1 
HETATM 428 C  CA    . N2C D 3 3 ? 2.135   -5.574  -3.375  1.00 38.17 ? 3   N2C E CA    1 
HETATM 429 C  CB    . N2C D 3 3 ? 3.551   -5.913  -2.939  1.00 41.64 ? 3   N2C E CB    1 
HETATM 430 S  SG    . N2C D 3 3 ? 4.164   -7.305  -3.884  1.00 44.19 ? 3   N2C E SG    1 
HETATM 431 C  CD    . N2C D 3 3 ? 5.971   -7.135  -4.020  1.00 47.02 ? 3   N2C E CD    1 
HETATM 432 C  CN    . N2C D 3 3 ? 2.677   -4.649  -5.683  1.00 38.03 ? 3   N2C E CN    1 
HETATM 433 C  C     . N2C D 3 3 ? 1.796   -4.116  -3.018  1.00 38.89 ? 3   N2C E C     1 
HETATM 434 O  O     . N2C D 3 3 ? 2.651   -3.355  -2.750  1.00 43.86 ? 3   N2C E O     1 
HETATM 435 N  N     . MVA D 3 4 ? 0.383   -3.621  -3.067  1.00 37.60 ? 4   MVA E N     1 
HETATM 436 C  CN    . MVA D 3 4 ? -0.746  -4.550  -3.409  1.00 34.03 ? 4   MVA E CN    1 
HETATM 437 C  CA    . MVA D 3 4 ? 0.144   -2.195  -2.759  1.00 37.16 ? 4   MVA E CA    1 
HETATM 438 C  CB    . MVA D 3 4 ? -0.921  -1.677  -3.752  1.00 35.58 ? 4   MVA E CB    1 
HETATM 439 C  CG1   . MVA D 3 4 ? -1.417  -0.243  -3.462  1.00 37.76 ? 4   MVA E CG1   1 
HETATM 440 C  CG2   . MVA D 3 4 ? -0.416  -1.723  -5.219  1.00 35.60 ? 4   MVA E CG2   1 
HETATM 441 C  C     . MVA D 3 4 ? -0.273  -2.092  -1.282  1.00 39.77 ? 4   MVA E C     1 
HETATM 442 O  O     . MVA D 3 4 ? -0.563  -1.066  -0.764  1.00 42.33 ? 4   MVA E O     1 
HETATM 443 N  N     . DSN D 3 5 ? -2.495  -4.089  0.416   1.00 34.10 ? 5   DSN E N     1 
HETATM 444 C  CA    . DSN D 3 5 ? -1.394  -4.237  1.343   1.00 35.97 ? 5   DSN E CA    1 
HETATM 445 C  C     . DSN D 3 5 ? -0.707  -5.551  1.227   1.00 36.51 ? 5   DSN E C     1 
HETATM 446 O  O     . DSN D 3 5 ? 0.448   -5.602  1.457   1.00 37.42 ? 5   DSN E O     1 
HETATM 447 C  CB    . DSN D 3 5 ? -0.400  -3.109  0.932   1.00 36.92 ? 5   DSN E CB    1 
HETATM 448 O  OG    . DSN D 3 5 ? -0.294  -3.232  -0.512  1.00 38.13 ? 5   DSN E OG    1 
ATOM   449 N  N     . ALA D 3 6 ? -1.487  -6.709  0.829   1.00 33.99 ? 6   ALA E N     1 
ATOM   450 C  CA    . ALA D 3 6 ? -0.808  -7.976  0.727   1.00 35.88 ? 6   ALA E CA    1 
ATOM   451 C  C     . ALA D 3 6 ? 0.076   -7.951  -0.503  1.00 35.96 ? 6   ALA E C     1 
ATOM   452 O  O     . ALA D 3 6 ? -0.170  -7.228  -1.424  1.00 35.43 ? 6   ALA E O     1 
ATOM   453 C  CB    . ALA D 3 6 ? -1.834  -9.111  0.603   1.00 34.92 ? 6   ALA E CB    1 
HETATM 454 N  N     . NCY D 3 7 ? 1.258   -8.827  -0.556  1.00 37.53 ? 7   NCY E N     1 
HETATM 455 C  CA    . NCY D 3 7 ? 2.100   -8.836  -1.729  1.00 39.37 ? 7   NCY E CA    1 
HETATM 456 C  CB    . NCY D 3 7 ? 3.521   -8.427  -1.333  1.00 41.05 ? 7   NCY E CB    1 
HETATM 457 S  SG    . NCY D 3 7 ? 3.486   -6.575  -1.239  1.00 43.72 ? 7   NCY E SG    1 
HETATM 458 C  CN    . NCY D 3 7 ? 1.596   -9.736  0.556   1.00 39.08 ? 7   NCY E CN    1 
HETATM 459 C  C     . NCY D 3 7 ? 2.133   -10.293 -2.191  1.00 39.47 ? 7   NCY E C     1 
HETATM 460 O  O     . NCY D 3 7 ? 3.101   -10.947 -2.043  1.00 41.13 ? 7   NCY E O     1 
HETATM 461 N  N     . MVA D 3 8 ? 0.914   -10.901 -2.799  1.00 36.26 ? 8   MVA E N     1 
HETATM 462 C  CN    . MVA D 3 8 ? -0.276  -10.102 -2.987  1.00 34.22 ? 8   MVA E CN    1 
HETATM 463 C  CA    . MVA D 3 8 ? 1.054   -12.323 -3.185  1.00 38.22 ? 8   MVA E CA    1 
HETATM 464 C  CB    . MVA D 3 8 ? -0.283  -13.110 -3.188  1.00 37.91 ? 8   MVA E CB    1 
HETATM 465 C  CG1   . MVA D 3 8 ? -1.120  -13.171 -1.875  1.00 37.56 ? 8   MVA E CG1   1 
HETATM 466 C  CG2   . MVA D 3 8 ? -1.038  -13.168 -4.524  1.00 37.86 ? 8   MVA E CG2   1 
HETATM 467 C  C     . MVA D 3 8 ? 1.705   -12.392 -4.540  1.00 40.16 ? 8   MVA E C     1 
HETATM 468 O  O     . MVA D 3 8 ? 2.439   -13.278 -4.825  1.00 43.59 ? 8   MVA E O     1 
HETATM 469 MN MN    . MN  E 4 . ? -5.465  6.037   12.952  1.00 50.41 ? 101 MN  A MN    1 
HETATM 470 MN MN    . MN  F 4 . ? -9.688  -7.890  0.837   1.00 21.95 ? 102 MN  A MN    1 
HETATM 471 MN MN    . MN  G 4 . ? -6.767  -7.971  -11.072 1.00 47.59 ? 101 MN  B MN    1 
HETATM 472 N  N1    . QUI H 5 . ? -4.897  1.996   2.721   1.00 28.40 ? 101 QUI D N1    1 
HETATM 473 C  C2    . QUI H 5 . ? -5.690  2.315   1.700   1.00 28.70 ? 101 QUI D C2    1 
HETATM 474 C  C3    . QUI H 5 . ? -7.081  2.085   1.760   1.00 26.97 ? 101 QUI D C3    1 
HETATM 475 N  N4    . QUI H 5 . ? -7.611  1.573   2.864   1.00 25.51 ? 101 QUI D N4    1 
HETATM 476 C  C5    . QUI H 5 . ? -7.371  0.689   5.127   1.00 24.40 ? 101 QUI D C5    1 
HETATM 477 C  C6    . QUI H 5 . ? -6.555  0.362   6.204   1.00 24.95 ? 101 QUI D C6    1 
HETATM 478 C  C7    . QUI H 5 . ? -5.174  0.583   6.132   1.00 25.83 ? 101 QUI D C7    1 
HETATM 479 C  C8    . QUI H 5 . ? -4.607  1.116   4.970   1.00 27.04 ? 101 QUI D C8    1 
HETATM 480 C  C9    . QUI H 5 . ? -5.449  1.462   3.861   1.00 26.80 ? 101 QUI D C9    1 
HETATM 481 C  C10   . QUI H 5 . ? -6.793  1.250   3.931   1.00 25.64 ? 101 QUI D C10   1 
HETATM 482 C  C     . QUI H 5 . ? -5.033  2.878   0.419   1.00 31.16 ? 101 QUI D C     1 
HETATM 483 O  O1    . QUI H 5 . ? -5.680  3.090   -0.542  1.00 32.23 ? 101 QUI D O1    1 
HETATM 484 N  N1    . QUI I 5 . ? -4.169  10.586  7.682   1.00 34.88 ? 102 QUI D N1    1 
HETATM 485 C  C2    . QUI I 5 . ? -3.527  10.192  8.764   1.00 36.07 ? 102 QUI D C2    1 
HETATM 486 C  C3    . QUI I 5 . ? -4.242  9.834   9.918   1.00 36.45 ? 102 QUI D C3    1 
HETATM 487 N  N4    . QUI I 5 . ? -5.561  9.861   9.929   1.00 35.58 ? 102 QUI D N4    1 
HETATM 488 C  C5    . QUI I 5 . ? -7.647  10.302  8.791   1.00 33.91 ? 102 QUI D C5    1 
HETATM 489 C  C6    . QUI I 5 . ? -8.319  10.708  7.651   1.00 34.03 ? 102 QUI D C6    1 
HETATM 490 C  C7    . QUI I 5 . ? -7.609  11.088  6.512   1.00 34.22 ? 102 QUI D C7    1 
HETATM 491 C  C8    . QUI I 5 . ? -6.224  11.049  6.501   1.00 33.98 ? 102 QUI D C8    1 
HETATM 492 C  C9    . QUI I 5 . ? -5.533  10.625  7.676   1.00 33.96 ? 102 QUI D C9    1 
HETATM 493 C  C10   . QUI I 5 . ? -6.217  10.261  8.790   1.00 34.31 ? 102 QUI D C10   1 
HETATM 494 C  C     . QUI I 5 . ? -1.985  10.192  8.739   1.00 37.74 ? 102 QUI D C     1 
HETATM 495 O  O1    . QUI I 5 . ? -1.370  9.893   9.701   1.00 39.36 ? 102 QUI D O1    1 
HETATM 496 N  N1    . QUI J 5 . ? -2.835  -11.700 -6.667  1.00 34.69 ? 101 QUI E N1    1 
HETATM 497 C  C2    . QUI J 5 . ? -2.686  -11.179 -7.892  1.00 35.68 ? 101 QUI E C2    1 
HETATM 498 C  C3    . QUI J 5 . ? -3.757  -11.128 -8.806  1.00 36.02 ? 101 QUI E C3    1 
HETATM 499 N  N4    . QUI J 5 . ? -4.967  -11.541 -8.453  1.00 35.22 ? 101 QUI E N4    1 
HETATM 500 C  C5    . QUI J 5 . ? -6.417  -12.527 -6.762  1.00 33.81 ? 101 QUI E C5    1 
HETATM 501 C  C6    . QUI J 5 . ? -6.600  -13.063 -5.493  1.00 33.28 ? 101 QUI E C6    1 
HETATM 502 C  C7    . QUI J 5 . ? -5.527  -13.138 -4.603  1.00 33.14 ? 101 QUI E C7    1 
HETATM 503 C  C8    . QUI J 5 . ? -4.273  -12.675 -4.989  1.00 33.26 ? 101 QUI E C8    1 
HETATM 504 C  C9    . QUI J 5 . ? -4.079  -12.136 -6.299  1.00 33.86 ? 101 QUI E C9    1 
HETATM 505 C  C10   . QUI J 5 . ? -5.118  -12.063 -7.172  1.00 34.13 ? 101 QUI E C10   1 
HETATM 506 C  C     . QUI J 5 . ? -1.261  -10.725 -8.289  1.00 37.28 ? 101 QUI E C     1 
HETATM 507 O  O1    . QUI J 5 . ? -1.000  -10.356 -9.387  1.00 38.92 ? 101 QUI E O1    1 
HETATM 508 N  N1    . QUI K 5 . ? -4.662  -3.490  -1.324  1.00 28.09 ? 102 QUI E N1    1 
HETATM 509 C  C2    . QUI K 5 . ? -5.003  -3.998  -0.151  1.00 27.66 ? 102 QUI E C2    1 
HETATM 510 C  C3    . QUI K 5 . ? -6.355  -4.181  0.169   1.00 25.61 ? 102 QUI E C3    1 
HETATM 511 N  N4    . QUI K 5 . ? -7.284  -3.872  -0.727  1.00 24.33 ? 102 QUI E N4    1 
HETATM 512 C  C5    . QUI K 5 . ? -7.924  -3.061  -2.924  1.00 22.41 ? 102 QUI E C5    1 
HETATM 513 C  C6    . QUI K 5 . ? -7.575  -2.558  -4.160  1.00 22.92 ? 102 QUI E C6    1 
HETATM 514 C  C7    . QUI K 5 . ? -6.229  -2.374  -4.477  1.00 24.64 ? 102 QUI E C7    1 
HETATM 515 C  C8    . QUI K 5 . ? -5.253  -2.651  -3.535  1.00 25.57 ? 102 QUI E C8    1 
HETATM 516 C  C9    . QUI K 5 . ? -5.613  -3.183  -2.257  1.00 25.64 ? 102 QUI E C9    1 
HETATM 517 C  C10   . QUI K 5 . ? -6.918  -3.373  -1.954  1.00 24.58 ? 102 QUI E C10   1 
HETATM 518 C  C     . QUI K 5 . ? -3.884  -4.294  0.859   1.00 30.10 ? 102 QUI E C     1 
HETATM 519 O  O1    . QUI K 5 . ? -4.110  -4.652  1.959   1.00 30.76 ? 102 QUI E O1    1 
HETATM 520 O  O     . HOH L 6 . ? -2.929  -0.604  0.415   0.32 24.25 ? 201 HOH A O     1 
HETATM 521 O  O     . HOH L 6 . ? 4.922   7.513   14.912  1.00 52.01 ? 202 HOH A O     1 
HETATM 522 O  O     . HOH L 6 . ? -9.246  -7.029  8.050   1.00 40.68 ? 203 HOH A O     1 
HETATM 523 O  O     . HOH L 6 . ? -0.531  8.583   17.834  1.00 44.49 ? 204 HOH A O     1 
HETATM 524 O  O     . HOH L 6 . ? -4.797  -14.513 4.788   1.00 38.25 ? 205 HOH A O     1 
HETATM 525 O  O     . HOH L 6 . ? -8.206  -15.176 4.250   1.00 34.74 ? 206 HOH A O     1 
HETATM 526 O  O     . HOH L 6 . ? -9.569  -9.588  2.346   1.00 25.72 ? 207 HOH A O     1 
HETATM 527 O  O     . HOH L 6 . ? -7.130  5.013   11.344  1.00 44.22 ? 208 HOH A O     1 
HETATM 528 O  O     . HOH L 6 . ? -8.672  -8.081  5.150   1.00 43.98 ? 209 HOH A O     1 
HETATM 529 O  O     . HOH L 6 . ? 2.392   6.232   17.634  1.00 49.36 ? 210 HOH A O     1 
HETATM 530 O  O     . HOH L 6 . ? -10.489 -10.137 -5.274  1.00 42.95 ? 211 HOH A O     1 
HETATM 531 O  O     . HOH L 6 . ? -4.072  4.662   14.059  1.00 47.67 ? 212 HOH A O     1 
HETATM 532 O  O     . HOH L 6 . ? -2.199  6.931   15.049  1.00 39.25 ? 213 HOH A O     1 
HETATM 533 O  O     . HOH L 6 . ? 0.416   -3.688  10.173  1.00 42.35 ? 214 HOH A O     1 
HETATM 534 O  O     . HOH L 6 . ? -5.122  3.791   12.293  1.00 51.62 ? 215 HOH A O     1 
HETATM 535 O  O     . HOH L 6 . ? -9.977  -6.063  -0.503  1.00 27.54 ? 216 HOH A O     1 
HETATM 536 O  O     . HOH L 6 . ? -4.481  7.420   14.373  1.00 46.54 ? 217 HOH A O     1 
HETATM 537 O  O     . HOH L 6 . ? -7.748  -14.415 -1.625  1.00 34.22 ? 218 HOH A O     1 
HETATM 538 O  O     . HOH L 6 . ? 3.317   7.667   9.727   1.00 47.71 ? 219 HOH A O     1 
HETATM 539 O  O     . HOH L 6 . ? -4.161  -13.235 7.176   1.00 51.95 ? 220 HOH A O     1 
HETATM 540 O  O     . HOH L 6 . ? -0.735  -7.624  4.750   1.00 46.83 ? 221 HOH A O     1 
HETATM 541 O  O     . HOH L 6 . ? -8.705  -19.236 -8.181  1.00 51.72 ? 222 HOH A O     1 
HETATM 542 O  O     . HOH L 6 . ? 0.469   7.398   19.776  1.00 51.37 ? 223 HOH A O     1 
HETATM 543 O  O     . HOH L 6 . ? -7.209  7.049   14.366  1.00 64.78 ? 224 HOH A O     1 
HETATM 544 O  O     . HOH M 6 . ? -9.522  14.521  -1.509  1.00 37.58 ? 201 HOH B O     1 
HETATM 545 O  O     . HOH M 6 . ? -11.184 6.895   8.538   1.00 39.10 ? 202 HOH B O     1 
HETATM 546 O  O     . HOH M 6 . ? -10.441 11.981  -3.005  1.00 41.78 ? 203 HOH B O     1 
HETATM 547 O  O     . HOH M 6 . ? -0.784  -6.042  -17.563 1.00 52.30 ? 204 HOH B O     1 
HETATM 548 O  O     . HOH M 6 . ? -12.174 6.120   0.712   1.00 25.00 ? 205 HOH B O     1 
HETATM 549 O  O     . HOH M 6 . ? -13.035 11.843  -1.135  1.00 32.74 ? 206 HOH B O     1 
HETATM 550 O  O     . HOH M 6 . ? -2.918  -9.077  -17.408 1.00 45.39 ? 207 HOH B O     1 
HETATM 551 O  O     . HOH M 6 . ? -12.088 9.701   2.763   1.00 28.33 ? 208 HOH B O     1 
HETATM 552 O  O     . HOH M 6 . ? -12.886 3.702   -5.043  1.00 39.29 ? 209 HOH B O     1 
HETATM 553 O  O     . HOH M 6 . ? -4.049  -7.831  -14.205 1.00 41.79 ? 210 HOH B O     1 
HETATM 554 O  O     . HOH M 6 . ? -9.923  12.855  11.176  1.00 47.86 ? 211 HOH B O     1 
HETATM 555 O  O     . HOH M 6 . ? -6.464  -6.194  -12.443 1.00 48.75 ? 212 HOH B O     1 
HETATM 556 O  O     . HOH M 6 . ? -10.805 2.834   3.510   1.00 28.18 ? 213 HOH B O     1 
HETATM 557 O  O     . HOH M 6 . ? -10.906 11.643  4.443   1.00 30.84 ? 214 HOH B O     1 
HETATM 558 O  O     . HOH M 6 . ? -6.178  -9.131  -12.867 1.00 44.73 ? 215 HOH B O     1 
HETATM 559 O  O     . HOH M 6 . ? -12.613 7.042   -5.770  1.00 52.95 ? 216 HOH B O     1 
HETATM 560 O  O     . HOH M 6 . ? -13.019 1.083   -6.038  1.00 38.12 ? 217 HOH B O     1 
HETATM 561 O  O     . HOH M 6 . ? -8.686  -8.612  -12.014 1.00 58.37 ? 218 HOH B O     1 
HETATM 562 O  O     . HOH M 6 . ? -9.047  -6.116  -15.054 1.00 50.56 ? 219 HOH B O     1 
HETATM 563 O  O     . HOH N 6 . ? -10.061 0.338   2.872   1.00 34.76 ? 201 HOH D O     1 
HETATM 564 O  O     . HOH N 6 . ? -6.969  8.436   12.381  1.00 55.98 ? 202 HOH D O     1 
HETATM 565 O  O     . HOH O 6 . ? -9.849  -3.383  0.103   1.00 35.35 ? 201 HOH E O     1 
HETATM 566 O  O     . HOH O 6 . ? 4.122   -3.857  0.924   1.00 54.57 ? 202 HOH E O     1 
# 
loop_
_atom_site_anisotrop.id 
_atom_site_anisotrop.type_symbol 
_atom_site_anisotrop.pdbx_label_atom_id 
_atom_site_anisotrop.pdbx_label_alt_id 
_atom_site_anisotrop.pdbx_label_comp_id 
_atom_site_anisotrop.pdbx_label_asym_id 
_atom_site_anisotrop.pdbx_label_seq_id 
_atom_site_anisotrop.pdbx_PDB_ins_code 
_atom_site_anisotrop.U[1][1] 
_atom_site_anisotrop.U[2][2] 
_atom_site_anisotrop.U[3][3] 
_atom_site_anisotrop.U[1][2] 
_atom_site_anisotrop.U[1][3] 
_atom_site_anisotrop.U[2][3] 
_atom_site_anisotrop.pdbx_auth_seq_id 
_atom_site_anisotrop.pdbx_auth_comp_id 
_atom_site_anisotrop.pdbx_auth_asym_id 
_atom_site_anisotrop.pdbx_auth_atom_id 
1   O "O5'" . DA  A 1 ? 0.7089 0.3030 0.3604 -0.0499 0.2429  -0.0245 1   DA  A "O5'" 
2   C "C5'" . DA  A 1 ? 0.7544 0.3028 0.3940 -0.0337 0.2678  -0.0160 1   DA  A "C5'" 
3   C "C4'" . DA  A 1 ? 0.7524 0.3102 0.4086 -0.0099 0.2745  -0.0017 1   DA  A "C4'" 
4   O "O4'" . DA  A 1 ? 0.7540 0.3152 0.4186 -0.0123 0.2825  -0.0046 1   DA  A "O4'" 
5   C "C3'" . DA  A 1 ? 0.6978 0.3017 0.3723 -0.0026 0.2531  0.0059  1   DA  A "C3'" 
6   O "O3'" . DA  A 1 ? 0.7404 0.3360 0.4150 0.0195  0.2598  0.0216  1   DA  A "O3'" 
7   C "C2'" . DA  A 1 ? 0.6871 0.3190 0.3805 -0.0028 0.2493  0.0067  1   DA  A "C2'" 
8   C "C1'" . DA  A 1 ? 0.7071 0.3125 0.3935 -0.0088 0.2679  -0.0002 1   DA  A "C1'" 
9   N N9    . DA  A 1 ? 0.6915 0.3166 0.3767 -0.0282 0.2560  -0.0122 1   DA  A N9    
10  C C8    . DA  A 1 ? 0.6870 0.3155 0.3608 -0.0484 0.2441  -0.0248 1   DA  A C8    
11  N N7    . DA  A 1 ? 0.6797 0.3270 0.3549 -0.0592 0.2373  -0.0309 1   DA  A N7    
12  C C5    . DA  A 1 ? 0.6757 0.3318 0.3630 -0.0471 0.2452  -0.0225 1   DA  A C5    
13  C C6    . DA  A 1 ? 0.6714 0.3460 0.3629 -0.0507 0.2446  -0.0227 1   DA  A C6    
14  N N6    . DA  A 1 ? 0.6680 0.3547 0.3500 -0.0661 0.2345  -0.0314 1   DA  A N6    
15  N N1    . DA  A 1 ? 0.6726 0.3544 0.3794 -0.0372 0.2558  -0.0120 1   DA  A N1    
16  C C2    . DA  A 1 ? 0.6776 0.3491 0.3961 -0.0197 0.2669  -0.0014 1   DA  A C2    
17  N N3    . DA  A 1 ? 0.6842 0.3360 0.3973 -0.0127 0.2684  0.0006  1   DA  A N3    
18  C C4    . DA  A 1 ? 0.6833 0.3274 0.3793 -0.0282 0.2571  -0.0109 1   DA  A C4    
57  P P     . DG  A 3 ? 0.5224 0.2937 0.2085 0.0015  0.1399  0.0131  3   DG  A P     
58  O OP1   . DG  A 3 ? 0.5492 0.3057 0.2188 0.0071  0.1445  0.0185  3   DG  A OP1   
59  O OP2   . DG  A 3 ? 0.4967 0.2867 0.1919 -0.0172 0.1302  -0.0034 3   DG  A OP2   
60  O "O5'" . DG  A 3 ? 0.5399 0.3314 0.2255 0.0125  0.1235  0.0192  3   DG  A "O5'" 
61  C "C5'" . DG  A 3 ? 0.5742 0.3612 0.2656 0.0341  0.1240  0.0391  3   DG  A "C5'" 
62  C "C4'" . DG  A 3 ? 0.5609 0.3823 0.2915 0.0381  0.0957  0.0398  3   DG  A "C4'" 
63  O "O4'" . DG  A 3 ? 0.5503 0.3699 0.2936 0.0290  0.1057  0.0386  3   DG  A "O4'" 
64  C "C3'" . DG  A 3 ? 0.5482 0.3939 0.2748 0.0309  0.0681  0.0239  3   DG  A "C3'" 
65  O "O3'" . DG  A 3 ? 0.5556 0.4183 0.2885 0.0436  0.0468  0.0273  3   DG  A "O3'" 
66  C "C2'" . DG  A 3 ? 0.5361 0.3990 0.2931 0.0258  0.0535  0.0217  3   DG  A "C2'" 
67  C "C1'" . DG  A 3 ? 0.5334 0.3757 0.2889 0.0200  0.0816  0.0286  3   DG  A "C1'" 
68  N N9    . DG  A 3 ? 0.5214 0.3525 0.2496 0.0021  0.0931  0.0149  3   DG  A N9    
69  C C8    . DG  A 3 ? 0.4854 0.3156 0.1873 -0.0089 0.0930  -0.0012 3   DG  A C8    
70  N N7    . DG  A 3 ? 0.4622 0.2988 0.1737 -0.0221 0.0936  -0.0097 3   DG  A N7    
71  C C5    . DG  A 3 ? 0.4800 0.3054 0.1934 -0.0221 0.1042  0.0001  3   DG  A C5    
72  C C6    . DG  A 3 ? 0.4556 0.2817 0.1744 -0.0328 0.1082  -0.0025 3   DG  A C6    
73  O O6    . DG  A 3 ? 0.4415 0.2760 0.1619 -0.0430 0.1023  -0.0133 3   DG  A O6    
74  N N1    . DG  A 3 ? 0.4794 0.2970 0.2037 -0.0299 0.1206  0.0121  3   DG  A N1    
75  C C2    . DG  A 3 ? 0.5102 0.3328 0.2607 -0.0155 0.1195  0.0273  3   DG  A C2    
76  N N2    . DG  A 3 ? 0.5164 0.3435 0.2921 -0.0144 0.1271  0.0400  3   DG  A N2    
77  N N3    . DG  A 3 ? 0.5186 0.3485 0.2789 -0.0028 0.1078  0.0294  3   DG  A N3    
78  C C4    . DG  A 3 ? 0.5151 0.3407 0.2460 -0.0074 0.1037  0.0159  3   DG  A C4    
123 P P     . DC  A 5 ? 0.4832 0.4770 0.3502 0.0694  -0.1195 0.0016  5   DC  A P     
124 O OP1   . DC  A 5 ? 0.4921 0.5043 0.3681 0.0828  -0.1371 0.0083  5   DC  A OP1   
125 O OP2   . DC  A 5 ? 0.4734 0.4590 0.2989 0.0642  -0.1117 -0.0154 5   DC  A OP2   
126 O "O5'" . DC  A 5 ? 0.4599 0.4604 0.3615 0.0606  -0.1407 -0.0062 5   DC  A "O5'" 
127 C "C5'" . DC  A 5 ? 0.4461 0.4563 0.3923 0.0601  -0.1479 0.0080  5   DC  A "C5'" 
128 C "C4'" . DC  A 5 ? 0.4204 0.4377 0.3923 0.0530  -0.1771 -0.0040 5   DC  A "C4'" 
129 O "O4'" . DC  A 5 ? 0.4352 0.4345 0.3975 0.0421  -0.1716 -0.0113 5   DC  A "O4'" 
130 C "C3'" . DC  A 5 ? 0.4107 0.4389 0.3720 0.0568  -0.1986 -0.0235 5   DC  A "C3'" 
131 O "O3'" . DC  A 5 ? 0.3984 0.4474 0.3825 0.0617  -0.2096 -0.0171 5   DC  A "O3'" 
132 C "C2'" . DC  A 5 ? 0.3768 0.3956 0.3538 0.0447  -0.2035 -0.0349 5   DC  A "C2'" 
133 C "C1'" . DC  A 5 ? 0.3956 0.3961 0.3661 0.0392  -0.1978 -0.0286 5   DC  A "C1'" 
134 N N1    . DC  A 5 ? 0.3824 0.3715 0.3236 0.0361  -0.1848 -0.0425 5   DC  A N1    
135 C C2    . DC  A 5 ? 0.3915 0.3646 0.3348 0.0277  -0.1847 -0.0423 5   DC  A C2    
136 O O2    . DC  A 5 ? 0.4092 0.3753 0.3769 0.0209  -0.1938 -0.0296 5   DC  A O2    
137 N N3    . DC  A 5 ? 0.3689 0.3376 0.2917 0.0262  -0.1720 -0.0531 5   DC  A N3    
138 C C4    . DC  A 5 ? 0.3506 0.3311 0.2557 0.0301  -0.1591 -0.0627 5   DC  A C4    
139 N N4    . DC  A 5 ? 0.3405 0.3222 0.2349 0.0269  -0.1471 -0.0702 5   DC  A N4    
140 C C5    . DC  A 5 ? 0.3518 0.3446 0.2515 0.0365  -0.1593 -0.0627 5   DC  A C5    
141 C C6    . DC  A 5 ? 0.3795 0.3758 0.2956 0.0405  -0.1726 -0.0529 5   DC  A C6    
142 P P     . DG  A 6 ? 0.4146 0.4765 0.3889 0.0622  -0.2153 -0.0299 6   DG  A P     
143 O OP1   . DG  A 6 ? 0.4263 0.5071 0.4080 0.0727  -0.2208 -0.0150 6   DG  A OP1   
144 O OP2   . DG  A 6 ? 0.4111 0.4644 0.3520 0.0607  -0.2048 -0.0455 6   DG  A OP2   
145 O "O5'" . DG  A 6 ? 0.4096 0.4733 0.4157 0.0522  -0.2291 -0.0381 6   DG  A "O5'" 
146 C "C5'" . DG  A 6 ? 0.4118 0.4885 0.4567 0.0496  -0.2406 -0.0265 6   DG  A "C5'" 
147 C "C4'" . DG  A 6 ? 0.4162 0.4801 0.4840 0.0376  -0.2494 -0.0341 6   DG  A "C4'" 
148 O "O4'" . DG  A 6 ? 0.3991 0.4394 0.4573 0.0332  -0.2407 -0.0346 6   DG  A "O4'" 
149 C "C3'" . DG  A 6 ? 0.4268 0.4853 0.4848 0.0356  -0.2567 -0.0527 6   DG  A "C3'" 
150 O "O3'" . DG  A 6 ? 0.4422 0.5205 0.5241 0.0334  -0.2721 -0.0516 6   DG  A "O3'" 
151 C "C2'" . DG  A 6 ? 0.4305 0.4616 0.4958 0.0278  -0.2585 -0.0590 6   DG  A "C2'" 
152 C "C1'" . DG  A 6 ? 0.4108 0.4322 0.4671 0.0276  -0.2453 -0.0487 6   DG  A "C1'" 
153 N N9    . DG  A 6 ? 0.4019 0.4113 0.4249 0.0321  -0.2317 -0.0588 6   DG  A N9    
154 C C8    . DG  A 6 ? 0.4057 0.4227 0.4030 0.0391  -0.2242 -0.0693 6   DG  A C8    
155 N N7    . DG  A 6 ? 0.4018 0.4099 0.3787 0.0405  -0.2117 -0.0758 6   DG  A N7    
156 C C5    . DG  A 6 ? 0.3913 0.3837 0.3770 0.0351  -0.2114 -0.0695 6   DG  A C5    
157 C C6    . DG  A 6 ? 0.3863 0.3670 0.3581 0.0338  -0.2011 -0.0717 6   DG  A C6    
158 O O6    . DG  A 6 ? 0.3864 0.3705 0.3391 0.0370  -0.1890 -0.0799 6   DG  A O6    
159 N N1    . DG  A 6 ? 0.3876 0.3529 0.3719 0.0268  -0.2071 -0.0620 6   DG  A N1    
160 C C2    . DG  A 6 ? 0.3999 0.3630 0.4111 0.0202  -0.2202 -0.0500 6   DG  A C2    
161 N N2    . DG  A 6 ? 0.4321 0.3792 0.4526 0.0110  -0.2247 -0.0387 6   DG  A N2    
162 N N3    . DG  A 6 ? 0.4039 0.3819 0.4333 0.0210  -0.2285 -0.0476 6   DG  A N3    
163 C C4    . DG  A 6 ? 0.3939 0.3853 0.4072 0.0293  -0.2240 -0.0584 6   DG  A C4    
164 P P     . DT  A 7 ? 0.4521 0.5303 0.5292 0.0316  -0.2845 -0.0688 7   DT  A P     
165 O OP1   . DT  A 7 ? 0.4647 0.5726 0.5568 0.0324  -0.2963 -0.0632 7   DT  A OP1   
166 O OP2   . DT  A 7 ? 0.4582 0.5247 0.5007 0.0373  -0.2766 -0.0838 7   DT  A OP2   
167 O "O5'" . DT  A 7 ? 0.4608 0.5184 0.5661 0.0207  -0.2956 -0.0732 7   DT  A "O5'" 
168 C "C5'" . DT  A 7 ? 0.4541 0.5163 0.5971 0.0113  -0.3010 -0.0585 7   DT  A "C5'" 
169 C "C4'" . DT  A 7 ? 0.4654 0.4973 0.6251 0.0006  -0.3094 -0.0624 7   DT  A "C4'" 
170 O "O4'" . DT  A 7 ? 0.4535 0.4602 0.5902 0.0042  -0.2974 -0.0634 7   DT  A "O4'" 
171 C "C3'" . DT  A 7 ? 0.4957 0.5130 0.6533 -0.0008 -0.3236 -0.0808 7   DT  A "C3'" 
172 O "O3'" . DT  A 7 ? 0.5151 0.5478 0.7046 -0.0108 -0.3404 -0.0804 7   DT  A "O3'" 
173 C "C2'" . DT  A 7 ? 0.5008 0.4809 0.6597 -0.0045 -0.3250 -0.0819 7   DT  A "C2'" 
174 C "C1'" . DT  A 7 ? 0.4728 0.4497 0.6091 0.0018  -0.3061 -0.0741 7   DT  A "C1'" 
175 N N1    . DT  A 7 ? 0.4711 0.4397 0.5725 0.0144  -0.2961 -0.0877 7   DT  A N1    
176 C C2    . DT  A 7 ? 0.4717 0.4137 0.5638 0.0169  -0.2931 -0.0903 7   DT  A C2    
177 O O2    . DT  A 7 ? 0.4761 0.3981 0.5839 0.0088  -0.2996 -0.0811 7   DT  A O2    
178 N N3    . DT  A 7 ? 0.4688 0.4109 0.5334 0.0289  -0.2827 -0.1029 7   DT  A N3    
179 C C4    . DT  A 7 ? 0.4666 0.4303 0.5122 0.0363  -0.2751 -0.1116 7   DT  A C4    
180 O O4    . DT  A 7 ? 0.4647 0.4293 0.4902 0.0449  -0.2657 -0.1214 7   DT  A O4    
181 C C5    . DT  A 7 ? 0.4691 0.4562 0.5219 0.0326  -0.2800 -0.1074 7   DT  A C5    
182 C C7    . DT  A 7 ? 0.4723 0.4811 0.5032 0.0391  -0.2746 -0.1141 7   DT  A C7    
183 C C6    . DT  A 7 ? 0.4702 0.4602 0.5506 0.0229  -0.2900 -0.0960 7   DT  A C6    
184 O "O5'" . DA  B 1 ? 0.5133 0.3449 0.5234 0.0836  -0.2848 -0.1259 1   DA  B "O5'" 
185 C "C5'" . DA  B 1 ? 0.5479 0.3390 0.5727 0.0827  -0.3121 -0.1213 1   DA  B "C5'" 
186 C "C4'" . DA  B 1 ? 0.5460 0.3249 0.5766 0.0625  -0.3153 -0.1008 1   DA  B "C4'" 
187 O "O4'" . DA  B 1 ? 0.5443 0.3353 0.5879 0.0569  -0.3149 -0.1030 1   DA  B "O4'" 
188 C "C3'" . DA  B 1 ? 0.5161 0.3143 0.5303 0.0509  -0.2944 -0.0873 1   DA  B "C3'" 
189 O "O3'" . DA  B 1 ? 0.5621 0.3321 0.5726 0.0395  -0.3060 -0.0693 1   DA  B "O3'" 
190 C "C2'" . DA  B 1 ? 0.4947 0.3172 0.5135 0.0412  -0.2818 -0.0833 1   DA  B "C2'" 
191 C "C1'" . DA  B 1 ? 0.5117 0.3288 0.5493 0.0453  -0.2960 -0.0934 1   DA  B "C1'" 
192 N N9    . DA  B 1 ? 0.4963 0.3435 0.5280 0.0520  -0.2826 -0.1061 1   DA  B N9    
193 C C8    . DA  B 1 ? 0.4903 0.3549 0.5095 0.0654  -0.2725 -0.1212 1   DA  B C8    
194 N N7    . DA  B 1 ? 0.4816 0.3701 0.4971 0.0664  -0.2639 -0.1281 1   DA  B N7    
195 C C5    . DA  B 1 ? 0.4823 0.3693 0.5096 0.0548  -0.2698 -0.1184 1   DA  B C5    
196 C C6    . DA  B 1 ? 0.4781 0.3845 0.5078 0.0502  -0.2679 -0.1185 1   DA  B C6    
197 N N6    . DA  B 1 ? 0.4760 0.4039 0.4934 0.0564  -0.2602 -0.1291 1   DA  B N6    
198 N N1    . DA  B 1 ? 0.4808 0.3836 0.5283 0.0385  -0.2768 -0.1070 1   DA  B N1    
199 C C2    . DA  B 1 ? 0.4866 0.3673 0.5475 0.0300  -0.2857 -0.0948 1   DA  B C2    
200 N N3    . DA  B 1 ? 0.4930 0.3511 0.5495 0.0318  -0.2888 -0.0918 1   DA  B N3    
201 C C4    . DA  B 1 ? 0.4915 0.3536 0.5312 0.0457  -0.2816 -0.1053 1   DA  B C4    
202 P P     A DC  B 2 ? 0.4275 0.3634 0.4232 0.0175  -0.1163 0.0016  2   DC  B P     
203 P P     B DC  B 2 ? 0.4649 0.4013 0.4605 0.0171  -0.1160 0.0022  2   DC  B P     
204 O OP1   A DC  B 2 ? 0.5050 0.4410 0.5007 0.0179  -0.1164 0.0010  2   DC  B OP1   
205 O OP1   B DC  B 2 ? 0.2933 0.2278 0.2893 0.0168  -0.1160 0.0017  2   DC  B OP1   
206 O OP2   A DC  B 2 ? 0.5203 0.4539 0.5163 0.0169  -0.1161 0.0014  2   DC  B OP2   
207 O OP2   B DC  B 2 ? 0.3707 0.3093 0.3660 0.0172  -0.1160 0.0029  2   DC  B OP2   
208 O "O5'" A DC  B 2 ? 0.3587 0.2954 0.3541 0.0172  -0.1162 0.0026  2   DC  B "O5'" 
209 O "O5'" B DC  B 2 ? 0.4956 0.4312 0.4910 0.0167  -0.1160 0.0027  2   DC  B "O5'" 
210 C "C5'" A DC  B 2 ? 0.3150 0.2512 0.3101 0.0167  -0.1161 0.0033  2   DC  B "C5'" 
211 C "C5'" B DC  B 2 ? 0.3867 0.3239 0.3817 0.0168  -0.1160 0.0035  2   DC  B "C5'" 
212 C "C4'" A DC  B 2 ? 0.3345 0.2706 0.3293 0.0164  -0.1160 0.0040  2   DC  B "C4'" 
213 C "C4'" B DC  B 2 ? 0.3349 0.2710 0.3298 0.0164  -0.1160 0.0039  2   DC  B "C4'" 
214 O "O4'" A DC  B 2 ? 0.3105 0.2488 0.3050 0.0169  -0.1161 0.0044  2   DC  B "O4'" 
215 O "O4'" B DC  B 2 ? 0.3107 0.2481 0.3053 0.0167  -0.1161 0.0042  2   DC  B "O4'" 
216 C "C3'" A DC  B 2 ? 0.3498 0.2856 0.3445 0.0159  -0.1160 0.0048  2   DC  B "C3'" 
217 C "C3'" B DC  B 2 ? 0.3539 0.2894 0.3485 0.0158  -0.1159 0.0047  2   DC  B "C3'" 
218 O "O3'" A DC  B 2 ? 0.3645 0.2981 0.3594 0.0153  -0.1158 0.0045  2   DC  B "O3'" 
219 O "O3'" B DC  B 2 ? 0.3654 0.2989 0.3604 0.0153  -0.1159 0.0045  2   DC  B "O3'" 
220 C "C2'" A DC  B 2 ? 0.3063 0.2426 0.3007 0.0158  -0.1160 0.0054  2   DC  B "C2'" 
221 C "C2'" B DC  B 2 ? 0.2709 0.2065 0.2653 0.0157  -0.1161 0.0052  2   DC  B "C2'" 
222 C "C1'" A DC  B 2 ? 0.2727 0.2110 0.2671 0.0166  -0.1160 0.0052  2   DC  B "C1'" 
223 C "C1'" B DC  B 2 ? 0.2934 0.2308 0.2878 0.0164  -0.1161 0.0050  2   DC  B "C1'" 
224 N N1    A DC  B 2 ? 0.3085 0.2494 0.3025 0.0169  -0.1161 0.0059  2   DC  B N1    
225 N N1    B DC  B 2 ? 0.2916 0.2316 0.2856 0.0168  -0.1161 0.0057  2   DC  B N1    
226 C C2    A DC  B 2 ? 0.3323 0.2746 0.3261 0.0173  -0.1162 0.0062  2   DC  B C2    
227 C C2    B DC  B 2 ? 0.3250 0.2663 0.3189 0.0171  -0.1162 0.0060  2   DC  B C2    
228 O O2    A DC  B 2 ? 0.3468 0.2883 0.3408 0.0173  -0.1162 0.0058  2   DC  B O2    
229 O O2    B DC  B 2 ? 0.2699 0.2099 0.2639 0.0170  -0.1163 0.0057  2   DC  B O2    
230 N N3    A DC  B 2 ? 0.3261 0.2709 0.3196 0.0176  -0.1162 0.0070  2   DC  B N3    
231 N N3    B DC  B 2 ? 0.2789 0.2227 0.2726 0.0175  -0.1162 0.0067  2   DC  B N3    
232 C C4    A DC  B 2 ? 0.2891 0.2350 0.2825 0.0176  -0.1160 0.0073  2   DC  B C4    
233 C C4    B DC  B 2 ? 0.2704 0.2155 0.2640 0.0175  -0.1161 0.0071  2   DC  B C4    
234 N N4    A DC  B 2 ? 0.3325 0.2810 0.3257 0.0179  -0.1161 0.0081  2   DC  B N4    
235 N N4    B DC  B 2 ? 0.3082 0.2558 0.3014 0.0179  -0.1161 0.0078  2   DC  B N4    
236 C C5    A DC  B 2 ? 0.3455 0.2900 0.3391 0.0172  -0.1159 0.0070  2   DC  B C5    
237 C C5    B DC  B 2 ? 0.2059 0.1498 0.1996 0.0172  -0.1160 0.0068  2   DC  B C5    
238 C C6    A DC  B 2 ? 0.2798 0.2219 0.2737 0.0169  -0.1160 0.0063  2   DC  B C6    
239 C C6    B DC  B 2 ? 0.2671 0.2084 0.2609 0.0168  -0.1160 0.0061  2   DC  B C6    
240 P P     . DG  B 3 ? 0.4295 0.3019 0.3287 0.0082  -0.2043 -0.0444 3   DG  B P     
241 O OP1   . DG  B 3 ? 0.4515 0.3083 0.3403 0.0091  -0.2151 -0.0401 3   DG  B OP1   
242 O OP2   . DG  B 3 ? 0.3917 0.2973 0.2908 0.0159  -0.1857 -0.0601 3   DG  B OP2   
243 O "O5'" . DG  B 3 ? 0.4583 0.3270 0.3356 -0.0070 -0.1938 -0.0310 3   DG  B "O5'" 
244 C "C5'" . DG  B 3 ? 0.5032 0.3430 0.3723 -0.0218 -0.2077 -0.0097 3   DG  B "C5'" 
245 C "C4'" . DG  B 3 ? 0.5095 0.3570 0.3780 -0.0318 -0.1772 0.0036  3   DG  B "C4'" 
246 O "O4'" . DG  B 3 ? 0.5003 0.3610 0.3935 -0.0260 -0.1795 -0.0025 3   DG  B "O4'" 
247 C "C3'" . DG  B 3 ? 0.5067 0.3660 0.3428 -0.0342 -0.1508 -0.0019 3   DG  B "C3'" 
248 O "O3'" . DG  B 3 ? 0.5290 0.3754 0.3446 -0.0462 -0.1367 0.0138  3   DG  B "O3'" 
249 C "C2'" . DG  B 3 ? 0.4968 0.3677 0.3436 -0.0339 -0.1302 0.0005  3   DG  B "C2'" 
250 C "C1'" . DG  B 3 ? 0.4803 0.3564 0.3603 -0.0253 -0.1533 -0.0046 3   DG  B "C1'" 
251 N N9    . DG  B 3 ? 0.4481 0.3406 0.3239 -0.0133 -0.1625 -0.0262 3   DG  B N9    
252 C C8    . DG  B 3 ? 0.4200 0.3266 0.2821 -0.0067 -0.1564 -0.0426 3   DG  B C8    
253 N N7    . DG  B 3 ? 0.3847 0.3128 0.2583 0.0021  -0.1501 -0.0537 3   DG  B N7    
254 C C5    . DG  B 3 ? 0.3987 0.3223 0.2867 0.0036  -0.1609 -0.0483 3   DG  B C5    
255 C C6    . DG  B 3 ? 0.3670 0.3066 0.2670 0.0115  -0.1609 -0.0545 3   DG  B C6    
256 O O6    . DG  B 3 ? 0.3454 0.3024 0.2423 0.0167  -0.1509 -0.0649 3   DG  B O6    
257 N N1    . DG  B 3 ? 0.3853 0.3204 0.3035 0.0106  -0.1751 -0.0448 3   DG  B N1    
258 C C2    . DG  B 3 ? 0.4211 0.3428 0.3539 0.0009  -0.1785 -0.0270 3   DG  B C2    
259 N N2    . DG  B 3 ? 0.4282 0.3575 0.3909 0.0002  -0.1819 -0.0161 3   DG  B N2    
260 N N3    . DG  B 3 ? 0.4511 0.3575 0.3738 -0.0083 -0.1691 -0.0177 3   DG  B N3    
261 C C4    . DG  B 3 ? 0.4367 0.3414 0.3308 -0.0059 -0.1690 -0.0313 3   DG  B C4    
262 N N1    A 5CM B 4 ? 0.5894 0.3325 0.3512 -0.0288 -0.0587 -0.0099 4   5CM B N1    
263 N N1    B 5CM B 4 ? 0.4048 0.1476 0.1663 -0.0290 -0.0586 -0.0095 4   5CM B N1    
264 C C2    A 5CM B 4 ? 0.4732 0.2155 0.2344 -0.0291 -0.0588 -0.0084 4   5CM B C2    
265 C C2    B 5CM B 4 ? 0.4064 0.1487 0.1672 -0.0293 -0.0588 -0.0081 4   5CM B C2    
266 N N3    A 5CM B 4 ? 0.6206 0.3626 0.3804 -0.0303 -0.0585 -0.0086 4   5CM B N3    
267 N N3    B 5CM B 4 ? 0.6815 0.4238 0.4411 -0.0306 -0.0586 -0.0083 4   5CM B N3    
268 C C4    A 5CM B 4 ? 0.4115 0.1541 0.1708 -0.0312 -0.0582 -0.0100 4   5CM B C4    
269 C C4    B 5CM B 4 ? 0.7513 0.4939 0.5102 -0.0314 -0.0582 -0.0098 4   5CM B C4    
270 C C5    A 5CM B 4 ? 0.6764 0.4198 0.4364 -0.0310 -0.0581 -0.0115 4   5CM B C5    
271 C C5    B 5CM B 4 ? 0.4635 0.2067 0.2233 -0.0311 -0.0581 -0.0112 4   5CM B C5    
272 C C5A   A 5CM B 4 ? 0.6413 0.3856 0.4010 -0.0319 -0.0577 -0.0129 4   5CM B C5A   
273 C C5A   B 5CM B 4 ? 0.6922 0.4362 0.4517 -0.0321 -0.0577 -0.0126 4   5CM B C5A   
274 C C6    A 5CM B 4 ? 0.7019 0.4456 0.4631 -0.0297 -0.0584 -0.0114 4   5CM B C6    
275 C C6    B 5CM B 4 ? 0.4045 0.1478 0.1654 -0.0299 -0.0583 -0.0110 4   5CM B C6    
276 O O2    A 5CM B 4 ? 0.9384 0.6804 0.7003 -0.0283 -0.0591 -0.0070 4   5CM B O2    
277 O O2    B 5CM B 4 ? 0.4296 0.1717 0.1912 -0.0285 -0.0592 -0.0066 4   5CM B O2    
278 N N4    A 5CM B 4 ? 0.6565 0.3989 0.4146 -0.0324 -0.0579 -0.0100 4   5CM B N4    
279 N N4    B 5CM B 4 ? 0.5580 0.3007 0.3158 -0.0326 -0.0579 -0.0098 4   5CM B N4    
280 C "C1'" A 5CM B 4 ? 0.6110 0.3544 0.3743 -0.0275 -0.0589 -0.0097 4   5CM B "C1'" 
281 C "C1'" B 5CM B 4 ? 0.4755 0.2183 0.2384 -0.0276 -0.0588 -0.0093 4   5CM B "C1'" 
282 C "C2'" A 5CM B 4 ? 0.5999 0.3411 0.3633 -0.0266 -0.0581 -0.0096 4   5CM B "C2'" 
283 C "C2'" B 5CM B 4 ? 0.4908 0.2315 0.2537 -0.0269 -0.0580 -0.0095 4   5CM B "C2'" 
284 C "C3'" A 5CM B 4 ? 0.5856 0.3272 0.3490 -0.0268 -0.0580 -0.0115 4   5CM B "C3'" 
285 C "C3'" B 5CM B 4 ? 0.5772 0.3187 0.3404 -0.0270 -0.0579 -0.0113 4   5CM B "C3'" 
286 C "C4'" A 5CM B 4 ? 0.5380 0.2824 0.3022 -0.0268 -0.0589 -0.0119 4   5CM B "C4'" 
287 C "C4'" B 5CM B 4 ? 0.4008 0.1449 0.1649 -0.0269 -0.0588 -0.0115 4   5CM B "C4'" 
288 O "O4'" A 5CM B 4 ? 0.5571 0.3023 0.3208 -0.0275 -0.0593 -0.0111 4   5CM B "O4'" 
289 O "O4'" B 5CM B 4 ? 0.6215 0.3662 0.3849 -0.0276 -0.0592 -0.0107 4   5CM B "O4'" 
290 O "O3'" A 5CM B 4 ? 0.6479 0.3881 0.4117 -0.0258 -0.0575 -0.0116 4   5CM B "O3'" 
291 O "O3'" B 5CM B 4 ? 0.6736 0.4137 0.4373 -0.0258 -0.0574 -0.0115 4   5CM B "O3'" 
292 C "C5'" A 5CM B 4 ? 0.6618 0.4078 0.4263 -0.0274 -0.0589 -0.0137 4   5CM B "C5'" 
293 C "C5'" B 5CM B 4 ? 0.6201 0.3658 0.3844 -0.0274 -0.0589 -0.0133 4   5CM B "C5'" 
294 O "O5'" A 5CM B 4 ? 0.5762 0.3221 0.3394 -0.0288 -0.0586 -0.0142 4   5CM B "O5'" 
295 O "O5'" B 5CM B 4 ? 0.5699 0.3158 0.3331 -0.0288 -0.0586 -0.0140 4   5CM B "O5'" 
296 P P     A 5CM B 4 ? 0.5790 0.3271 0.3423 -0.0296 -0.0587 -0.0156 4   5CM B P     
297 P P     B 5CM B 4 ? 0.5756 0.3237 0.3389 -0.0295 -0.0587 -0.0155 4   5CM B P     
298 O OP1   A 5CM B 4 ? 0.6123 0.3608 0.3765 -0.0292 -0.0587 -0.0168 4   5CM B OP1   
299 O OP1   B 5CM B 4 ? 0.5659 0.3142 0.3300 -0.0292 -0.0587 -0.0167 4   5CM B OP1   
300 O OP2   A 5CM B 4 ? 0.5785 0.3263 0.3406 -0.0308 -0.0583 -0.0157 4   5CM B OP2   
301 O OP2   B 5CM B 4 ? 0.5698 0.3177 0.3319 -0.0308 -0.0583 -0.0156 4   5CM B OP2   
302 P P     . DC  B 5 ? 0.5775 0.4065 0.2961 -0.0927 0.0350  0.0522  5   DC  B P     
303 O OP1   . DC  B 5 ? 0.6074 0.4256 0.3047 -0.1062 0.0469  0.0664  5   DC  B OP1   
304 O OP2   . DC  B 5 ? 0.5683 0.4016 0.2627 -0.0904 0.0216  0.0317  5   DC  B OP2   
305 O "O5'" . DC  B 5 ? 0.5633 0.3937 0.2905 -0.0875 0.0660  0.0513  5   DC  B "O5'" 
306 C "C5'" . DC  B 5 ? 0.5516 0.3866 0.3130 -0.0851 0.0787  0.0679  5   DC  B "C5'" 
307 C "C4'" . DC  B 5 ? 0.5402 0.3712 0.2956 -0.0810 0.1135  0.0659  5   DC  B "C4'" 
308 O "O4'" . DC  B 5 ? 0.5460 0.3792 0.3051 -0.0688 0.1100  0.0542  5   DC  B "O4'" 
309 C "C3'" . DC  B 5 ? 0.5386 0.3675 0.2687 -0.0844 0.1280  0.0529  5   DC  B "C3'" 
310 O "O3'" . DC  B 5 ? 0.5428 0.3768 0.2803 -0.0897 0.1396  0.0637  5   DC  B "O3'" 
311 C "C2'" . DC  B 5 ? 0.5193 0.3478 0.2581 -0.0727 0.1441  0.0424  5   DC  B "C2'" 
312 C "C1'" . DC  B 5 ? 0.5201 0.3460 0.2646 -0.0656 0.1353  0.0448  5   DC  B "C1'" 
313 N N1    . DC  B 5 ? 0.5070 0.3312 0.2341 -0.0637 0.1248  0.0266  5   DC  B N1    
314 C C2    . DC  B 5 ? 0.5109 0.3325 0.2432 -0.0528 0.1280  0.0245  5   DC  B C2    
315 O O2    . DC  B 5 ? 0.5302 0.3499 0.2805 -0.0434 0.1394  0.0386  5   DC  B O2    
316 N N3    . DC  B 5 ? 0.4911 0.3149 0.2134 -0.0524 0.1181  0.0091  5   DC  B N3    
317 C C4    . DC  B 5 ? 0.4740 0.3053 0.1876 -0.0614 0.1059  -0.0034 5   DC  B C4    
318 N N4    . DC  B 5 ? 0.4664 0.3058 0.1813 -0.0609 0.0974  -0.0152 5   DC  B N4    
319 C C5    . DC  B 5 ? 0.4817 0.3144 0.1877 -0.0708 0.1026  -0.0013 5   DC  B C5    
320 C C6    . DC  B 5 ? 0.5049 0.3325 0.2150 -0.0719 0.1121  0.0136  5   DC  B C6    
321 P P     . DG  B 6 ? 0.5730 0.4074 0.2888 -0.0947 0.1472  0.0543  6   DG  B P     
322 O OP1   . DG  B 6 ? 0.5934 0.4316 0.3115 -0.1037 0.1461  0.0723  6   DG  B OP1   
323 O OP2   . DG  B 6 ? 0.5715 0.4010 0.2626 -0.0970 0.1360  0.0358  6   DG  B OP2   
324 O "O5'" . DG  B 6 ? 0.5752 0.4112 0.3043 -0.0864 0.1721  0.0499  6   DG  B "O5'" 
325 C "C5'" . DG  B 6 ? 0.5776 0.4230 0.3326 -0.0839 0.1869  0.0648  6   DG  B "C5'" 
326 C "C4'" . DG  B 6 ? 0.5893 0.4306 0.3565 -0.0717 0.2061  0.0578  6   DG  B "C4'" 
327 O "O4'" . DG  B 6 ? 0.5615 0.3961 0.3336 -0.0632 0.1983  0.0531  6   DG  B "O4'" 
328 C "C3'" . DG  B 6 ? 0.6044 0.4327 0.3497 -0.0716 0.2172  0.0417  6   DG  B "C3'" 
329 O "O3'" . DG  B 6 ? 0.6299 0.4651 0.3800 -0.0736 0.2357  0.0481  6   DG  B "O3'" 
330 C "C2'" . DG  B 6 ? 0.6007 0.4144 0.3532 -0.0591 0.2253  0.0335  6   DG  B "C2'" 
331 C "C1'" . DG  B 6 ? 0.5718 0.3912 0.3353 -0.0556 0.2084  0.0392  6   DG  B "C1'" 
332 N N9    . DG  B 6 ? 0.5579 0.3694 0.3020 -0.0591 0.1917  0.0257  6   DG  B N9    
333 C C8    . DG  B 6 ? 0.5628 0.3724 0.2848 -0.0698 0.1812  0.0146  6   DG  B C8    
334 N N7    . DG  B 6 ? 0.5557 0.3622 0.2698 -0.0712 0.1682  0.0042  6   DG  B N7    
335 C C5    . DG  B 6 ? 0.5372 0.3413 0.2647 -0.0607 0.1700  0.0083  6   DG  B C5    
336 C C6    . DG  B 6 ? 0.5249 0.3270 0.2507 -0.0577 0.1600  0.0019  6   DG  B C6    
337 O O6    . DG  B 6 ? 0.5201 0.3249 0.2369 -0.0642 0.1479  -0.0091 6   DG  B O6    
338 N N1    . DG  B 6 ? 0.5212 0.3206 0.2594 -0.0454 0.1662  0.0110  6   DG  B N1    
339 C C2    . DG  B 6 ? 0.5250 0.3259 0.2812 -0.0365 0.1808  0.0256  6   DG  B C2    
340 N N2    . DG  B 6 ? 0.5411 0.3403 0.3096 -0.0231 0.1854  0.0353  6   DG  B N2    
341 N N3    . DG  B 6 ? 0.5359 0.3422 0.2994 -0.0402 0.1903  0.0316  6   DG  B N3    
342 C C4    . DG  B 6 ? 0.5424 0.3488 0.2882 -0.0525 0.1843  0.0220  6   DG  B C4    
343 P P     . DT  B 7 ? 0.6434 0.4654 0.3713 -0.0753 0.2520  0.0349  7   DT  B P     
344 O OP1   . DT  B 7 ? 0.6659 0.5026 0.3930 -0.0823 0.2624  0.0452  7   DT  B OP1   
345 O OP2   . DT  B 7 ? 0.6471 0.4536 0.3468 -0.0814 0.2405  0.0186  7   DT  B OP2   
346 O "O5'" . DT  B 7 ? 0.6534 0.4636 0.3992 -0.0608 0.2736  0.0320  7   DT  B "O5'" 
347 C "C5'" . DT  B 7 ? 0.6430 0.4684 0.4237 -0.0513 0.2830  0.0466  7   DT  B "C5'" 
348 C "C4'" . DT  B 7 ? 0.6529 0.4606 0.4467 -0.0340 0.3007  0.0428  7   DT  B "C4'" 
349 O "O4'" . DT  B 7 ? 0.6308 0.4259 0.4213 -0.0289 0.2862  0.0390  7   DT  B "O4'" 
350 C "C3'" . DT  B 7 ? 0.6912 0.4722 0.4636 -0.0320 0.3188  0.0284  7   DT  B "C3'" 
351 O "O3'" . DT  B 7 ? 0.7195 0.5092 0.5023 -0.0289 0.3420  0.0321  7   DT  B "O3'" 
352 C "C2'" . DT  B 7 ? 0.6916 0.4489 0.4711 -0.0167 0.3249  0.0263  7   DT  B "C2'" 
353 C "C1'" . DT  B 7 ? 0.6533 0.4183 0.4325 -0.0201 0.2990  0.0287  7   DT  B "C1'" 
354 N N1    . DT  B 7 ? 0.6515 0.3991 0.4002 -0.0318 0.2831  0.0138  7   DT  B N1    
355 C C2    . DT  B 7 ? 0.6484 0.3755 0.3922 -0.0261 0.2796  0.0093  7   DT  B C2    
356 O O2    . DT  B 7 ? 0.6489 0.3689 0.4083 -0.0106 0.2888  0.0176  7   DT  B O2    
357 N N3    . DT  B 7 ? 0.6472 0.3635 0.3677 -0.0391 0.2658  -0.0037 7   DT  B N3    
358 C C4    . DT  B 7 ? 0.6484 0.3732 0.3519 -0.0551 0.2552  -0.0120 7   DT  B C4    
359 O O4    . DT  B 7 ? 0.6475 0.3651 0.3356 -0.0657 0.2443  -0.0225 7   DT  B O4    
360 C C5    . DT  B 7 ? 0.6547 0.3978 0.3604 -0.0584 0.2597  -0.0063 7   DT  B C5    
361 C C7    . DT  B 7 ? 0.6617 0.4132 0.3468 -0.0734 0.2500  -0.0126 7   DT  B C7    
362 C C6    . DT  B 7 ? 0.6557 0.4097 0.3833 -0.0479 0.2730  0.0062  7   DT  B C6    
363 N N     . DSN C 1 ? 0.4228 0.4337 0.4352 -0.0085 -0.0580 -0.0095 1   DSN D N     
364 C CA    . DSN C 1 ? 0.4590 0.4664 0.4880 -0.0308 -0.0455 0.0025  1   DSN D CA    
365 C C     . DSN C 1 ? 0.4502 0.4441 0.5064 -0.0427 -0.0642 0.0038  1   DSN D C     
366 O O     . DSN C 1 ? 0.4613 0.4607 0.5479 -0.0605 -0.0565 0.0106  1   DSN D O     
367 C CB    . DSN C 1 ? 0.4571 0.4915 0.5177 -0.0289 -0.0306 -0.0004 1   DSN D CB    
368 O OG    . DSN C 1 ? 0.4313 0.4815 0.5147 -0.0112 -0.0539 -0.0149 1   DSN D OG    
369 N N     . ALA C 2 ? 0.4257 0.3983 0.4725 -0.0321 -0.0892 -0.0037 2   ALA D N     
370 C CA    . ALA C 2 ? 0.4489 0.3970 0.5213 -0.0438 -0.1070 -0.0032 2   ALA D CA    
371 C C     . ALA C 2 ? 0.4310 0.3960 0.5464 -0.0436 -0.1221 -0.0217 2   ALA D C     
372 O O     . ALA C 2 ? 0.4122 0.4017 0.5259 -0.0257 -0.1268 -0.0364 2   ALA D O     
373 C CB    . ALA C 2 ? 0.4532 0.3746 0.5069 -0.0276 -0.1272 -0.0095 2   ALA D CB    
374 N N     . N2C C 3 ? 0.4465 0.3964 0.6052 -0.0680 -0.1325 -0.0199 3   N2C D N     
375 C CA    . N2C C 3 ? 0.4313 0.4016 0.6360 -0.0711 -0.1523 -0.0405 3   N2C D CA    
376 C CB    . N2C C 3 ? 0.4461 0.4503 0.7056 -0.0977 -0.1362 -0.0299 3   N2C D CB    
377 S SG    . N2C C 3 ? 0.4651 0.4964 0.7037 -0.0983 -0.0915 -0.0065 3   N2C D SG    
378 C CD    . N2C C 3 ? 0.4823 0.5140 0.7532 -0.1391 -0.0611 0.0205  3   N2C D CD    
379 C CN    . N2C C 3 ? 0.4729 0.3851 0.6266 -0.0901 -0.1256 0.0035  3   N2C D CN    
380 C C     . N2C C 3 ? 0.4444 0.3683 0.6582 -0.0766 -0.1810 -0.0533 3   N2C D C     
381 O O     . N2C C 3 ? 0.4686 0.3746 0.7186 -0.1042 -0.1845 -0.0465 3   N2C D O     
382 N N     . MVA C 4 ? 0.4433 0.3419 0.6191 -0.0466 -0.2016 -0.0746 4   MVA D N     
383 C CN    . MVA C 4 ? 0.4233 0.3474 0.5563 -0.0164 -0.1926 -0.0799 4   MVA D CN    
384 C CA    . MVA C 4 ? 0.4762 0.3235 0.6596 -0.0483 -0.2277 -0.0905 4   MVA D CA    
385 C CB    . MVA C 4 ? 0.4913 0.3114 0.6305 -0.0156 -0.2340 -0.1009 4   MVA D CB    
386 C CG1   . MVA C 4 ? 0.5391 0.3054 0.6845 -0.0088 -0.2627 -0.1274 4   MVA D CG1   
387 C CG2   . MVA C 4 ? 0.5109 0.3155 0.6286 -0.0156 -0.2154 -0.0692 4   MVA D CG2   
388 C C     . MVA C 4 ? 0.4858 0.3485 0.6972 -0.0505 -0.2509 -0.1196 4   MVA D C     
389 O O     . MVA C 4 ? 0.5319 0.3674 0.7645 -0.0641 -0.2619 -0.1258 4   MVA D O     
390 N N     . DSN C 5 ? 0.4593 0.3977 0.5833 0.0260  -0.2587 -0.1634 5   DSN D N     
391 C CA    . DSN C 5 ? 0.4631 0.4258 0.6373 0.0023  -0.2667 -0.1617 5   DSN D CA    
392 C C     . DSN C 5 ? 0.4159 0.4265 0.6102 -0.0022 -0.2520 -0.1437 5   DSN D C     
393 O O     . DSN C 5 ? 0.4069 0.4389 0.6543 -0.0268 -0.2489 -0.1340 5   DSN D O     
394 C CB    . DSN C 5 ? 0.4841 0.4135 0.6999 -0.0299 -0.2683 -0.1527 5   DSN D CB    
395 O OG    . DSN C 5 ? 0.4557 0.3686 0.6582 -0.0330 -0.2511 -0.1315 5   DSN D OG    
396 N N     . ALA C 6 ? 0.3869 0.4175 0.5384 0.0236  -0.2387 -0.1373 6   ALA D N     
397 C CA    . ALA C 6 ? 0.3499 0.4215 0.5247 0.0222  -0.2259 -0.1211 6   ALA D CA    
398 C C     . ALA C 6 ? 0.3511 0.4136 0.5398 0.0015  -0.1954 -0.0964 6   ALA D C     
399 O O     . ALA C 6 ? 0.3649 0.3928 0.5283 -0.0024 -0.1875 -0.0904 6   ALA D O     
400 C CB    . ALA C 6 ? 0.3418 0.4222 0.4619 0.0522  -0.2153 -0.1164 6   ALA D CB    
401 N N     . NCY C 7 ? 0.3589 0.4563 0.5890 -0.0115 -0.1728 -0.0793 7   NCY D N     
402 C CA    . NCY C 7 ? 0.3721 0.4584 0.6019 -0.0307 -0.1394 -0.0562 7   NCY D CA    
403 C CB    . NCY C 7 ? 0.3870 0.4931 0.6834 -0.0617 -0.1342 -0.0500 7   NCY D CB    
404 S SG    . NCY C 7 ? 0.4234 0.4813 0.7339 -0.0873 -0.1602 -0.0568 7   NCY D SG    
405 C CN    . NCY C 7 ? 0.3466 0.4923 0.6168 -0.0020 -0.1845 -0.0865 7   NCY D CN    
406 C C     . NCY C 7 ? 0.3866 0.4933 0.5972 -0.0153 -0.1120 -0.0452 7   NCY D C     
407 O O     . NCY C 7 ? 0.4212 0.5582 0.6691 -0.0214 -0.0949 -0.0385 7   NCY D O     
408 N N     . MVA C 8 ? 0.3891 0.4774 0.5378 0.0073  -0.1056 -0.0439 8   MVA D N     
409 C CN    . MVA C 8 ? 0.3738 0.4348 0.4824 0.0169  -0.1216 -0.0523 8   MVA D CN    
410 C CA    . MVA C 8 ? 0.3911 0.4901 0.5252 0.0189  -0.0800 -0.0341 8   MVA D CA    
411 C CB    . MVA C 8 ? 0.3901 0.4804 0.4781 0.0457  -0.0871 -0.0378 8   MVA D CB    
412 C CG1   . MVA C 8 ? 0.3701 0.4829 0.4733 0.0656  -0.1179 -0.0510 8   MVA D CG1   
413 C CG2   . MVA C 8 ? 0.4124 0.4975 0.4795 0.0545  -0.0591 -0.0266 8   MVA D CG2   
414 C C     . MVA C 8 ? 0.4515 0.5308 0.5624 0.0017  -0.0498 -0.0196 8   MVA D C     
415 O O     . MVA C 8 ? 0.4861 0.5737 0.6004 0.0005  -0.0244 -0.0132 8   MVA D O     
416 N N     . DSN D 1 ? 0.6199 0.4101 0.3904 0.0297  0.2473  -0.0835 1   DSN E N     
417 C CA    . DSN D 1 ? 0.6185 0.4528 0.4345 0.0468  0.2684  -0.0848 1   DSN E CA    
418 C C     . DSN D 1 ? 0.5606 0.4518 0.4187 0.0403  0.2624  -0.0695 1   DSN E C     
419 O O     . DSN D 1 ? 0.5419 0.4758 0.4615 0.0605  0.2723  -0.0667 1   DSN E O     
420 C CB    . DSN D 1 ? 0.6312 0.4591 0.4888 0.0863  0.2757  -0.0879 1   DSN E CB    
421 O OG    . DSN D 1 ? 0.5964 0.4143 0.4604 0.0944  0.2537  -0.0752 1   DSN E OG    
422 N N     . ALA D 2 ? 0.5322 0.4258 0.3609 0.0093  0.2405  -0.0581 2   ALA E N     
423 C CA    . ALA D 2 ? 0.4860 0.4307 0.3638 0.0016  0.2233  -0.0412 2   ALA E CA    
424 C C     . ALA D 2 ? 0.4769 0.4421 0.4069 0.0232  0.1950  -0.0341 2   ALA E C     
425 O O     . ALA D 2 ? 0.4853 0.4214 0.3977 0.0353  0.1833  -0.0359 2   ALA E O     
426 C CB    . ALA D 2 ? 0.4750 0.4105 0.3129 -0.0281 0.2026  -0.0309 2   ALA E CB    
427 N N     . N2C D 3 ? 0.4618 0.4815 0.4615 0.0279  0.1820  -0.0254 3   N2C E N     
428 C CA    . N2C D 3 ? 0.4589 0.4955 0.4960 0.0485  0.1512  -0.0215 3   N2C E CA    
429 C CB    . N2C D 3 ? 0.4660 0.5446 0.5715 0.0759  0.1573  -0.0244 3   N2C E CB    
430 S SG    . N2C D 3 ? 0.5081 0.5669 0.6039 0.0961  0.2031  -0.0372 3   N2C E SG    
431 C CD    . N2C D 3 ? 0.4852 0.6208 0.6803 0.1155  0.2230  -0.0405 3   N2C E CD    
432 C CN    . N2C D 3 ? 0.4554 0.5091 0.4805 0.0084  0.1990  -0.0203 3   N2C E CN    
433 C C     . N2C D 3 ? 0.4561 0.5136 0.5081 0.0283  0.1229  -0.0130 3   N2C E C     
434 O O     . N2C D 3 ? 0.4872 0.5847 0.5944 0.0270  0.1148  -0.0110 3   N2C E O     
435 N N     . MVA D 4 ? 0.4668 0.4938 0.4679 0.0097  0.1058  -0.0085 4   MVA E N     
436 C CN    . MVA D 4 ? 0.4569 0.4400 0.3961 0.0060  0.1133  -0.0117 4   MVA E CN    
437 C CA    . MVA D 4 ? 0.4502 0.4923 0.4694 -0.0049 0.0804  -0.0021 4   MVA E CA    
438 C CB    . MVA D 4 ? 0.4553 0.4708 0.4259 -0.0292 0.0823  0.0046  4   MVA E CB    
439 C CG1   . MVA D 4 ? 0.4789 0.4963 0.4597 -0.0406 0.0547  0.0118  4   MVA E CG1   
440 C CG2   . MVA D 4 ? 0.4617 0.4746 0.4162 -0.0463 0.1142  0.0082  4   MVA E CG2   
441 C C     . MVA D 4 ? 0.4804 0.5250 0.5057 0.0123  0.0489  -0.0049 4   MVA E C     
442 O O     . MVA D 4 ? 0.5072 0.5580 0.5430 0.0073  0.0252  -0.0047 4   MVA E O     
443 N N     . DSN D 5 ? 0.4571 0.4453 0.3932 0.0390  0.0379  -0.0042 5   DSN E N     
444 C CA    . DSN D 5 ? 0.4626 0.4718 0.4322 0.0629  0.0274  -0.0049 5   DSN E CA    
445 C C     . DSN D 5 ? 0.4736 0.4690 0.4445 0.0807  0.0463  -0.0035 5   DSN E C     
446 O O     . DSN D 5 ? 0.4628 0.4839 0.4751 0.0974  0.0435  -0.0049 5   DSN E O     
447 C CB    . DSN D 5 ? 0.4462 0.4903 0.4665 0.0538  0.0212  -0.0087 5   DSN E CB    
448 O OG    . DSN D 5 ? 0.4663 0.5019 0.4806 0.0354  0.0490  -0.0077 5   DSN E OG    
449 N N     . ALA D 6 ? 0.4720 0.4222 0.3974 0.0767  0.0662  -0.0016 6   ALA E N     
450 C CA    . ALA D 6 ? 0.5035 0.4302 0.4294 0.0969  0.0843  -0.0017 6   ALA E CA    
451 C C     . ALA D 6 ? 0.4922 0.4313 0.4429 0.0929  0.1080  -0.0115 6   ALA E C     
452 O O     . ALA D 6 ? 0.4840 0.4326 0.4294 0.0685  0.1149  -0.0157 6   ALA E O     
453 C CB    . ALA D 6 ? 0.5276 0.3981 0.4013 0.0889  0.0983  0.0006  6   ALA E CB    
454 N N     . NCY D 7 ? 0.5013 0.4422 0.4825 0.1219  0.1239  -0.0150 7   NCY E N     
455 C CA    . NCY D 7 ? 0.5111 0.4686 0.5163 0.1199  0.1530  -0.0259 7   NCY E CA    
456 C CB    . NCY D 7 ? 0.4857 0.5053 0.5686 0.1417  0.1470  -0.0248 7   NCY E CB    
457 S SG    . NCY D 7 ? 0.4918 0.5635 0.6058 0.1102  0.1227  -0.0203 7   NCY E SG    
458 C CN    . NCY D 7 ? 0.5248 0.4498 0.5102 0.1559  0.1126  -0.0060 7   NCY E CN    
459 C C     . NCY D 7 ? 0.5404 0.4441 0.5154 0.1362  0.1802  -0.0346 7   NCY E C     
460 O O     . NCY D 7 ? 0.5478 0.4578 0.5572 0.1676  0.1906  -0.0373 7   NCY E O     
461 N N     . MVA D 8 ? 0.5437 0.3852 0.4486 0.1130  0.1909  -0.0410 8   MVA E N     
462 C CN    . MVA D 8 ? 0.5288 0.3710 0.4004 0.0778  0.1758  -0.0373 8   MVA E CN    
463 C CA    . MVA D 8 ? 0.5970 0.3792 0.4759 0.1296  0.2157  -0.0527 8   MVA E CA    
464 C CB    . MVA D 8 ? 0.6373 0.3506 0.4524 0.1085  0.2134  -0.0540 8   MVA E CB    
465 C CG1   . MVA D 8 ? 0.6400 0.3418 0.4454 0.1064  0.1864  -0.0333 8   MVA E CG1   
466 C CG2   . MVA D 8 ? 0.6633 0.3482 0.4268 0.0738  0.2290  -0.0728 8   MVA E CG2   
467 C C     . MVA D 8 ? 0.6196 0.4081 0.4982 0.1269  0.2492  -0.0721 8   MVA E C     
468 O O     . MVA D 8 ? 0.6625 0.4392 0.5547 0.1475  0.2626  -0.0806 8   MVA E O     
472 N N1    . QUI H . ? 0.3628 0.3837 0.3326 0.0327  -0.0704 -0.0268 101 QUI D N1    
473 C C2    . QUI H . ? 0.3737 0.3830 0.3339 0.0186  -0.0646 -0.0183 101 QUI D C2    
474 C C3    . QUI H . ? 0.3598 0.3689 0.2960 0.0224  -0.0623 -0.0169 101 QUI D C3    
475 N N4    . QUI H . ? 0.3429 0.3620 0.2644 0.0384  -0.0613 -0.0233 101 QUI D N4    
476 C C5    . QUI H . ? 0.3337 0.3653 0.2281 0.0702  -0.0624 -0.0335 101 QUI D C5    
477 C C6    . QUI H . ? 0.3425 0.3776 0.2278 0.0869  -0.0705 -0.0379 101 QUI D C6    
478 C C7    . QUI H . ? 0.3434 0.3818 0.2560 0.0871  -0.0837 -0.0416 101 QUI D C7    
479 C C8    . QUI H . ? 0.3477 0.3844 0.2950 0.0684  -0.0830 -0.0392 101 QUI D C8    
480 C C9    . QUI H . ? 0.3489 0.3748 0.2945 0.0513  -0.0728 -0.0325 101 QUI D C9    
481 C C10   . QUI H . ? 0.3430 0.3674 0.2639 0.0532  -0.0655 -0.0302 101 QUI D C10   
482 C C     . QUI H . ? 0.4024 0.4026 0.3788 -0.0029 -0.0591 -0.0079 101 QUI D C     
483 O O1    . QUI H . ? 0.4254 0.4138 0.3855 -0.0148 -0.0552 0.0023  101 QUI D O1    
484 N N1    . QUI I . ? 0.4596 0.3639 0.5019 0.0725  -0.2428 -0.1693 102 QUI D N1    
485 C C2    . QUI I . ? 0.4704 0.3978 0.5022 0.0811  -0.2462 -0.1796 102 QUI D C2    
486 C C3    . QUI I . ? 0.4872 0.4241 0.4734 0.1096  -0.2399 -0.1914 102 QUI D C3    
487 N N4    . QUI I . ? 0.4871 0.4178 0.4470 0.1284  -0.2280 -0.1934 102 QUI D N4    
488 C C5    . QUI I . ? 0.4747 0.3858 0.4279 0.1439  -0.2160 -0.1896 102 QUI D C5    
489 C C6    . QUI I . ? 0.4751 0.3695 0.4483 0.1380  -0.2120 -0.1735 102 QUI D C6    
490 C C7    . QUI I . ? 0.4740 0.3464 0.4797 0.1096  -0.2179 -0.1531 102 QUI D C7    
491 C C8    . QUI I . ? 0.4645 0.3365 0.4902 0.0860  -0.2281 -0.1534 102 QUI D C8    
492 C C9    . QUI I . ? 0.4609 0.3555 0.4741 0.0937  -0.2352 -0.1723 102 QUI D C9    
493 C C10   . QUI I . ? 0.4722 0.3836 0.4479 0.1215  -0.2266 -0.1852 102 QUI D C10   
494 C C     . QUI I . ? 0.4721 0.4170 0.5448 0.0585  -0.2579 -0.1781 102 QUI D C     
495 O O1    . QUI I . ? 0.4889 0.4532 0.5533 0.0664  -0.2660 -0.1877 102 QUI D O1    
496 N N1    . QUI J . ? 0.6375 0.3485 0.3318 -0.0067 0.2125  -0.0828 101 QUI E N1    
497 C C2    . QUI J . ? 0.6473 0.3787 0.3296 -0.0219 0.2159  -0.0879 101 QUI E C2    
498 C C3    . QUI J . ? 0.6698 0.3882 0.3107 -0.0522 0.2019  -0.0927 101 QUI E C3    
499 N N4    . QUI J . ? 0.6748 0.3680 0.2953 -0.0701 0.1853  -0.0932 101 QUI E N4    
500 C C5    . QUI J . ? 0.6756 0.3219 0.2870 -0.0810 0.1724  -0.0881 101 QUI E C5    
501 C C6    . QUI J . ? 0.6731 0.2968 0.2944 -0.0703 0.1736  -0.0789 101 QUI E C6    
502 C C7    . QUI J . ? 0.6575 0.2884 0.3132 -0.0338 0.1808  -0.0672 101 QUI E C7    
503 C C8    . QUI J . ? 0.6429 0.3006 0.3203 -0.0110 0.1932  -0.0712 101 QUI E C8    
504 C C9    . QUI J . ? 0.6475 0.3260 0.3129 -0.0257 0.1984  -0.0821 101 QUI E C9    
505 C C10   . QUI J . ? 0.6638 0.3363 0.2967 -0.0583 0.1856  -0.0880 101 QUI E C10   
506 C C     . QUI J . ? 0.6432 0.4130 0.3601 -0.0033 0.2372  -0.0881 101 QUI E C     
507 O O1    . QUI J . ? 0.6642 0.4481 0.3667 -0.0143 0.2459  -0.0917 101 QUI E O1    
508 N N1    . QUI K . ? 0.4086 0.3711 0.2877 -0.0057 0.0429  -0.0019 102 QUI E N1    
509 C C2    . QUI K . ? 0.4050 0.3656 0.2802 0.0093  0.0363  -0.0014 102 QUI E C2    
510 C C3    . QUI K . ? 0.3888 0.3436 0.2408 0.0025  0.0318  0.0005  102 QUI E C3    
511 N N4    . QUI K . ? 0.3774 0.3311 0.2159 -0.0176 0.0301  0.0004  102 QUI E N4    
512 C C5    . QUI K . ? 0.3619 0.3118 0.1778 -0.0508 0.0264  0.0024  102 QUI E C5    
513 C C6    . QUI K . ? 0.3748 0.3187 0.1774 -0.0642 0.0292  0.0057  102 QUI E C6    
514 C C7    . QUI K . ? 0.3927 0.3357 0.2078 -0.0608 0.0436  0.0066  102 QUI E C7    
515 C C8    . QUI K . ? 0.3909 0.3429 0.2378 -0.0422 0.0494  0.0029  102 QUI E C8    
516 C C9    . QUI K . ? 0.3886 0.3428 0.2427 -0.0261 0.0417  -0.0001 102 QUI E C9    
517 C C10   . QUI K . ? 0.3820 0.3335 0.2184 -0.0312 0.0329  0.0004  102 QUI E C10   
518 C C     . QUI K . ? 0.4247 0.3955 0.3237 0.0342  0.0321  -0.0015 102 QUI E C     
519 O O1    . QUI K . ? 0.4369 0.4055 0.3263 0.0493  0.0241  0.0013  102 QUI E O1    
# 
